data_5UVS
# 
_entry.id   5UVS 
# 
_audit_conform.dict_name       mmcif_pdbx.dic 
_audit_conform.dict_version    5.389 
_audit_conform.dict_location   http://mmcif.pdb.org/dictionaries/ascii/mmcif_pdbx.dic 
# 
loop_
_database_2.database_id 
_database_2.database_code 
_database_2.pdbx_database_accession 
_database_2.pdbx_DOI 
PDB   5UVS         pdb_00005uvs 10.2210/pdb5uvs/pdb 
WWPDB D_1000224247 ?            ?                   
# 
loop_
_pdbx_audit_revision_history.ordinal 
_pdbx_audit_revision_history.data_content_type 
_pdbx_audit_revision_history.major_revision 
_pdbx_audit_revision_history.minor_revision 
_pdbx_audit_revision_history.revision_date 
1 'Structure model' 1 0 2017-06-21 
2 'Structure model' 1 1 2024-03-06 
3 'Structure model' 1 2 2024-04-03 
# 
_pdbx_audit_revision_details.ordinal             1 
_pdbx_audit_revision_details.revision_ordinal    1 
_pdbx_audit_revision_details.data_content_type   'Structure model' 
_pdbx_audit_revision_details.provider            repository 
_pdbx_audit_revision_details.type                'Initial release' 
_pdbx_audit_revision_details.description         ? 
_pdbx_audit_revision_details.details             ? 
# 
loop_
_pdbx_audit_revision_group.ordinal 
_pdbx_audit_revision_group.revision_ordinal 
_pdbx_audit_revision_group.data_content_type 
_pdbx_audit_revision_group.group 
1 2 'Structure model' 'Data collection'        
2 2 'Structure model' 'Database references'    
3 3 'Structure model' 'Refinement description' 
# 
loop_
_pdbx_audit_revision_category.ordinal 
_pdbx_audit_revision_category.revision_ordinal 
_pdbx_audit_revision_category.data_content_type 
_pdbx_audit_revision_category.category 
1 2 'Structure model' chem_comp_atom                
2 2 'Structure model' chem_comp_bond                
3 2 'Structure model' database_2                    
4 3 'Structure model' pdbx_initial_refinement_model 
# 
loop_
_pdbx_audit_revision_item.ordinal 
_pdbx_audit_revision_item.revision_ordinal 
_pdbx_audit_revision_item.data_content_type 
_pdbx_audit_revision_item.item 
1 2 'Structure model' '_database_2.pdbx_DOI'                
2 2 'Structure model' '_database_2.pdbx_database_accession' 
# 
_pdbx_database_status.status_code                     REL 
_pdbx_database_status.status_code_sf                  REL 
_pdbx_database_status.status_code_mr                  ? 
_pdbx_database_status.entry_id                        5UVS 
_pdbx_database_status.recvd_initial_deposition_date   2017-02-20 
_pdbx_database_status.SG_entry                        N 
_pdbx_database_status.deposit_site                    RCSB 
_pdbx_database_status.process_site                    RCSB 
_pdbx_database_status.status_code_cs                  ? 
_pdbx_database_status.methods_development_category    ? 
_pdbx_database_status.pdb_format_compatible           Y 
_pdbx_database_status.status_code_nmr_data            ? 
# 
loop_
_pdbx_database_related.content_type 
_pdbx_database_related.db_id 
_pdbx_database_related.db_name 
_pdbx_database_related.details 
unspecified 5UVU PDB . 
unspecified 5UVT PDB . 
unspecified 5UVV PDB . 
unspecified 5UVZ PDB . 
unspecified 5UVX PDB . 
unspecified 5UVY PDB . 
unspecified 5UVW PDB . 
# 
_audit_author.name               'Park, C.H.' 
_audit_author.pdbx_ordinal       1 
_audit_author.identifier_ORCID   ? 
# 
_citation.abstract                  ? 
_citation.abstract_id_CAS           ? 
_citation.book_id_ISBN              ? 
_citation.book_publisher            ? 
_citation.book_publisher_city       ? 
_citation.book_title                ? 
_citation.coordinate_linkage        ? 
_citation.country                   ? 
_citation.database_id_Medline       ? 
_citation.details                   ? 
_citation.id                        primary 
_citation.journal_abbrev            'To Be Published' 
_citation.journal_id_ASTM           ? 
_citation.journal_id_CSD            0353 
_citation.journal_id_ISSN           ? 
_citation.journal_full              ? 
_citation.journal_issue             ? 
_citation.journal_volume            ? 
_citation.language                  ? 
_citation.page_first                ? 
_citation.page_last                 ? 
_citation.title                     'Complex structure of BRD4_BD2_A-1406537' 
_citation.year                      ? 
_citation.database_id_CSD           ? 
_citation.pdbx_database_id_DOI      ? 
_citation.pdbx_database_id_PubMed   ? 
_citation.unpublished_flag          ? 
# 
_citation_author.citation_id        primary 
_citation_author.name               'Park, C.H.' 
_citation_author.ordinal            1 
_citation_author.identifier_ORCID   ? 
# 
loop_
_entity.id 
_entity.type 
_entity.src_method 
_entity.pdbx_description 
_entity.formula_weight 
_entity.pdbx_number_of_molecules 
_entity.pdbx_ec 
_entity.pdbx_mutation 
_entity.pdbx_fragment 
_entity.details 
1 polymer     man 'Bromodomain-containing protein 4'                                                                             
12806.933 1  ? ? 'residues 352-457' ? 
2 non-polymer syn '4-{2-[(cyclopropylmethyl)amino]-5-(ethylsulfonyl)phenyl}-6-methyl-1,6-dihydro-7H-pyrrolo[2,3-c]pyridin-7-one' 
385.480   1  ? ? ?                  ? 
3 water       nat water                                                                                                          
18.015    56 ? ? ?                  ? 
# 
_entity_name_com.entity_id   1 
_entity_name_com.name        'Protein HUNK1' 
# 
_entity_poly.entity_id                      1 
_entity_poly.type                           'polypeptide(L)' 
_entity_poly.nstd_linkage                   no 
_entity_poly.nstd_monomer                   no 
_entity_poly.pdbx_seq_one_letter_code       
;SHMEQLKCCSGILKEMFAKKHAAYAWPFYKPVDVEALGLHDYCDIIKHPMDMSTIKSKLEAREYRDAQEFGADVRLMFSN
CYKYNPPDHEVVAMARKLQDVFEMRFAKM
;
_entity_poly.pdbx_seq_one_letter_code_can   
;SHMEQLKCCSGILKEMFAKKHAAYAWPFYKPVDVEALGLHDYCDIIKHPMDMSTIKSKLEAREYRDAQEFGADVRLMFSN
CYKYNPPDHEVVAMARKLQDVFEMRFAKM
;
_entity_poly.pdbx_strand_id                 A 
_entity_poly.pdbx_target_identifier         ? 
# 
loop_
_pdbx_entity_nonpoly.entity_id 
_pdbx_entity_nonpoly.name 
_pdbx_entity_nonpoly.comp_id 
2 '4-{2-[(cyclopropylmethyl)amino]-5-(ethylsulfonyl)phenyl}-6-methyl-1,6-dihydro-7H-pyrrolo[2,3-c]pyridin-7-one' 8O1 
3 water                                                                                                          HOH 
# 
loop_
_entity_poly_seq.entity_id 
_entity_poly_seq.num 
_entity_poly_seq.mon_id 
_entity_poly_seq.hetero 
1 1   SER n 
1 2   HIS n 
1 3   MET n 
1 4   GLU n 
1 5   GLN n 
1 6   LEU n 
1 7   LYS n 
1 8   CYS n 
1 9   CYS n 
1 10  SER n 
1 11  GLY n 
1 12  ILE n 
1 13  LEU n 
1 14  LYS n 
1 15  GLU n 
1 16  MET n 
1 17  PHE n 
1 18  ALA n 
1 19  LYS n 
1 20  LYS n 
1 21  HIS n 
1 22  ALA n 
1 23  ALA n 
1 24  TYR n 
1 25  ALA n 
1 26  TRP n 
1 27  PRO n 
1 28  PHE n 
1 29  TYR n 
1 30  LYS n 
1 31  PRO n 
1 32  VAL n 
1 33  ASP n 
1 34  VAL n 
1 35  GLU n 
1 36  ALA n 
1 37  LEU n 
1 38  GLY n 
1 39  LEU n 
1 40  HIS n 
1 41  ASP n 
1 42  TYR n 
1 43  CYS n 
1 44  ASP n 
1 45  ILE n 
1 46  ILE n 
1 47  LYS n 
1 48  HIS n 
1 49  PRO n 
1 50  MET n 
1 51  ASP n 
1 52  MET n 
1 53  SER n 
1 54  THR n 
1 55  ILE n 
1 56  LYS n 
1 57  SER n 
1 58  LYS n 
1 59  LEU n 
1 60  GLU n 
1 61  ALA n 
1 62  ARG n 
1 63  GLU n 
1 64  TYR n 
1 65  ARG n 
1 66  ASP n 
1 67  ALA n 
1 68  GLN n 
1 69  GLU n 
1 70  PHE n 
1 71  GLY n 
1 72  ALA n 
1 73  ASP n 
1 74  VAL n 
1 75  ARG n 
1 76  LEU n 
1 77  MET n 
1 78  PHE n 
1 79  SER n 
1 80  ASN n 
1 81  CYS n 
1 82  TYR n 
1 83  LYS n 
1 84  TYR n 
1 85  ASN n 
1 86  PRO n 
1 87  PRO n 
1 88  ASP n 
1 89  HIS n 
1 90  GLU n 
1 91  VAL n 
1 92  VAL n 
1 93  ALA n 
1 94  MET n 
1 95  ALA n 
1 96  ARG n 
1 97  LYS n 
1 98  LEU n 
1 99  GLN n 
1 100 ASP n 
1 101 VAL n 
1 102 PHE n 
1 103 GLU n 
1 104 MET n 
1 105 ARG n 
1 106 PHE n 
1 107 ALA n 
1 108 LYS n 
1 109 MET n 
# 
_entity_src_gen.entity_id                          1 
_entity_src_gen.pdbx_src_id                        1 
_entity_src_gen.pdbx_alt_source_flag               sample 
_entity_src_gen.pdbx_seq_type                      'Biological sequence' 
_entity_src_gen.pdbx_beg_seq_num                   1 
_entity_src_gen.pdbx_end_seq_num                   109 
_entity_src_gen.gene_src_common_name               Human 
_entity_src_gen.gene_src_genus                     ? 
_entity_src_gen.pdbx_gene_src_gene                 'BRD4, HUNK1' 
_entity_src_gen.gene_src_species                   ? 
_entity_src_gen.gene_src_strain                    ? 
_entity_src_gen.gene_src_tissue                    ? 
_entity_src_gen.gene_src_tissue_fraction           ? 
_entity_src_gen.gene_src_details                   ? 
_entity_src_gen.pdbx_gene_src_fragment             ? 
_entity_src_gen.pdbx_gene_src_scientific_name      'Homo sapiens' 
_entity_src_gen.pdbx_gene_src_ncbi_taxonomy_id     9606 
_entity_src_gen.pdbx_gene_src_variant              ? 
_entity_src_gen.pdbx_gene_src_cell_line            ? 
_entity_src_gen.pdbx_gene_src_atcc                 ? 
_entity_src_gen.pdbx_gene_src_organ                ? 
_entity_src_gen.pdbx_gene_src_organelle            ? 
_entity_src_gen.pdbx_gene_src_cell                 ? 
_entity_src_gen.pdbx_gene_src_cellular_location    ? 
_entity_src_gen.host_org_common_name               ? 
_entity_src_gen.pdbx_host_org_scientific_name      'Enterobacteria phage L1' 
_entity_src_gen.pdbx_host_org_ncbi_taxonomy_id     268588 
_entity_src_gen.host_org_genus                     ? 
_entity_src_gen.pdbx_host_org_gene                 ? 
_entity_src_gen.pdbx_host_org_organ                ? 
_entity_src_gen.host_org_species                   ? 
_entity_src_gen.pdbx_host_org_tissue               ? 
_entity_src_gen.pdbx_host_org_tissue_fraction      ? 
_entity_src_gen.pdbx_host_org_strain               ? 
_entity_src_gen.pdbx_host_org_variant              ? 
_entity_src_gen.pdbx_host_org_cell_line            ? 
_entity_src_gen.pdbx_host_org_atcc                 ? 
_entity_src_gen.pdbx_host_org_culture_collection   ? 
_entity_src_gen.pdbx_host_org_cell                 ? 
_entity_src_gen.pdbx_host_org_organelle            ? 
_entity_src_gen.pdbx_host_org_cellular_location    ? 
_entity_src_gen.pdbx_host_org_vector_type          ? 
_entity_src_gen.pdbx_host_org_vector               ? 
_entity_src_gen.host_org_details                   ? 
_entity_src_gen.expression_system_id               ? 
_entity_src_gen.plasmid_name                       ? 
_entity_src_gen.plasmid_details                    ? 
_entity_src_gen.pdbx_description                   ? 
# 
loop_
_chem_comp.id 
_chem_comp.type 
_chem_comp.mon_nstd_flag 
_chem_comp.name 
_chem_comp.pdbx_synonyms 
_chem_comp.formula 
_chem_comp.formula_weight 
8O1 non-polymer         . 
'4-{2-[(cyclopropylmethyl)amino]-5-(ethylsulfonyl)phenyl}-6-methyl-1,6-dihydro-7H-pyrrolo[2,3-c]pyridin-7-one' ? 'C20 H23 N3 O3 S' 
385.480 
ALA 'L-peptide linking' y ALANINE ? 'C3 H7 N O2'      89.093  
ARG 'L-peptide linking' y ARGININE ? 'C6 H15 N4 O2 1'  175.209 
ASN 'L-peptide linking' y ASPARAGINE ? 'C4 H8 N2 O3'     132.118 
ASP 'L-peptide linking' y 'ASPARTIC ACID' ? 'C4 H7 N O4'      133.103 
CYS 'L-peptide linking' y CYSTEINE ? 'C3 H7 N O2 S'    121.158 
GLN 'L-peptide linking' y GLUTAMINE ? 'C5 H10 N2 O3'    146.144 
GLU 'L-peptide linking' y 'GLUTAMIC ACID' ? 'C5 H9 N O4'      147.129 
GLY 'peptide linking'   y GLYCINE ? 'C2 H5 N O2'      75.067  
HIS 'L-peptide linking' y HISTIDINE ? 'C6 H10 N3 O2 1'  156.162 
HOH non-polymer         . WATER ? 'H2 O'            18.015  
ILE 'L-peptide linking' y ISOLEUCINE ? 'C6 H13 N O2'     131.173 
LEU 'L-peptide linking' y LEUCINE ? 'C6 H13 N O2'     131.173 
LYS 'L-peptide linking' y LYSINE ? 'C6 H15 N2 O2 1'  147.195 
MET 'L-peptide linking' y METHIONINE ? 'C5 H11 N O2 S'   149.211 
PHE 'L-peptide linking' y PHENYLALANINE ? 'C9 H11 N O2'     165.189 
PRO 'L-peptide linking' y PROLINE ? 'C5 H9 N O2'      115.130 
SER 'L-peptide linking' y SERINE ? 'C3 H7 N O3'      105.093 
THR 'L-peptide linking' y THREONINE ? 'C4 H9 N O3'      119.119 
TRP 'L-peptide linking' y TRYPTOPHAN ? 'C11 H12 N2 O2'   204.225 
TYR 'L-peptide linking' y TYROSINE ? 'C9 H11 N O3'     181.189 
VAL 'L-peptide linking' y VALINE ? 'C5 H11 N O2'     117.146 
# 
loop_
_pdbx_poly_seq_scheme.asym_id 
_pdbx_poly_seq_scheme.entity_id 
_pdbx_poly_seq_scheme.seq_id 
_pdbx_poly_seq_scheme.mon_id 
_pdbx_poly_seq_scheme.ndb_seq_num 
_pdbx_poly_seq_scheme.pdb_seq_num 
_pdbx_poly_seq_scheme.auth_seq_num 
_pdbx_poly_seq_scheme.pdb_mon_id 
_pdbx_poly_seq_scheme.auth_mon_id 
_pdbx_poly_seq_scheme.pdb_strand_id 
_pdbx_poly_seq_scheme.pdb_ins_code 
_pdbx_poly_seq_scheme.hetero 
A 1 1   SER 1   349 349 SER SER A . n 
A 1 2   HIS 2   350 350 HIS HIS A . n 
A 1 3   MET 3   351 351 MET MET A . n 
A 1 4   GLU 4   352 352 GLU GLU A . n 
A 1 5   GLN 5   353 353 GLN GLN A . n 
A 1 6   LEU 6   354 354 LEU LEU A . n 
A 1 7   LYS 7   355 355 LYS LYS A . n 
A 1 8   CYS 8   356 356 CYS CYS A . n 
A 1 9   CYS 9   357 357 CYS CYS A . n 
A 1 10  SER 10  358 358 SER SER A . n 
A 1 11  GLY 11  359 359 GLY GLY A . n 
A 1 12  ILE 12  360 360 ILE ILE A . n 
A 1 13  LEU 13  361 361 LEU LEU A . n 
A 1 14  LYS 14  362 362 LYS LYS A . n 
A 1 15  GLU 15  363 363 GLU GLU A . n 
A 1 16  MET 16  364 364 MET MET A . n 
A 1 17  PHE 17  365 365 PHE PHE A . n 
A 1 18  ALA 18  366 366 ALA ALA A . n 
A 1 19  LYS 19  367 367 LYS LYS A . n 
A 1 20  LYS 20  368 368 LYS LYS A . n 
A 1 21  HIS 21  369 369 HIS HIS A . n 
A 1 22  ALA 22  370 370 ALA ALA A . n 
A 1 23  ALA 23  371 371 ALA ALA A . n 
A 1 24  TYR 24  372 372 TYR TYR A . n 
A 1 25  ALA 25  373 373 ALA ALA A . n 
A 1 26  TRP 26  374 374 TRP TRP A . n 
A 1 27  PRO 27  375 375 PRO PRO A . n 
A 1 28  PHE 28  376 376 PHE PHE A . n 
A 1 29  TYR 29  377 377 TYR TYR A . n 
A 1 30  LYS 30  378 378 LYS LYS A . n 
A 1 31  PRO 31  379 379 PRO PRO A . n 
A 1 32  VAL 32  380 380 VAL VAL A . n 
A 1 33  ASP 33  381 381 ASP ASP A . n 
A 1 34  VAL 34  382 382 VAL VAL A . n 
A 1 35  GLU 35  383 383 GLU GLU A . n 
A 1 36  ALA 36  384 384 ALA ALA A . n 
A 1 37  LEU 37  385 385 LEU LEU A . n 
A 1 38  GLY 38  386 386 GLY GLY A . n 
A 1 39  LEU 39  387 387 LEU LEU A . n 
A 1 40  HIS 40  388 388 HIS HIS A . n 
A 1 41  ASP 41  389 389 ASP ASP A . n 
A 1 42  TYR 42  390 390 TYR TYR A . n 
A 1 43  CYS 43  391 391 CYS CYS A . n 
A 1 44  ASP 44  392 392 ASP ASP A . n 
A 1 45  ILE 45  393 393 ILE ILE A . n 
A 1 46  ILE 46  394 394 ILE ILE A . n 
A 1 47  LYS 47  395 395 LYS LYS A . n 
A 1 48  HIS 48  396 396 HIS HIS A . n 
A 1 49  PRO 49  397 397 PRO PRO A . n 
A 1 50  MET 50  398 398 MET MET A . n 
A 1 51  ASP 51  399 399 ASP ASP A . n 
A 1 52  MET 52  400 400 MET MET A . n 
A 1 53  SER 53  401 401 SER SER A . n 
A 1 54  THR 54  402 402 THR THR A . n 
A 1 55  ILE 55  403 403 ILE ILE A . n 
A 1 56  LYS 56  404 404 LYS LYS A . n 
A 1 57  SER 57  405 405 SER SER A . n 
A 1 58  LYS 58  406 406 LYS LYS A . n 
A 1 59  LEU 59  407 407 LEU LEU A . n 
A 1 60  GLU 60  408 408 GLU GLU A . n 
A 1 61  ALA 61  409 409 ALA ALA A . n 
A 1 62  ARG 62  410 410 ARG ARG A . n 
A 1 63  GLU 63  411 411 GLU GLU A . n 
A 1 64  TYR 64  412 412 TYR TYR A . n 
A 1 65  ARG 65  413 413 ARG ARG A . n 
A 1 66  ASP 66  414 414 ASP ASP A . n 
A 1 67  ALA 67  415 415 ALA ALA A . n 
A 1 68  GLN 68  416 416 GLN GLN A . n 
A 1 69  GLU 69  417 417 GLU GLU A . n 
A 1 70  PHE 70  418 418 PHE PHE A . n 
A 1 71  GLY 71  419 419 GLY GLY A . n 
A 1 72  ALA 72  420 420 ALA ALA A . n 
A 1 73  ASP 73  421 421 ASP ASP A . n 
A 1 74  VAL 74  422 422 VAL VAL A . n 
A 1 75  ARG 75  423 423 ARG ARG A . n 
A 1 76  LEU 76  424 424 LEU LEU A . n 
A 1 77  MET 77  425 425 MET MET A . n 
A 1 78  PHE 78  426 426 PHE PHE A . n 
A 1 79  SER 79  427 427 SER SER A . n 
A 1 80  ASN 80  428 428 ASN ASN A . n 
A 1 81  CYS 81  429 429 CYS CYS A . n 
A 1 82  TYR 82  430 430 TYR TYR A . n 
A 1 83  LYS 83  431 431 LYS LYS A . n 
A 1 84  TYR 84  432 432 TYR TYR A . n 
A 1 85  ASN 85  433 433 ASN ASN A . n 
A 1 86  PRO 86  434 434 PRO PRO A . n 
A 1 87  PRO 87  435 435 PRO PRO A . n 
A 1 88  ASP 88  436 436 ASP ASP A . n 
A 1 89  HIS 89  437 437 HIS HIS A . n 
A 1 90  GLU 90  438 438 GLU GLU A . n 
A 1 91  VAL 91  439 439 VAL VAL A . n 
A 1 92  VAL 92  440 440 VAL VAL A . n 
A 1 93  ALA 93  441 441 ALA ALA A . n 
A 1 94  MET 94  442 442 MET MET A . n 
A 1 95  ALA 95  443 443 ALA ALA A . n 
A 1 96  ARG 96  444 444 ARG ARG A . n 
A 1 97  LYS 97  445 445 LYS LYS A . n 
A 1 98  LEU 98  446 446 LEU LEU A . n 
A 1 99  GLN 99  447 447 GLN GLN A . n 
A 1 100 ASP 100 448 448 ASP ASP A . n 
A 1 101 VAL 101 449 449 VAL VAL A . n 
A 1 102 PHE 102 450 450 PHE PHE A . n 
A 1 103 GLU 103 451 451 GLU GLU A . n 
A 1 104 MET 104 452 452 MET MET A . n 
A 1 105 ARG 105 453 453 ARG ARG A . n 
A 1 106 PHE 106 454 454 PHE PHE A . n 
A 1 107 ALA 107 455 455 ALA ALA A . n 
A 1 108 LYS 108 456 456 LYS LYS A . n 
A 1 109 MET 109 457 457 MET MET A . n 
# 
loop_
_pdbx_nonpoly_scheme.asym_id 
_pdbx_nonpoly_scheme.entity_id 
_pdbx_nonpoly_scheme.mon_id 
_pdbx_nonpoly_scheme.ndb_seq_num 
_pdbx_nonpoly_scheme.pdb_seq_num 
_pdbx_nonpoly_scheme.auth_seq_num 
_pdbx_nonpoly_scheme.pdb_mon_id 
_pdbx_nonpoly_scheme.auth_mon_id 
_pdbx_nonpoly_scheme.pdb_strand_id 
_pdbx_nonpoly_scheme.pdb_ins_code 
B 2 8O1 1  501 1  8O1 LIG A . 
C 3 HOH 1  601 56 HOH HOH A . 
C 3 HOH 2  602 26 HOH HOH A . 
C 3 HOH 3  603 33 HOH HOH A . 
C 3 HOH 4  604 47 HOH HOH A . 
C 3 HOH 5  605 39 HOH HOH A . 
C 3 HOH 6  606 27 HOH HOH A . 
C 3 HOH 7  607 17 HOH HOH A . 
C 3 HOH 8  608 1  HOH HOH A . 
C 3 HOH 9  609 34 HOH HOH A . 
C 3 HOH 10 610 7  HOH HOH A . 
C 3 HOH 11 611 45 HOH HOH A . 
C 3 HOH 12 612 9  HOH HOH A . 
C 3 HOH 13 613 49 HOH HOH A . 
C 3 HOH 14 614 36 HOH HOH A . 
C 3 HOH 15 615 52 HOH HOH A . 
C 3 HOH 16 616 8  HOH HOH A . 
C 3 HOH 17 617 54 HOH HOH A . 
C 3 HOH 18 618 12 HOH HOH A . 
C 3 HOH 19 619 3  HOH HOH A . 
C 3 HOH 20 620 11 HOH HOH A . 
C 3 HOH 21 621 6  HOH HOH A . 
C 3 HOH 22 622 35 HOH HOH A . 
C 3 HOH 23 623 2  HOH HOH A . 
C 3 HOH 24 624 5  HOH HOH A . 
C 3 HOH 25 625 21 HOH HOH A . 
C 3 HOH 26 626 28 HOH HOH A . 
C 3 HOH 27 627 55 HOH HOH A . 
C 3 HOH 28 628 10 HOH HOH A . 
C 3 HOH 29 629 43 HOH HOH A . 
C 3 HOH 30 630 44 HOH HOH A . 
C 3 HOH 31 631 32 HOH HOH A . 
C 3 HOH 32 632 42 HOH HOH A . 
C 3 HOH 33 633 16 HOH HOH A . 
C 3 HOH 34 634 19 HOH HOH A . 
C 3 HOH 35 635 23 HOH HOH A . 
C 3 HOH 36 636 48 HOH HOH A . 
C 3 HOH 37 637 31 HOH HOH A . 
C 3 HOH 38 638 20 HOH HOH A . 
C 3 HOH 39 639 13 HOH HOH A . 
C 3 HOH 40 640 37 HOH HOH A . 
C 3 HOH 41 641 22 HOH HOH A . 
C 3 HOH 42 642 4  HOH HOH A . 
C 3 HOH 43 643 46 HOH HOH A . 
C 3 HOH 44 644 51 HOH HOH A . 
C 3 HOH 45 645 53 HOH HOH A . 
C 3 HOH 46 646 15 HOH HOH A . 
C 3 HOH 47 647 18 HOH HOH A . 
C 3 HOH 48 648 24 HOH HOH A . 
C 3 HOH 49 649 50 HOH HOH A . 
C 3 HOH 50 650 30 HOH HOH A . 
C 3 HOH 51 651 38 HOH HOH A . 
C 3 HOH 52 652 40 HOH HOH A . 
C 3 HOH 53 653 29 HOH HOH A . 
C 3 HOH 54 654 14 HOH HOH A . 
C 3 HOH 55 655 25 HOH HOH A . 
C 3 HOH 56 656 41 HOH HOH A . 
# 
loop_
_software.citation_id 
_software.classification 
_software.compiler_name 
_software.compiler_version 
_software.contact_author 
_software.contact_author_email 
_software.date 
_software.description 
_software.dependencies 
_software.hardware 
_software.language 
_software.location 
_software.mods 
_software.name 
_software.os 
_software.os_version 
_software.type 
_software.version 
_software.pdbx_ordinal 
? 'data reduction' ? ? ? ? ? ? ? ? ? ? ? XDS    ? ? ? 2.11.7 1 
? 'data scaling'   ? ? ? ? ? ? ? ? ? ? ? SCALA  ? ? ? .      2 
? 'model building' ? ? ? ? ? ? ? ? ? ? ? Coot   ? ? ? .      3 
? refinement       ? ? ? ? ? ? ? ? ? ? ? BUSTER ? ? ? 2.11.7 4 
# 
_cell.angle_alpha                  90.00 
_cell.angle_alpha_esd              ? 
_cell.angle_beta                   90.00 
_cell.angle_beta_esd               ? 
_cell.angle_gamma                  90.00 
_cell.angle_gamma_esd              ? 
_cell.entry_id                     5UVS 
_cell.details                      ? 
_cell.formula_units_Z              ? 
_cell.length_a                     56.926 
_cell.length_a_esd                 ? 
_cell.length_b                     73.535 
_cell.length_b_esd                 ? 
_cell.length_c                     33.617 
_cell.length_c_esd                 ? 
_cell.volume                       ? 
_cell.volume_esd                   ? 
_cell.Z_PDB                        4 
_cell.reciprocal_angle_alpha       ? 
_cell.reciprocal_angle_beta        ? 
_cell.reciprocal_angle_gamma       ? 
_cell.reciprocal_angle_alpha_esd   ? 
_cell.reciprocal_angle_beta_esd    ? 
_cell.reciprocal_angle_gamma_esd   ? 
_cell.reciprocal_length_a          ? 
_cell.reciprocal_length_b          ? 
_cell.reciprocal_length_c          ? 
_cell.reciprocal_length_a_esd      ? 
_cell.reciprocal_length_b_esd      ? 
_cell.reciprocal_length_c_esd      ? 
_cell.pdbx_unique_axis             ? 
# 
_symmetry.entry_id                         5UVS 
_symmetry.cell_setting                     ? 
_symmetry.Int_Tables_number                18 
_symmetry.space_group_name_Hall            ? 
_symmetry.space_group_name_H-M             'P 21 21 2' 
_symmetry.pdbx_full_space_group_name_H-M   ? 
# 
_exptl.absorpt_coefficient_mu     ? 
_exptl.absorpt_correction_T_max   ? 
_exptl.absorpt_correction_T_min   ? 
_exptl.absorpt_correction_type    ? 
_exptl.absorpt_process_details    ? 
_exptl.entry_id                   5UVS 
_exptl.crystals_number            1 
_exptl.details                    ? 
_exptl.method                     'X-RAY DIFFRACTION' 
_exptl.method_details             ? 
# 
_exptl_crystal.colour                      ? 
_exptl_crystal.density_diffrn              ? 
_exptl_crystal.density_Matthews            2.75 
_exptl_crystal.density_method              ? 
_exptl_crystal.density_percent_sol         55.22 
_exptl_crystal.description                 ? 
_exptl_crystal.F_000                       ? 
_exptl_crystal.id                          1 
_exptl_crystal.preparation                 ? 
_exptl_crystal.size_max                    ? 
_exptl_crystal.size_mid                    ? 
_exptl_crystal.size_min                    ? 
_exptl_crystal.size_rad                    ? 
_exptl_crystal.colour_lustre               ? 
_exptl_crystal.colour_modifier             ? 
_exptl_crystal.colour_primary              ? 
_exptl_crystal.density_meas                ? 
_exptl_crystal.density_meas_esd            ? 
_exptl_crystal.density_meas_gt             ? 
_exptl_crystal.density_meas_lt             ? 
_exptl_crystal.density_meas_temp           ? 
_exptl_crystal.density_meas_temp_esd       ? 
_exptl_crystal.density_meas_temp_gt        ? 
_exptl_crystal.density_meas_temp_lt        ? 
_exptl_crystal.pdbx_crystal_image_url      ? 
_exptl_crystal.pdbx_crystal_image_format   ? 
_exptl_crystal.pdbx_mosaicity              ? 
_exptl_crystal.pdbx_mosaicity_esd          ? 
# 
_exptl_crystal_grow.apparatus       ? 
_exptl_crystal_grow.atmosphere      ? 
_exptl_crystal_grow.crystal_id      1 
_exptl_crystal_grow.details         ? 
_exptl_crystal_grow.method          'VAPOR DIFFUSION' 
_exptl_crystal_grow.method_ref      ? 
_exptl_crystal_grow.pH              ? 
_exptl_crystal_grow.pressure        ? 
_exptl_crystal_grow.pressure_esd    ? 
_exptl_crystal_grow.seeding         ? 
_exptl_crystal_grow.seeding_ref     ? 
_exptl_crystal_grow.temp            277 
_exptl_crystal_grow.temp_details    ? 
_exptl_crystal_grow.temp_esd        ? 
_exptl_crystal_grow.time            ? 
_exptl_crystal_grow.pdbx_details    
;Protein Buffer :
10 mM HEPES PH 7.5
100 mM NaCl  5mM DTT
Crystallization :
15 % (v/v) Ethanol   Tris PH 7.0
;
_exptl_crystal_grow.pdbx_pH_range   ? 
# 
_diffrn.ambient_environment    ? 
_diffrn.ambient_temp           100 
_diffrn.ambient_temp_details   ? 
_diffrn.ambient_temp_esd       ? 
_diffrn.crystal_id             1 
_diffrn.crystal_support        ? 
_diffrn.crystal_treatment      ? 
_diffrn.details                ? 
_diffrn.id                     1 
_diffrn.ambient_pressure       ? 
_diffrn.ambient_pressure_esd   ? 
_diffrn.ambient_pressure_gt    ? 
_diffrn.ambient_pressure_lt    ? 
_diffrn.ambient_temp_gt        ? 
_diffrn.ambient_temp_lt        ? 
# 
_diffrn_detector.details                      ? 
_diffrn_detector.detector                     PIXEL 
_diffrn_detector.diffrn_id                    1 
_diffrn_detector.type                         'DECTRIS PILATUS3 S 6M' 
_diffrn_detector.area_resol_mean              ? 
_diffrn_detector.dtime                        ? 
_diffrn_detector.pdbx_frames_total            ? 
_diffrn_detector.pdbx_collection_time_total   ? 
_diffrn_detector.pdbx_collection_date         2012-02-29 
# 
_diffrn_radiation.collimation                      ? 
_diffrn_radiation.diffrn_id                        1 
_diffrn_radiation.filter_edge                      ? 
_diffrn_radiation.inhomogeneity                    ? 
_diffrn_radiation.monochromator                    ? 
_diffrn_radiation.polarisn_norm                    ? 
_diffrn_radiation.polarisn_ratio                   ? 
_diffrn_radiation.probe                            ? 
_diffrn_radiation.type                             ? 
_diffrn_radiation.xray_symbol                      ? 
_diffrn_radiation.wavelength_id                    1 
_diffrn_radiation.pdbx_monochromatic_or_laue_m_l   M 
_diffrn_radiation.pdbx_wavelength_list             ? 
_diffrn_radiation.pdbx_wavelength                  ? 
_diffrn_radiation.pdbx_diffrn_protocol             'SINGLE WAVELENGTH' 
_diffrn_radiation.pdbx_analyzer                    ? 
_diffrn_radiation.pdbx_scattering_type             x-ray 
# 
_diffrn_radiation_wavelength.id           1 
_diffrn_radiation_wavelength.wavelength   1.0 
_diffrn_radiation_wavelength.wt           1.0 
# 
_diffrn_source.current                     ? 
_diffrn_source.details                     ? 
_diffrn_source.diffrn_id                   1 
_diffrn_source.power                       ? 
_diffrn_source.size                        ? 
_diffrn_source.source                      SYNCHROTRON 
_diffrn_source.target                      ? 
_diffrn_source.type                        'APS BEAMLINE 17-ID' 
_diffrn_source.voltage                     ? 
_diffrn_source.take-off_angle              ? 
_diffrn_source.pdbx_wavelength_list        1.0 
_diffrn_source.pdbx_wavelength             ? 
_diffrn_source.pdbx_synchrotron_beamline   17-ID 
_diffrn_source.pdbx_synchrotron_site       APS 
# 
_reflns.B_iso_Wilson_estimate            45.92 
_reflns.entry_id                         5UVS 
_reflns.data_reduction_details           ? 
_reflns.data_reduction_method            ? 
_reflns.d_resolution_high                2.15 
_reflns.d_resolution_low                 36.8 
_reflns.details                          ? 
_reflns.limit_h_max                      ? 
_reflns.limit_h_min                      ? 
_reflns.limit_k_max                      ? 
_reflns.limit_k_min                      ? 
_reflns.limit_l_max                      ? 
_reflns.limit_l_min                      ? 
_reflns.number_all                       ? 
_reflns.number_obs                       8099 
_reflns.observed_criterion               ? 
_reflns.observed_criterion_F_max         ? 
_reflns.observed_criterion_F_min         ? 
_reflns.observed_criterion_I_max         ? 
_reflns.observed_criterion_I_min         ? 
_reflns.observed_criterion_sigma_F       ? 
_reflns.observed_criterion_sigma_I       ? 
_reflns.percent_possible_obs             100 
_reflns.R_free_details                   ? 
_reflns.Rmerge_F_all                     ? 
_reflns.Rmerge_F_obs                     ? 
_reflns.Friedel_coverage                 ? 
_reflns.number_gt                        ? 
_reflns.threshold_expression             ? 
_reflns.pdbx_redundancy                  6.1 
_reflns.pdbx_Rmerge_I_obs                0.085 
_reflns.pdbx_Rmerge_I_all                ? 
_reflns.pdbx_Rsym_value                  0.085 
_reflns.pdbx_netI_over_av_sigmaI         ? 
_reflns.pdbx_netI_over_sigmaI            14.4 
_reflns.pdbx_res_netI_over_av_sigmaI_2   ? 
_reflns.pdbx_res_netI_over_sigmaI_2      ? 
_reflns.pdbx_chi_squared                 ? 
_reflns.pdbx_scaling_rejects             ? 
_reflns.pdbx_d_res_high_opt              ? 
_reflns.pdbx_d_res_low_opt               ? 
_reflns.pdbx_d_res_opt_method            ? 
_reflns.phase_calculation_details        ? 
_reflns.pdbx_Rrim_I_all                  ? 
_reflns.pdbx_Rpim_I_all                  ? 
_reflns.pdbx_d_opt                       ? 
_reflns.pdbx_number_measured_all         ? 
_reflns.pdbx_diffrn_id                   1 
_reflns.pdbx_ordinal                     1 
_reflns.pdbx_CC_half                     ? 
_reflns.pdbx_R_split                     ? 
# 
_reflns_shell.d_res_high                  . 
_reflns_shell.d_res_low                   ? 
_reflns_shell.meanI_over_sigI_all         ? 
_reflns_shell.meanI_over_sigI_obs         ? 
_reflns_shell.number_measured_all         ? 
_reflns_shell.number_measured_obs         ? 
_reflns_shell.number_possible             ? 
_reflns_shell.number_unique_all           ? 
_reflns_shell.number_unique_obs           ? 
_reflns_shell.percent_possible_all        ? 
_reflns_shell.percent_possible_obs        ? 
_reflns_shell.Rmerge_F_all                ? 
_reflns_shell.Rmerge_F_obs                ? 
_reflns_shell.Rmerge_I_all                ? 
_reflns_shell.Rmerge_I_obs                ? 
_reflns_shell.meanI_over_sigI_gt          ? 
_reflns_shell.meanI_over_uI_all           ? 
_reflns_shell.meanI_over_uI_gt            ? 
_reflns_shell.number_measured_gt          ? 
_reflns_shell.number_unique_gt            ? 
_reflns_shell.percent_possible_gt         ? 
_reflns_shell.Rmerge_F_gt                 ? 
_reflns_shell.Rmerge_I_gt                 ? 
_reflns_shell.pdbx_redundancy             ? 
_reflns_shell.pdbx_Rsym_value             ? 
_reflns_shell.pdbx_chi_squared            ? 
_reflns_shell.pdbx_netI_over_sigmaI_all   ? 
_reflns_shell.pdbx_netI_over_sigmaI_obs   ? 
_reflns_shell.pdbx_Rrim_I_all             ? 
_reflns_shell.pdbx_Rpim_I_all             ? 
_reflns_shell.pdbx_rejects                ? 
_reflns_shell.pdbx_ordinal                1 
_reflns_shell.pdbx_diffrn_id              1 
_reflns_shell.pdbx_CC_half                ? 
_reflns_shell.pdbx_R_split                ? 
# 
_refine.aniso_B[1][1]                            -26.78540 
_refine.aniso_B[1][2]                            0.00000 
_refine.aniso_B[1][3]                            0.00000 
_refine.aniso_B[2][2]                            16.56200 
_refine.aniso_B[2][3]                            0.00000 
_refine.aniso_B[3][3]                            10.22340 
_refine.B_iso_max                                ? 
_refine.B_iso_mean                               53.32 
_refine.B_iso_min                                ? 
_refine.correlation_coeff_Fo_to_Fc               0.901 
_refine.correlation_coeff_Fo_to_Fc_free          0.885 
_refine.details                                  ? 
_refine.diff_density_max                         ? 
_refine.diff_density_max_esd                     ? 
_refine.diff_density_min                         ? 
_refine.diff_density_min_esd                     ? 
_refine.diff_density_rms                         ? 
_refine.diff_density_rms_esd                     ? 
_refine.entry_id                                 5UVS 
_refine.pdbx_refine_id                           'X-RAY DIFFRACTION' 
_refine.ls_abs_structure_details                 ? 
_refine.ls_abs_structure_Flack                   ? 
_refine.ls_abs_structure_Flack_esd               ? 
_refine.ls_abs_structure_Rogers                  ? 
_refine.ls_abs_structure_Rogers_esd              ? 
_refine.ls_d_res_high                            2.15 
_refine.ls_d_res_low                             36.77 
_refine.ls_extinction_coef                       ? 
_refine.ls_extinction_coef_esd                   ? 
_refine.ls_extinction_expression                 ? 
_refine.ls_extinction_method                     ? 
_refine.ls_goodness_of_fit_all                   ? 
_refine.ls_goodness_of_fit_all_esd               ? 
_refine.ls_goodness_of_fit_obs                   ? 
_refine.ls_goodness_of_fit_obs_esd               ? 
_refine.ls_hydrogen_treatment                    ? 
_refine.ls_matrix_type                           ? 
_refine.ls_number_constraints                    ? 
_refine.ls_number_parameters                     ? 
_refine.ls_number_reflns_all                     ? 
_refine.ls_number_reflns_obs                     8071 
_refine.ls_number_reflns_R_free                  372 
_refine.ls_number_reflns_R_work                  ? 
_refine.ls_number_restraints                     ? 
_refine.ls_percent_reflns_obs                    99.3 
_refine.ls_percent_reflns_R_free                 4.610 
_refine.ls_R_factor_all                          ? 
_refine.ls_R_factor_obs                          0.209 
_refine.ls_R_factor_R_free                       0.247 
_refine.ls_R_factor_R_free_error                 0.02 
_refine.ls_R_factor_R_free_error_details         ? 
_refine.ls_R_factor_R_work                       0.207 
_refine.ls_R_Fsqd_factor_obs                     ? 
_refine.ls_R_I_factor_obs                        ? 
_refine.ls_redundancy_reflns_all                 ? 
_refine.ls_redundancy_reflns_obs                 ? 
_refine.ls_restrained_S_all                      ? 
_refine.ls_restrained_S_obs                      ? 
_refine.ls_shift_over_esd_max                    ? 
_refine.ls_shift_over_esd_mean                   ? 
_refine.ls_structure_factor_coef                 ? 
_refine.ls_weighting_details                     ? 
_refine.ls_weighting_scheme                      ? 
_refine.ls_wR_factor_all                         ? 
_refine.ls_wR_factor_obs                         ? 
_refine.ls_wR_factor_R_free                      ? 
_refine.ls_wR_factor_R_work                      ? 
_refine.occupancy_max                            ? 
_refine.occupancy_min                            ? 
_refine.solvent_model_details                    ? 
_refine.solvent_model_param_bsol                 ? 
_refine.solvent_model_param_ksol                 ? 
_refine.ls_R_factor_gt                           ? 
_refine.ls_goodness_of_fit_gt                    ? 
_refine.ls_goodness_of_fit_ref                   ? 
_refine.ls_shift_over_su_max                     ? 
_refine.ls_shift_over_su_max_lt                  ? 
_refine.ls_shift_over_su_mean                    ? 
_refine.ls_shift_over_su_mean_lt                 ? 
_refine.pdbx_ls_sigma_I                          ? 
_refine.pdbx_ls_sigma_F                          0.000 
_refine.pdbx_ls_sigma_Fsqd                       ? 
_refine.pdbx_data_cutoff_high_absF               ? 
_refine.pdbx_data_cutoff_high_rms_absF           ? 
_refine.pdbx_data_cutoff_low_absF                ? 
_refine.pdbx_isotropic_thermal_model             ? 
_refine.pdbx_ls_cross_valid_method               THROUGHOUT 
_refine.pdbx_method_to_determine_struct          'MOLECULAR REPLACEMENT' 
_refine.pdbx_starting_model                      Apo-BRD4_BD2 
_refine.pdbx_stereochemistry_target_values       ? 
_refine.pdbx_R_Free_selection_details            RANDOM 
_refine.pdbx_stereochem_target_val_spec_case     ? 
_refine.pdbx_overall_ESU_R                       ? 
_refine.pdbx_overall_ESU_R_Free                  ? 
_refine.pdbx_solvent_vdw_probe_radii             ? 
_refine.pdbx_solvent_ion_probe_radii             ? 
_refine.pdbx_solvent_shrinkage_radii             ? 
_refine.pdbx_real_space_R                        ? 
_refine.pdbx_density_correlation                 ? 
_refine.pdbx_pd_number_of_powder_patterns        ? 
_refine.pdbx_pd_number_of_points                 ? 
_refine.pdbx_pd_meas_number_of_points            ? 
_refine.pdbx_pd_proc_ls_prof_R_factor            ? 
_refine.pdbx_pd_proc_ls_prof_wR_factor           ? 
_refine.pdbx_pd_Marquardt_correlation_coeff      ? 
_refine.pdbx_pd_Fsqrd_R_factor                   ? 
_refine.pdbx_pd_ls_matrix_band_width             ? 
_refine.pdbx_overall_phase_error                 ? 
_refine.pdbx_overall_SU_R_free_Cruickshank_DPI   0.184 
_refine.pdbx_overall_SU_R_free_Blow_DPI          0.190 
_refine.pdbx_overall_SU_R_Blow_DPI               0.233 
_refine.pdbx_TLS_residual_ADP_flag               ? 
_refine.pdbx_diffrn_id                           1 
_refine.overall_SU_B                             ? 
_refine.overall_SU_ML                            ? 
_refine.overall_SU_R_Cruickshank_DPI             0.216 
_refine.overall_SU_R_free                        ? 
_refine.overall_FOM_free_R_set                   ? 
_refine.overall_FOM_work_R_set                   ? 
_refine.pdbx_average_fsc_overall                 ? 
_refine.pdbx_average_fsc_work                    ? 
_refine.pdbx_average_fsc_free                    ? 
# 
_refine_analyze.entry_id                        5UVS 
_refine_analyze.pdbx_refine_id                  'X-RAY DIFFRACTION' 
_refine_analyze.Luzzati_coordinate_error_free   ? 
_refine_analyze.Luzzati_coordinate_error_obs    0.34 
_refine_analyze.Luzzati_d_res_low_free          ? 
_refine_analyze.Luzzati_d_res_low_obs           ? 
_refine_analyze.Luzzati_sigma_a_free            ? 
_refine_analyze.Luzzati_sigma_a_free_details    ? 
_refine_analyze.Luzzati_sigma_a_obs             ? 
_refine_analyze.Luzzati_sigma_a_obs_details     ? 
_refine_analyze.number_disordered_residues      ? 
_refine_analyze.occupancy_sum_hydrogen          ? 
_refine_analyze.occupancy_sum_non_hydrogen      ? 
_refine_analyze.RG_d_res_high                   ? 
_refine_analyze.RG_d_res_low                    ? 
_refine_analyze.RG_free                         ? 
_refine_analyze.RG_work                         ? 
_refine_analyze.RG_free_work_ratio              ? 
_refine_analyze.pdbx_Luzzati_d_res_high_obs     ? 
# 
_refine_hist.pdbx_refine_id                   'X-RAY DIFFRACTION' 
_refine_hist.cycle_id                         1 
_refine_hist.pdbx_number_atoms_protein        892 
_refine_hist.pdbx_number_atoms_nucleic_acid   0 
_refine_hist.pdbx_number_atoms_ligand         27 
_refine_hist.number_atoms_solvent             54 
_refine_hist.number_atoms_total               973 
_refine_hist.d_res_high                       2.15 
_refine_hist.d_res_low                        36.77 
# 
loop_
_refine_ls_restr.pdbx_refine_id 
_refine_ls_restr.criterion 
_refine_ls_restr.dev_ideal 
_refine_ls_restr.dev_ideal_target 
_refine_ls_restr.number 
_refine_ls_restr.rejects 
_refine_ls_restr.type 
_refine_ls_restr.weight 
_refine_ls_restr.pdbx_restraint_function 
'X-RAY DIFFRACTION' ? 0.010 ? 968  ? t_bond_d                  2.00  HARMONIC     
'X-RAY DIFFRACTION' ? 1.00  ? 1323 ? t_angle_deg               2.00  HARMONIC     
'X-RAY DIFFRACTION' ? ?     ? 334  ? t_dihedral_angle_d        2.00  SINUSOIDAL   
'X-RAY DIFFRACTION' ? ?     ? ?    ? t_incorr_chiral_ct        ?     ?            
'X-RAY DIFFRACTION' ? ?     ? ?    ? t_pseud_angle             ?     ?            
'X-RAY DIFFRACTION' ? ?     ? 21   ? t_trig_c_planes           2.00  HARMONIC     
'X-RAY DIFFRACTION' ? ?     ? 145  ? t_gen_planes              5.00  HARMONIC     
'X-RAY DIFFRACTION' ? ?     ? 968  ? t_it                      20.00 HARMONIC     
'X-RAY DIFFRACTION' ? ?     ? ?    ? t_nbd                     ?     ?            
'X-RAY DIFFRACTION' ? 3.03  ? ?    ? t_omega_torsion           ?     ?            
'X-RAY DIFFRACTION' ? 17.48 ? ?    ? t_other_torsion           ?     ?            
'X-RAY DIFFRACTION' ? ?     ? ?    ? t_improper_torsion        ?     ?            
'X-RAY DIFFRACTION' ? ?     ? 111  ? t_chiral_improper_torsion 5.00  SEMIHARMONIC 
'X-RAY DIFFRACTION' ? ?     ? ?    ? t_sum_occupancies         ?     ?            
'X-RAY DIFFRACTION' ? ?     ? ?    ? t_utility_distance        ?     ?            
'X-RAY DIFFRACTION' ? ?     ? ?    ? t_utility_angle           ?     ?            
'X-RAY DIFFRACTION' ? ?     ? ?    ? t_utility_torsion         ?     ?            
'X-RAY DIFFRACTION' ? ?     ? 1110 ? t_ideal_dist_contact      4.00  SEMIHARMONIC 
# 
_refine_ls_shell.pdbx_refine_id                   'X-RAY DIFFRACTION' 
_refine_ls_shell.d_res_high                       2.15 
_refine_ls_shell.d_res_low                        2.40 
_refine_ls_shell.number_reflns_all                2216 
_refine_ls_shell.number_reflns_obs                ? 
_refine_ls_shell.number_reflns_R_free             ? 
_refine_ls_shell.number_reflns_R_work             2125 
_refine_ls_shell.percent_reflns_obs               98.40 
_refine_ls_shell.percent_reflns_R_free            4.11 
_refine_ls_shell.R_factor_all                     0.243 
_refine_ls_shell.R_factor_obs                     ? 
_refine_ls_shell.R_factor_R_free                  0.307 
_refine_ls_shell.R_factor_R_free_error            0.000 
_refine_ls_shell.R_factor_R_work                  0.240 
_refine_ls_shell.redundancy_reflns_all            ? 
_refine_ls_shell.redundancy_reflns_obs            ? 
_refine_ls_shell.wR_factor_all                    ? 
_refine_ls_shell.wR_factor_obs                    ? 
_refine_ls_shell.wR_factor_R_free                 ? 
_refine_ls_shell.wR_factor_R_work                 ? 
_refine_ls_shell.pdbx_total_number_of_bins_used   5 
_refine_ls_shell.pdbx_phase_error                 ? 
_refine_ls_shell.pdbx_fsc_work                    ? 
_refine_ls_shell.pdbx_fsc_free                    ? 
# 
_struct.entry_id                     5UVS 
_struct.title                        BRD4_BD2_A-1406537 
_struct.pdbx_model_details           ? 
_struct.pdbx_formula_weight          ? 
_struct.pdbx_formula_weight_method   ? 
_struct.pdbx_model_type_details      ? 
_struct.pdbx_CASP_flag               N 
# 
_struct_keywords.entry_id        5UVS 
_struct_keywords.text            'Helix bundle, SIGNALING PROTEIN-INHIBITOR complex' 
_struct_keywords.pdbx_keywords   'SIGNALING PROTEIN/INHIBITOR' 
# 
loop_
_struct_asym.id 
_struct_asym.pdbx_blank_PDB_chainid_flag 
_struct_asym.pdbx_modified 
_struct_asym.entity_id 
_struct_asym.details 
A N N 1 ? 
B N N 2 ? 
C N N 3 ? 
# 
_struct_ref.id                         1 
_struct_ref.db_name                    UNP 
_struct_ref.db_code                    BRD4_HUMAN 
_struct_ref.pdbx_db_accession          O60885 
_struct_ref.pdbx_db_isoform            ? 
_struct_ref.entity_id                  1 
_struct_ref.pdbx_seq_one_letter_code   
;EQLKCCSGILKEMFAKKHAAYAWPFYKPVDVEALGLHDYCDIIKHPMDMSTIKSKLEAREYRDAQEFGADVRLMFSNCYK
YNPPDHEVVAMARKLQDVFEMRFAKM
;
_struct_ref.pdbx_align_begin           352 
# 
_struct_ref_seq.align_id                      1 
_struct_ref_seq.ref_id                        1 
_struct_ref_seq.pdbx_PDB_id_code              5UVS 
_struct_ref_seq.pdbx_strand_id                A 
_struct_ref_seq.seq_align_beg                 4 
_struct_ref_seq.pdbx_seq_align_beg_ins_code   ? 
_struct_ref_seq.seq_align_end                 109 
_struct_ref_seq.pdbx_seq_align_end_ins_code   ? 
_struct_ref_seq.pdbx_db_accession             O60885 
_struct_ref_seq.db_align_beg                  352 
_struct_ref_seq.pdbx_db_align_beg_ins_code    ? 
_struct_ref_seq.db_align_end                  457 
_struct_ref_seq.pdbx_db_align_end_ins_code    ? 
_struct_ref_seq.pdbx_auth_seq_align_beg       352 
_struct_ref_seq.pdbx_auth_seq_align_end       457 
# 
loop_
_struct_ref_seq_dif.align_id 
_struct_ref_seq_dif.pdbx_pdb_id_code 
_struct_ref_seq_dif.mon_id 
_struct_ref_seq_dif.pdbx_pdb_strand_id 
_struct_ref_seq_dif.seq_num 
_struct_ref_seq_dif.pdbx_pdb_ins_code 
_struct_ref_seq_dif.pdbx_seq_db_name 
_struct_ref_seq_dif.pdbx_seq_db_accession_code 
_struct_ref_seq_dif.db_mon_id 
_struct_ref_seq_dif.pdbx_seq_db_seq_num 
_struct_ref_seq_dif.details 
_struct_ref_seq_dif.pdbx_auth_seq_num 
_struct_ref_seq_dif.pdbx_ordinal 
1 5UVS SER A 1 ? UNP O60885 ? ? 'expression tag' 349 1 
1 5UVS HIS A 2 ? UNP O60885 ? ? 'expression tag' 350 2 
1 5UVS MET A 3 ? UNP O60885 ? ? 'expression tag' 351 3 
# 
_pdbx_struct_assembly.id                   1 
_pdbx_struct_assembly.details              author_and_software_defined_assembly 
_pdbx_struct_assembly.method_details       PISA 
_pdbx_struct_assembly.oligomeric_details   monomeric 
_pdbx_struct_assembly.oligomeric_count     1 
# 
loop_
_pdbx_struct_assembly_prop.biol_id 
_pdbx_struct_assembly_prop.type 
_pdbx_struct_assembly_prop.value 
_pdbx_struct_assembly_prop.details 
1 'ABSA (A^2)' 0    ? 
1 MORE         0    ? 
1 'SSA (A^2)'  6910 ? 
# 
_pdbx_struct_assembly_gen.assembly_id       1 
_pdbx_struct_assembly_gen.oper_expression   1 
_pdbx_struct_assembly_gen.asym_id_list      A,B,C 
# 
_pdbx_struct_oper_list.id                   1 
_pdbx_struct_oper_list.type                 'identity operation' 
_pdbx_struct_oper_list.name                 1_555 
_pdbx_struct_oper_list.symmetry_operation   x,y,z 
_pdbx_struct_oper_list.matrix[1][1]         1.0000000000 
_pdbx_struct_oper_list.matrix[1][2]         0.0000000000 
_pdbx_struct_oper_list.matrix[1][3]         0.0000000000 
_pdbx_struct_oper_list.vector[1]            0.0000000000 
_pdbx_struct_oper_list.matrix[2][1]         0.0000000000 
_pdbx_struct_oper_list.matrix[2][2]         1.0000000000 
_pdbx_struct_oper_list.matrix[2][3]         0.0000000000 
_pdbx_struct_oper_list.vector[2]            0.0000000000 
_pdbx_struct_oper_list.matrix[3][1]         0.0000000000 
_pdbx_struct_oper_list.matrix[3][2]         0.0000000000 
_pdbx_struct_oper_list.matrix[3][3]         1.0000000000 
_pdbx_struct_oper_list.vector[3]            0.0000000000 
# 
loop_
_struct_conf.conf_type_id 
_struct_conf.id 
_struct_conf.pdbx_PDB_helix_id 
_struct_conf.beg_label_comp_id 
_struct_conf.beg_label_asym_id 
_struct_conf.beg_label_seq_id 
_struct_conf.pdbx_beg_PDB_ins_code 
_struct_conf.end_label_comp_id 
_struct_conf.end_label_asym_id 
_struct_conf.end_label_seq_id 
_struct_conf.pdbx_end_PDB_ins_code 
_struct_conf.beg_auth_comp_id 
_struct_conf.beg_auth_asym_id 
_struct_conf.beg_auth_seq_id 
_struct_conf.end_auth_comp_id 
_struct_conf.end_auth_asym_id 
_struct_conf.end_auth_seq_id 
_struct_conf.pdbx_PDB_helix_class 
_struct_conf.details 
_struct_conf.pdbx_PDB_helix_length 
HELX_P HELX_P1 AA1 SER A 1  ? PHE A 17  ? SER A 349 PHE A 365 1 ? 17 
HELX_P HELX_P2 AA2 ALA A 18 ? LYS A 20  ? ALA A 366 LYS A 368 5 ? 3  
HELX_P HELX_P3 AA3 HIS A 21 ? TRP A 26  ? HIS A 369 TRP A 374 1 ? 6  
HELX_P HELX_P4 AA4 PRO A 27 ? TYR A 29  ? PRO A 375 TYR A 377 5 ? 3  
HELX_P HELX_P5 AA5 ASP A 41 ? ILE A 46  ? ASP A 389 ILE A 394 1 ? 6  
HELX_P HELX_P6 AA6 ASP A 51 ? ALA A 61  ? ASP A 399 ALA A 409 1 ? 11 
HELX_P HELX_P7 AA7 ASP A 66 ? ASN A 85  ? ASP A 414 ASN A 433 1 ? 20 
HELX_P HELX_P8 AA8 HIS A 89 ? MET A 109 ? HIS A 437 MET A 457 1 ? 21 
# 
_struct_conf_type.id          HELX_P 
_struct_conf_type.criteria    ? 
_struct_conf_type.reference   ? 
# 
_struct_site.id                   AC1 
_struct_site.pdbx_evidence_code   Software 
_struct_site.pdbx_auth_asym_id    A 
_struct_site.pdbx_auth_comp_id    8O1 
_struct_site.pdbx_auth_seq_id     501 
_struct_site.pdbx_auth_ins_code   ? 
_struct_site.pdbx_num_residues    10 
_struct_site.details              'binding site for residue 8O1 A 501' 
# 
loop_
_struct_site_gen.id 
_struct_site_gen.site_id 
_struct_site_gen.pdbx_num_res 
_struct_site_gen.label_comp_id 
_struct_site_gen.label_asym_id 
_struct_site_gen.label_seq_id 
_struct_site_gen.pdbx_auth_ins_code 
_struct_site_gen.auth_comp_id 
_struct_site_gen.auth_asym_id 
_struct_site_gen.auth_seq_id 
_struct_site_gen.label_atom_id 
_struct_site_gen.label_alt_id 
_struct_site_gen.symmetry 
_struct_site_gen.details 
1  AC1 10 TRP A 26 ? TRP A 374 . ? 1_555 ? 
2  AC1 10 PRO A 27 ? PRO A 375 . ? 1_555 ? 
3  AC1 10 PHE A 28 ? PHE A 376 . ? 1_555 ? 
4  AC1 10 LYS A 30 ? LYS A 378 . ? 1_555 ? 
5  AC1 10 PRO A 31 ? PRO A 379 . ? 1_555 ? 
6  AC1 10 ASP A 33 ? ASP A 381 . ? 1_555 ? 
7  AC1 10 ASN A 85 ? ASN A 433 . ? 1_555 ? 
8  AC1 10 VAL A 91 ? VAL A 439 . ? 1_555 ? 
9  AC1 10 MET A 94 ? MET A 442 . ? 1_555 ? 
10 AC1 10 HOH C .  ? HOH A 604 . ? 1_555 ? 
# 
_pdbx_validate_torsion.id              1 
_pdbx_validate_torsion.PDB_model_num   1 
_pdbx_validate_torsion.auth_comp_id    LEU 
_pdbx_validate_torsion.auth_asym_id    A 
_pdbx_validate_torsion.auth_seq_id     387 
_pdbx_validate_torsion.PDB_ins_code    ? 
_pdbx_validate_torsion.label_alt_id    ? 
_pdbx_validate_torsion.phi             46.91 
_pdbx_validate_torsion.psi             16.89 
# 
loop_
_chem_comp_atom.comp_id 
_chem_comp_atom.atom_id 
_chem_comp_atom.type_symbol 
_chem_comp_atom.pdbx_aromatic_flag 
_chem_comp_atom.pdbx_stereo_config 
_chem_comp_atom.pdbx_ordinal 
8O1 C4   C Y N 1   
8O1 C5   C Y N 2   
8O1 C6   C Y N 3   
8O1 C7   C Y N 4   
8O1 C8   C Y N 5   
8O1 C10  C Y N 6   
8O1 C13  C N N 7   
8O1 C15  C N N 8   
8O1 C17  C N N 9   
8O1 C20  C N N 10  
8O1 C1   C Y N 11  
8O1 C2   C Y N 12  
8O1 C3   C Y N 13  
8O1 C9   C Y N 14  
8O1 C11  C N N 15  
8O1 C12  C N N 16  
8O1 C14  C N N 17  
8O1 C16  C N N 18  
8O1 C18  C N N 19  
8O1 C19  C N N 20  
8O1 N21  N Y N 21  
8O1 N22  N N N 22  
8O1 N23  N N N 23  
8O1 O24  O N N 24  
8O1 O25  O N N 25  
8O1 O26  O N N 26  
8O1 S27  S N N 27  
8O1 H4   H N N 28  
8O1 H5   H N N 29  
8O1 H152 H N N 30  
8O1 H151 H N N 31  
8O1 H173 H N N 32  
8O1 H172 H N N 33  
8O1 H171 H N N 34  
8O1 H1   H N N 35  
8O1 H2   H N N 36  
8O1 H3   H N N 37  
8O1 H11  H N N 38  
8O1 H142 H N N 39  
8O1 H141 H N N 40  
8O1 H16  H N N 41  
8O1 H183 H N N 42  
8O1 H181 H N N 43  
8O1 H182 H N N 44  
8O1 H191 H N N 45  
8O1 H192 H N N 46  
8O1 H21  H N N 47  
8O1 H23  H N N 48  
8O1 H201 H N N 49  
8O1 H202 H N N 50  
ALA N    N N N 51  
ALA CA   C N S 52  
ALA C    C N N 53  
ALA O    O N N 54  
ALA CB   C N N 55  
ALA OXT  O N N 56  
ALA H    H N N 57  
ALA H2   H N N 58  
ALA HA   H N N 59  
ALA HB1  H N N 60  
ALA HB2  H N N 61  
ALA HB3  H N N 62  
ALA HXT  H N N 63  
ARG N    N N N 64  
ARG CA   C N S 65  
ARG C    C N N 66  
ARG O    O N N 67  
ARG CB   C N N 68  
ARG CG   C N N 69  
ARG CD   C N N 70  
ARG NE   N N N 71  
ARG CZ   C N N 72  
ARG NH1  N N N 73  
ARG NH2  N N N 74  
ARG OXT  O N N 75  
ARG H    H N N 76  
ARG H2   H N N 77  
ARG HA   H N N 78  
ARG HB2  H N N 79  
ARG HB3  H N N 80  
ARG HG2  H N N 81  
ARG HG3  H N N 82  
ARG HD2  H N N 83  
ARG HD3  H N N 84  
ARG HE   H N N 85  
ARG HH11 H N N 86  
ARG HH12 H N N 87  
ARG HH21 H N N 88  
ARG HH22 H N N 89  
ARG HXT  H N N 90  
ASN N    N N N 91  
ASN CA   C N S 92  
ASN C    C N N 93  
ASN O    O N N 94  
ASN CB   C N N 95  
ASN CG   C N N 96  
ASN OD1  O N N 97  
ASN ND2  N N N 98  
ASN OXT  O N N 99  
ASN H    H N N 100 
ASN H2   H N N 101 
ASN HA   H N N 102 
ASN HB2  H N N 103 
ASN HB3  H N N 104 
ASN HD21 H N N 105 
ASN HD22 H N N 106 
ASN HXT  H N N 107 
ASP N    N N N 108 
ASP CA   C N S 109 
ASP C    C N N 110 
ASP O    O N N 111 
ASP CB   C N N 112 
ASP CG   C N N 113 
ASP OD1  O N N 114 
ASP OD2  O N N 115 
ASP OXT  O N N 116 
ASP H    H N N 117 
ASP H2   H N N 118 
ASP HA   H N N 119 
ASP HB2  H N N 120 
ASP HB3  H N N 121 
ASP HD2  H N N 122 
ASP HXT  H N N 123 
CYS N    N N N 124 
CYS CA   C N R 125 
CYS C    C N N 126 
CYS O    O N N 127 
CYS CB   C N N 128 
CYS SG   S N N 129 
CYS OXT  O N N 130 
CYS H    H N N 131 
CYS H2   H N N 132 
CYS HA   H N N 133 
CYS HB2  H N N 134 
CYS HB3  H N N 135 
CYS HG   H N N 136 
CYS HXT  H N N 137 
GLN N    N N N 138 
GLN CA   C N S 139 
GLN C    C N N 140 
GLN O    O N N 141 
GLN CB   C N N 142 
GLN CG   C N N 143 
GLN CD   C N N 144 
GLN OE1  O N N 145 
GLN NE2  N N N 146 
GLN OXT  O N N 147 
GLN H    H N N 148 
GLN H2   H N N 149 
GLN HA   H N N 150 
GLN HB2  H N N 151 
GLN HB3  H N N 152 
GLN HG2  H N N 153 
GLN HG3  H N N 154 
GLN HE21 H N N 155 
GLN HE22 H N N 156 
GLN HXT  H N N 157 
GLU N    N N N 158 
GLU CA   C N S 159 
GLU C    C N N 160 
GLU O    O N N 161 
GLU CB   C N N 162 
GLU CG   C N N 163 
GLU CD   C N N 164 
GLU OE1  O N N 165 
GLU OE2  O N N 166 
GLU OXT  O N N 167 
GLU H    H N N 168 
GLU H2   H N N 169 
GLU HA   H N N 170 
GLU HB2  H N N 171 
GLU HB3  H N N 172 
GLU HG2  H N N 173 
GLU HG3  H N N 174 
GLU HE2  H N N 175 
GLU HXT  H N N 176 
GLY N    N N N 177 
GLY CA   C N N 178 
GLY C    C N N 179 
GLY O    O N N 180 
GLY OXT  O N N 181 
GLY H    H N N 182 
GLY H2   H N N 183 
GLY HA2  H N N 184 
GLY HA3  H N N 185 
GLY HXT  H N N 186 
HIS N    N N N 187 
HIS CA   C N S 188 
HIS C    C N N 189 
HIS O    O N N 190 
HIS CB   C N N 191 
HIS CG   C Y N 192 
HIS ND1  N Y N 193 
HIS CD2  C Y N 194 
HIS CE1  C Y N 195 
HIS NE2  N Y N 196 
HIS OXT  O N N 197 
HIS H    H N N 198 
HIS H2   H N N 199 
HIS HA   H N N 200 
HIS HB2  H N N 201 
HIS HB3  H N N 202 
HIS HD1  H N N 203 
HIS HD2  H N N 204 
HIS HE1  H N N 205 
HIS HE2  H N N 206 
HIS HXT  H N N 207 
HOH O    O N N 208 
HOH H1   H N N 209 
HOH H2   H N N 210 
ILE N    N N N 211 
ILE CA   C N S 212 
ILE C    C N N 213 
ILE O    O N N 214 
ILE CB   C N S 215 
ILE CG1  C N N 216 
ILE CG2  C N N 217 
ILE CD1  C N N 218 
ILE OXT  O N N 219 
ILE H    H N N 220 
ILE H2   H N N 221 
ILE HA   H N N 222 
ILE HB   H N N 223 
ILE HG12 H N N 224 
ILE HG13 H N N 225 
ILE HG21 H N N 226 
ILE HG22 H N N 227 
ILE HG23 H N N 228 
ILE HD11 H N N 229 
ILE HD12 H N N 230 
ILE HD13 H N N 231 
ILE HXT  H N N 232 
LEU N    N N N 233 
LEU CA   C N S 234 
LEU C    C N N 235 
LEU O    O N N 236 
LEU CB   C N N 237 
LEU CG   C N N 238 
LEU CD1  C N N 239 
LEU CD2  C N N 240 
LEU OXT  O N N 241 
LEU H    H N N 242 
LEU H2   H N N 243 
LEU HA   H N N 244 
LEU HB2  H N N 245 
LEU HB3  H N N 246 
LEU HG   H N N 247 
LEU HD11 H N N 248 
LEU HD12 H N N 249 
LEU HD13 H N N 250 
LEU HD21 H N N 251 
LEU HD22 H N N 252 
LEU HD23 H N N 253 
LEU HXT  H N N 254 
LYS N    N N N 255 
LYS CA   C N S 256 
LYS C    C N N 257 
LYS O    O N N 258 
LYS CB   C N N 259 
LYS CG   C N N 260 
LYS CD   C N N 261 
LYS CE   C N N 262 
LYS NZ   N N N 263 
LYS OXT  O N N 264 
LYS H    H N N 265 
LYS H2   H N N 266 
LYS HA   H N N 267 
LYS HB2  H N N 268 
LYS HB3  H N N 269 
LYS HG2  H N N 270 
LYS HG3  H N N 271 
LYS HD2  H N N 272 
LYS HD3  H N N 273 
LYS HE2  H N N 274 
LYS HE3  H N N 275 
LYS HZ1  H N N 276 
LYS HZ2  H N N 277 
LYS HZ3  H N N 278 
LYS HXT  H N N 279 
MET N    N N N 280 
MET CA   C N S 281 
MET C    C N N 282 
MET O    O N N 283 
MET CB   C N N 284 
MET CG   C N N 285 
MET SD   S N N 286 
MET CE   C N N 287 
MET OXT  O N N 288 
MET H    H N N 289 
MET H2   H N N 290 
MET HA   H N N 291 
MET HB2  H N N 292 
MET HB3  H N N 293 
MET HG2  H N N 294 
MET HG3  H N N 295 
MET HE1  H N N 296 
MET HE2  H N N 297 
MET HE3  H N N 298 
MET HXT  H N N 299 
PHE N    N N N 300 
PHE CA   C N S 301 
PHE C    C N N 302 
PHE O    O N N 303 
PHE CB   C N N 304 
PHE CG   C Y N 305 
PHE CD1  C Y N 306 
PHE CD2  C Y N 307 
PHE CE1  C Y N 308 
PHE CE2  C Y N 309 
PHE CZ   C Y N 310 
PHE OXT  O N N 311 
PHE H    H N N 312 
PHE H2   H N N 313 
PHE HA   H N N 314 
PHE HB2  H N N 315 
PHE HB3  H N N 316 
PHE HD1  H N N 317 
PHE HD2  H N N 318 
PHE HE1  H N N 319 
PHE HE2  H N N 320 
PHE HZ   H N N 321 
PHE HXT  H N N 322 
PRO N    N N N 323 
PRO CA   C N S 324 
PRO C    C N N 325 
PRO O    O N N 326 
PRO CB   C N N 327 
PRO CG   C N N 328 
PRO CD   C N N 329 
PRO OXT  O N N 330 
PRO H    H N N 331 
PRO HA   H N N 332 
PRO HB2  H N N 333 
PRO HB3  H N N 334 
PRO HG2  H N N 335 
PRO HG3  H N N 336 
PRO HD2  H N N 337 
PRO HD3  H N N 338 
PRO HXT  H N N 339 
SER N    N N N 340 
SER CA   C N S 341 
SER C    C N N 342 
SER O    O N N 343 
SER CB   C N N 344 
SER OG   O N N 345 
SER OXT  O N N 346 
SER H    H N N 347 
SER H2   H N N 348 
SER HA   H N N 349 
SER HB2  H N N 350 
SER HB3  H N N 351 
SER HG   H N N 352 
SER HXT  H N N 353 
THR N    N N N 354 
THR CA   C N S 355 
THR C    C N N 356 
THR O    O N N 357 
THR CB   C N R 358 
THR OG1  O N N 359 
THR CG2  C N N 360 
THR OXT  O N N 361 
THR H    H N N 362 
THR H2   H N N 363 
THR HA   H N N 364 
THR HB   H N N 365 
THR HG1  H N N 366 
THR HG21 H N N 367 
THR HG22 H N N 368 
THR HG23 H N N 369 
THR HXT  H N N 370 
TRP N    N N N 371 
TRP CA   C N S 372 
TRP C    C N N 373 
TRP O    O N N 374 
TRP CB   C N N 375 
TRP CG   C Y N 376 
TRP CD1  C Y N 377 
TRP CD2  C Y N 378 
TRP NE1  N Y N 379 
TRP CE2  C Y N 380 
TRP CE3  C Y N 381 
TRP CZ2  C Y N 382 
TRP CZ3  C Y N 383 
TRP CH2  C Y N 384 
TRP OXT  O N N 385 
TRP H    H N N 386 
TRP H2   H N N 387 
TRP HA   H N N 388 
TRP HB2  H N N 389 
TRP HB3  H N N 390 
TRP HD1  H N N 391 
TRP HE1  H N N 392 
TRP HE3  H N N 393 
TRP HZ2  H N N 394 
TRP HZ3  H N N 395 
TRP HH2  H N N 396 
TRP HXT  H N N 397 
TYR N    N N N 398 
TYR CA   C N S 399 
TYR C    C N N 400 
TYR O    O N N 401 
TYR CB   C N N 402 
TYR CG   C Y N 403 
TYR CD1  C Y N 404 
TYR CD2  C Y N 405 
TYR CE1  C Y N 406 
TYR CE2  C Y N 407 
TYR CZ   C Y N 408 
TYR OH   O N N 409 
TYR OXT  O N N 410 
TYR H    H N N 411 
TYR H2   H N N 412 
TYR HA   H N N 413 
TYR HB2  H N N 414 
TYR HB3  H N N 415 
TYR HD1  H N N 416 
TYR HD2  H N N 417 
TYR HE1  H N N 418 
TYR HE2  H N N 419 
TYR HH   H N N 420 
TYR HXT  H N N 421 
VAL N    N N N 422 
VAL CA   C N S 423 
VAL C    C N N 424 
VAL O    O N N 425 
VAL CB   C N N 426 
VAL CG1  C N N 427 
VAL CG2  C N N 428 
VAL OXT  O N N 429 
VAL H    H N N 430 
VAL H2   H N N 431 
VAL HA   H N N 432 
VAL HB   H N N 433 
VAL HG11 H N N 434 
VAL HG12 H N N 435 
VAL HG13 H N N 436 
VAL HG21 H N N 437 
VAL HG22 H N N 438 
VAL HG23 H N N 439 
VAL HXT  H N N 440 
# 
loop_
_chem_comp_bond.comp_id 
_chem_comp_bond.atom_id_1 
_chem_comp_bond.atom_id_2 
_chem_comp_bond.value_order 
_chem_comp_bond.pdbx_aromatic_flag 
_chem_comp_bond.pdbx_stereo_config 
_chem_comp_bond.pdbx_ordinal 
8O1 C4  C7   doub Y N 1   
8O1 C4  C9   sing Y N 2   
8O1 C5  C3   doub Y N 3   
8O1 C5  N21  sing Y N 4   
8O1 C6  C10  doub Y N 5   
8O1 C6  C3   sing Y N 6   
8O1 C6  C12  sing N N 7   
8O1 C7  C8   sing Y N 8   
8O1 C7  C12  sing N N 9   
8O1 C8  C1   doub Y N 10  
8O1 C8  N23  sing N N 11  
8O1 C10 C13  sing N N 12  
8O1 C10 N21  sing Y N 13  
8O1 C13 N22  sing N N 14  
8O1 C13 O24  doub N N 15  
8O1 C15 C14  sing N N 16  
8O1 C15 C16  sing N N 17  
8O1 C17 C20  sing N N 18  
8O1 C20 S27  sing N N 19  
8O1 C1  C2   sing Y N 20  
8O1 C2  C9   doub Y N 21  
8O1 C9  S27  sing N N 22  
8O1 C11 C12  doub N N 23  
8O1 C11 N22  sing N N 24  
8O1 C14 C16  sing N N 25  
8O1 C16 C19  sing N N 26  
8O1 C18 N22  sing N N 27  
8O1 C19 N23  sing N N 28  
8O1 O25 S27  doub N N 29  
8O1 O26 S27  doub N N 30  
8O1 C4  H4   sing N N 31  
8O1 C5  H5   sing N N 32  
8O1 C15 H152 sing N N 33  
8O1 C15 H151 sing N N 34  
8O1 C17 H173 sing N N 35  
8O1 C17 H172 sing N N 36  
8O1 C17 H171 sing N N 37  
8O1 C20 H201 sing N N 38  
8O1 C20 H202 sing N N 39  
8O1 C1  H1   sing N N 40  
8O1 C2  H2   sing N N 41  
8O1 C3  H3   sing N N 42  
8O1 C11 H11  sing N N 43  
8O1 C14 H142 sing N N 44  
8O1 C14 H141 sing N N 45  
8O1 C16 H16  sing N N 46  
8O1 C18 H183 sing N N 47  
8O1 C18 H181 sing N N 48  
8O1 C18 H182 sing N N 49  
8O1 C19 H191 sing N N 50  
8O1 C19 H192 sing N N 51  
8O1 N21 H21  sing N N 52  
8O1 N23 H23  sing N N 53  
ALA N   CA   sing N N 54  
ALA N   H    sing N N 55  
ALA N   H2   sing N N 56  
ALA CA  C    sing N N 57  
ALA CA  CB   sing N N 58  
ALA CA  HA   sing N N 59  
ALA C   O    doub N N 60  
ALA C   OXT  sing N N 61  
ALA CB  HB1  sing N N 62  
ALA CB  HB2  sing N N 63  
ALA CB  HB3  sing N N 64  
ALA OXT HXT  sing N N 65  
ARG N   CA   sing N N 66  
ARG N   H    sing N N 67  
ARG N   H2   sing N N 68  
ARG CA  C    sing N N 69  
ARG CA  CB   sing N N 70  
ARG CA  HA   sing N N 71  
ARG C   O    doub N N 72  
ARG C   OXT  sing N N 73  
ARG CB  CG   sing N N 74  
ARG CB  HB2  sing N N 75  
ARG CB  HB3  sing N N 76  
ARG CG  CD   sing N N 77  
ARG CG  HG2  sing N N 78  
ARG CG  HG3  sing N N 79  
ARG CD  NE   sing N N 80  
ARG CD  HD2  sing N N 81  
ARG CD  HD3  sing N N 82  
ARG NE  CZ   sing N N 83  
ARG NE  HE   sing N N 84  
ARG CZ  NH1  sing N N 85  
ARG CZ  NH2  doub N N 86  
ARG NH1 HH11 sing N N 87  
ARG NH1 HH12 sing N N 88  
ARG NH2 HH21 sing N N 89  
ARG NH2 HH22 sing N N 90  
ARG OXT HXT  sing N N 91  
ASN N   CA   sing N N 92  
ASN N   H    sing N N 93  
ASN N   H2   sing N N 94  
ASN CA  C    sing N N 95  
ASN CA  CB   sing N N 96  
ASN CA  HA   sing N N 97  
ASN C   O    doub N N 98  
ASN C   OXT  sing N N 99  
ASN CB  CG   sing N N 100 
ASN CB  HB2  sing N N 101 
ASN CB  HB3  sing N N 102 
ASN CG  OD1  doub N N 103 
ASN CG  ND2  sing N N 104 
ASN ND2 HD21 sing N N 105 
ASN ND2 HD22 sing N N 106 
ASN OXT HXT  sing N N 107 
ASP N   CA   sing N N 108 
ASP N   H    sing N N 109 
ASP N   H2   sing N N 110 
ASP CA  C    sing N N 111 
ASP CA  CB   sing N N 112 
ASP CA  HA   sing N N 113 
ASP C   O    doub N N 114 
ASP C   OXT  sing N N 115 
ASP CB  CG   sing N N 116 
ASP CB  HB2  sing N N 117 
ASP CB  HB3  sing N N 118 
ASP CG  OD1  doub N N 119 
ASP CG  OD2  sing N N 120 
ASP OD2 HD2  sing N N 121 
ASP OXT HXT  sing N N 122 
CYS N   CA   sing N N 123 
CYS N   H    sing N N 124 
CYS N   H2   sing N N 125 
CYS CA  C    sing N N 126 
CYS CA  CB   sing N N 127 
CYS CA  HA   sing N N 128 
CYS C   O    doub N N 129 
CYS C   OXT  sing N N 130 
CYS CB  SG   sing N N 131 
CYS CB  HB2  sing N N 132 
CYS CB  HB3  sing N N 133 
CYS SG  HG   sing N N 134 
CYS OXT HXT  sing N N 135 
GLN N   CA   sing N N 136 
GLN N   H    sing N N 137 
GLN N   H2   sing N N 138 
GLN CA  C    sing N N 139 
GLN CA  CB   sing N N 140 
GLN CA  HA   sing N N 141 
GLN C   O    doub N N 142 
GLN C   OXT  sing N N 143 
GLN CB  CG   sing N N 144 
GLN CB  HB2  sing N N 145 
GLN CB  HB3  sing N N 146 
GLN CG  CD   sing N N 147 
GLN CG  HG2  sing N N 148 
GLN CG  HG3  sing N N 149 
GLN CD  OE1  doub N N 150 
GLN CD  NE2  sing N N 151 
GLN NE2 HE21 sing N N 152 
GLN NE2 HE22 sing N N 153 
GLN OXT HXT  sing N N 154 
GLU N   CA   sing N N 155 
GLU N   H    sing N N 156 
GLU N   H2   sing N N 157 
GLU CA  C    sing N N 158 
GLU CA  CB   sing N N 159 
GLU CA  HA   sing N N 160 
GLU C   O    doub N N 161 
GLU C   OXT  sing N N 162 
GLU CB  CG   sing N N 163 
GLU CB  HB2  sing N N 164 
GLU CB  HB3  sing N N 165 
GLU CG  CD   sing N N 166 
GLU CG  HG2  sing N N 167 
GLU CG  HG3  sing N N 168 
GLU CD  OE1  doub N N 169 
GLU CD  OE2  sing N N 170 
GLU OE2 HE2  sing N N 171 
GLU OXT HXT  sing N N 172 
GLY N   CA   sing N N 173 
GLY N   H    sing N N 174 
GLY N   H2   sing N N 175 
GLY CA  C    sing N N 176 
GLY CA  HA2  sing N N 177 
GLY CA  HA3  sing N N 178 
GLY C   O    doub N N 179 
GLY C   OXT  sing N N 180 
GLY OXT HXT  sing N N 181 
HIS N   CA   sing N N 182 
HIS N   H    sing N N 183 
HIS N   H2   sing N N 184 
HIS CA  C    sing N N 185 
HIS CA  CB   sing N N 186 
HIS CA  HA   sing N N 187 
HIS C   O    doub N N 188 
HIS C   OXT  sing N N 189 
HIS CB  CG   sing N N 190 
HIS CB  HB2  sing N N 191 
HIS CB  HB3  sing N N 192 
HIS CG  ND1  sing Y N 193 
HIS CG  CD2  doub Y N 194 
HIS ND1 CE1  doub Y N 195 
HIS ND1 HD1  sing N N 196 
HIS CD2 NE2  sing Y N 197 
HIS CD2 HD2  sing N N 198 
HIS CE1 NE2  sing Y N 199 
HIS CE1 HE1  sing N N 200 
HIS NE2 HE2  sing N N 201 
HIS OXT HXT  sing N N 202 
HOH O   H1   sing N N 203 
HOH O   H2   sing N N 204 
ILE N   CA   sing N N 205 
ILE N   H    sing N N 206 
ILE N   H2   sing N N 207 
ILE CA  C    sing N N 208 
ILE CA  CB   sing N N 209 
ILE CA  HA   sing N N 210 
ILE C   O    doub N N 211 
ILE C   OXT  sing N N 212 
ILE CB  CG1  sing N N 213 
ILE CB  CG2  sing N N 214 
ILE CB  HB   sing N N 215 
ILE CG1 CD1  sing N N 216 
ILE CG1 HG12 sing N N 217 
ILE CG1 HG13 sing N N 218 
ILE CG2 HG21 sing N N 219 
ILE CG2 HG22 sing N N 220 
ILE CG2 HG23 sing N N 221 
ILE CD1 HD11 sing N N 222 
ILE CD1 HD12 sing N N 223 
ILE CD1 HD13 sing N N 224 
ILE OXT HXT  sing N N 225 
LEU N   CA   sing N N 226 
LEU N   H    sing N N 227 
LEU N   H2   sing N N 228 
LEU CA  C    sing N N 229 
LEU CA  CB   sing N N 230 
LEU CA  HA   sing N N 231 
LEU C   O    doub N N 232 
LEU C   OXT  sing N N 233 
LEU CB  CG   sing N N 234 
LEU CB  HB2  sing N N 235 
LEU CB  HB3  sing N N 236 
LEU CG  CD1  sing N N 237 
LEU CG  CD2  sing N N 238 
LEU CG  HG   sing N N 239 
LEU CD1 HD11 sing N N 240 
LEU CD1 HD12 sing N N 241 
LEU CD1 HD13 sing N N 242 
LEU CD2 HD21 sing N N 243 
LEU CD2 HD22 sing N N 244 
LEU CD2 HD23 sing N N 245 
LEU OXT HXT  sing N N 246 
LYS N   CA   sing N N 247 
LYS N   H    sing N N 248 
LYS N   H2   sing N N 249 
LYS CA  C    sing N N 250 
LYS CA  CB   sing N N 251 
LYS CA  HA   sing N N 252 
LYS C   O    doub N N 253 
LYS C   OXT  sing N N 254 
LYS CB  CG   sing N N 255 
LYS CB  HB2  sing N N 256 
LYS CB  HB3  sing N N 257 
LYS CG  CD   sing N N 258 
LYS CG  HG2  sing N N 259 
LYS CG  HG3  sing N N 260 
LYS CD  CE   sing N N 261 
LYS CD  HD2  sing N N 262 
LYS CD  HD3  sing N N 263 
LYS CE  NZ   sing N N 264 
LYS CE  HE2  sing N N 265 
LYS CE  HE3  sing N N 266 
LYS NZ  HZ1  sing N N 267 
LYS NZ  HZ2  sing N N 268 
LYS NZ  HZ3  sing N N 269 
LYS OXT HXT  sing N N 270 
MET N   CA   sing N N 271 
MET N   H    sing N N 272 
MET N   H2   sing N N 273 
MET CA  C    sing N N 274 
MET CA  CB   sing N N 275 
MET CA  HA   sing N N 276 
MET C   O    doub N N 277 
MET C   OXT  sing N N 278 
MET CB  CG   sing N N 279 
MET CB  HB2  sing N N 280 
MET CB  HB3  sing N N 281 
MET CG  SD   sing N N 282 
MET CG  HG2  sing N N 283 
MET CG  HG3  sing N N 284 
MET SD  CE   sing N N 285 
MET CE  HE1  sing N N 286 
MET CE  HE2  sing N N 287 
MET CE  HE3  sing N N 288 
MET OXT HXT  sing N N 289 
PHE N   CA   sing N N 290 
PHE N   H    sing N N 291 
PHE N   H2   sing N N 292 
PHE CA  C    sing N N 293 
PHE CA  CB   sing N N 294 
PHE CA  HA   sing N N 295 
PHE C   O    doub N N 296 
PHE C   OXT  sing N N 297 
PHE CB  CG   sing N N 298 
PHE CB  HB2  sing N N 299 
PHE CB  HB3  sing N N 300 
PHE CG  CD1  doub Y N 301 
PHE CG  CD2  sing Y N 302 
PHE CD1 CE1  sing Y N 303 
PHE CD1 HD1  sing N N 304 
PHE CD2 CE2  doub Y N 305 
PHE CD2 HD2  sing N N 306 
PHE CE1 CZ   doub Y N 307 
PHE CE1 HE1  sing N N 308 
PHE CE2 CZ   sing Y N 309 
PHE CE2 HE2  sing N N 310 
PHE CZ  HZ   sing N N 311 
PHE OXT HXT  sing N N 312 
PRO N   CA   sing N N 313 
PRO N   CD   sing N N 314 
PRO N   H    sing N N 315 
PRO CA  C    sing N N 316 
PRO CA  CB   sing N N 317 
PRO CA  HA   sing N N 318 
PRO C   O    doub N N 319 
PRO C   OXT  sing N N 320 
PRO CB  CG   sing N N 321 
PRO CB  HB2  sing N N 322 
PRO CB  HB3  sing N N 323 
PRO CG  CD   sing N N 324 
PRO CG  HG2  sing N N 325 
PRO CG  HG3  sing N N 326 
PRO CD  HD2  sing N N 327 
PRO CD  HD3  sing N N 328 
PRO OXT HXT  sing N N 329 
SER N   CA   sing N N 330 
SER N   H    sing N N 331 
SER N   H2   sing N N 332 
SER CA  C    sing N N 333 
SER CA  CB   sing N N 334 
SER CA  HA   sing N N 335 
SER C   O    doub N N 336 
SER C   OXT  sing N N 337 
SER CB  OG   sing N N 338 
SER CB  HB2  sing N N 339 
SER CB  HB3  sing N N 340 
SER OG  HG   sing N N 341 
SER OXT HXT  sing N N 342 
THR N   CA   sing N N 343 
THR N   H    sing N N 344 
THR N   H2   sing N N 345 
THR CA  C    sing N N 346 
THR CA  CB   sing N N 347 
THR CA  HA   sing N N 348 
THR C   O    doub N N 349 
THR C   OXT  sing N N 350 
THR CB  OG1  sing N N 351 
THR CB  CG2  sing N N 352 
THR CB  HB   sing N N 353 
THR OG1 HG1  sing N N 354 
THR CG2 HG21 sing N N 355 
THR CG2 HG22 sing N N 356 
THR CG2 HG23 sing N N 357 
THR OXT HXT  sing N N 358 
TRP N   CA   sing N N 359 
TRP N   H    sing N N 360 
TRP N   H2   sing N N 361 
TRP CA  C    sing N N 362 
TRP CA  CB   sing N N 363 
TRP CA  HA   sing N N 364 
TRP C   O    doub N N 365 
TRP C   OXT  sing N N 366 
TRP CB  CG   sing N N 367 
TRP CB  HB2  sing N N 368 
TRP CB  HB3  sing N N 369 
TRP CG  CD1  doub Y N 370 
TRP CG  CD2  sing Y N 371 
TRP CD1 NE1  sing Y N 372 
TRP CD1 HD1  sing N N 373 
TRP CD2 CE2  doub Y N 374 
TRP CD2 CE3  sing Y N 375 
TRP NE1 CE2  sing Y N 376 
TRP NE1 HE1  sing N N 377 
TRP CE2 CZ2  sing Y N 378 
TRP CE3 CZ3  doub Y N 379 
TRP CE3 HE3  sing N N 380 
TRP CZ2 CH2  doub Y N 381 
TRP CZ2 HZ2  sing N N 382 
TRP CZ3 CH2  sing Y N 383 
TRP CZ3 HZ3  sing N N 384 
TRP CH2 HH2  sing N N 385 
TRP OXT HXT  sing N N 386 
TYR N   CA   sing N N 387 
TYR N   H    sing N N 388 
TYR N   H2   sing N N 389 
TYR CA  C    sing N N 390 
TYR CA  CB   sing N N 391 
TYR CA  HA   sing N N 392 
TYR C   O    doub N N 393 
TYR C   OXT  sing N N 394 
TYR CB  CG   sing N N 395 
TYR CB  HB2  sing N N 396 
TYR CB  HB3  sing N N 397 
TYR CG  CD1  doub Y N 398 
TYR CG  CD2  sing Y N 399 
TYR CD1 CE1  sing Y N 400 
TYR CD1 HD1  sing N N 401 
TYR CD2 CE2  doub Y N 402 
TYR CD2 HD2  sing N N 403 
TYR CE1 CZ   doub Y N 404 
TYR CE1 HE1  sing N N 405 
TYR CE2 CZ   sing Y N 406 
TYR CE2 HE2  sing N N 407 
TYR CZ  OH   sing N N 408 
TYR OH  HH   sing N N 409 
TYR OXT HXT  sing N N 410 
VAL N   CA   sing N N 411 
VAL N   H    sing N N 412 
VAL N   H2   sing N N 413 
VAL CA  C    sing N N 414 
VAL CA  CB   sing N N 415 
VAL CA  HA   sing N N 416 
VAL C   O    doub N N 417 
VAL C   OXT  sing N N 418 
VAL CB  CG1  sing N N 419 
VAL CB  CG2  sing N N 420 
VAL CB  HB   sing N N 421 
VAL CG1 HG11 sing N N 422 
VAL CG1 HG12 sing N N 423 
VAL CG1 HG13 sing N N 424 
VAL CG2 HG21 sing N N 425 
VAL CG2 HG22 sing N N 426 
VAL CG2 HG23 sing N N 427 
VAL OXT HXT  sing N N 428 
# 
_pdbx_initial_refinement_model.accession_code   ? 
_pdbx_initial_refinement_model.id               1 
_pdbx_initial_refinement_model.entity_id_list   ? 
_pdbx_initial_refinement_model.type             'experimental model' 
_pdbx_initial_refinement_model.source_name      Other 
_pdbx_initial_refinement_model.details          Apo-BRD4_BD2 
# 
_atom_sites.entry_id                    5UVS 
_atom_sites.fract_transf_matrix[1][1]   -0.01170644 
_atom_sites.fract_transf_matrix[1][2]   0.01163162 
_atom_sites.fract_transf_matrix[1][3]   0.00602196 
_atom_sites.fract_transf_matrix[2][1]   -0.00131698 
_atom_sites.fract_transf_matrix[2][2]   -0.00724459 
_atom_sites.fract_transf_matrix[2][3]   0.01143303 
_atom_sites.fract_transf_matrix[3][1]   0.02199163 
_atom_sites.fract_transf_matrix[3][2]   0.01567821 
_atom_sites.fract_transf_matrix[3][3]   0.01246780 
_atom_sites.fract_transf_vector[1]      0.188185 
_atom_sites.fract_transf_vector[2]      -0.028997 
_atom_sites.fract_transf_vector[3]      -0.158237 
# 
loop_
_atom_type.symbol 
C 
H 
N 
O 
S 
# 
loop_
_atom_site.group_PDB 
_atom_site.id 
_atom_site.type_symbol 
_atom_site.label_atom_id 
_atom_site.label_alt_id 
_atom_site.label_comp_id 
_atom_site.label_asym_id 
_atom_site.label_entity_id 
_atom_site.label_seq_id 
_atom_site.pdbx_PDB_ins_code 
_atom_site.Cartn_x 
_atom_site.Cartn_y 
_atom_site.Cartn_z 
_atom_site.occupancy 
_atom_site.B_iso_or_equiv 
_atom_site.pdbx_formal_charge 
_atom_site.auth_seq_id 
_atom_site.auth_comp_id 
_atom_site.auth_asym_id 
_atom_site.auth_atom_id 
_atom_site.pdbx_PDB_model_num 
ATOM   1   N N    . SER A 1 1   ? -8.001  -20.141 8.420   1.00 83.73  ? 349 SER A N    1 
ATOM   2   C CA   . SER A 1 1   ? -9.318  -19.755 7.907   1.00 83.68  ? 349 SER A CA   1 
ATOM   3   C C    . SER A 1 1   ? -9.300  -18.351 7.284   1.00 86.84  ? 349 SER A C    1 
ATOM   4   O O    . SER A 1 1   ? -8.654  -17.451 7.827   1.00 86.12  ? 349 SER A O    1 
ATOM   5   C CB   . SER A 1 1   ? -10.373 -19.828 9.008   1.00 87.04  ? 349 SER A CB   1 
ATOM   6   O OG   . SER A 1 1   ? -11.623 -19.319 8.570   1.00 94.77  ? 349 SER A OG   1 
ATOM   7   N N    . HIS A 1 2   ? -10.061 -18.172 6.176   1.00 82.34  ? 350 HIS A N    1 
ATOM   8   C CA   . HIS A 1 2   ? -10.170 -16.921 5.417   1.00 81.80  ? 350 HIS A CA   1 
ATOM   9   C C    . HIS A 1 2   ? -10.665 -15.744 6.251   1.00 84.05  ? 350 HIS A C    1 
ATOM   10  O O    . HIS A 1 2   ? -10.086 -14.663 6.161   1.00 83.08  ? 350 HIS A O    1 
ATOM   11  C CB   . HIS A 1 2   ? -11.020 -17.106 4.145   1.00 82.60  ? 350 HIS A CB   1 
ATOM   12  C CG   . HIS A 1 2   ? -10.362 -17.931 3.075   1.00 86.11  ? 350 HIS A CG   1 
ATOM   13  N ND1  . HIS A 1 2   ? -11.024 -18.236 1.897   1.00 87.87  ? 350 HIS A ND1  1 
ATOM   14  C CD2  . HIS A 1 2   ? -9.123  -18.485 3.035   1.00 87.83  ? 350 HIS A CD2  1 
ATOM   15  C CE1  . HIS A 1 2   ? -10.174 -18.963 1.185   1.00 87.29  ? 350 HIS A CE1  1 
ATOM   16  N NE2  . HIS A 1 2   ? -9.018  -19.139 1.830   1.00 87.56  ? 350 HIS A NE2  1 
ATOM   17  N N    . MET A 1 3   ? -11.681 -15.968 7.100   1.00 79.94  ? 351 MET A N    1 
ATOM   18  C CA   . MET A 1 3   ? -12.250 -14.952 7.986   1.00 79.31  ? 351 MET A CA   1 
ATOM   19  C C    . MET A 1 3   ? -11.199 -14.448 8.987   1.00 77.87  ? 351 MET A C    1 
ATOM   20  O O    . MET A 1 3   ? -11.074 -13.237 9.171   1.00 76.71  ? 351 MET A O    1 
ATOM   21  C CB   . MET A 1 3   ? -13.477 -15.522 8.712   1.00 82.58  ? 351 MET A CB   1 
ATOM   22  C CG   . MET A 1 3   ? -14.264 -14.493 9.485   1.00 87.54  ? 351 MET A CG   1 
ATOM   23  S SD   . MET A 1 3   ? -15.454 -15.283 10.597  1.00 93.26  ? 351 MET A SD   1 
ATOM   24  C CE   . MET A 1 3   ? -16.235 -13.808 11.329  1.00 90.02  ? 351 MET A CE   1 
ATOM   25  N N    . GLU A 1 4   ? -10.444 -15.385 9.606   1.00 71.19  ? 352 GLU A N    1 
ATOM   26  C CA   . GLU A 1 4   ? -9.381  -15.140 10.592  1.00 69.57  ? 352 GLU A CA   1 
ATOM   27  C C    . GLU A 1 4   ? -8.204  -14.392 9.942   1.00 68.78  ? 352 GLU A C    1 
ATOM   28  O O    . GLU A 1 4   ? -7.748  -13.381 10.491  1.00 66.65  ? 352 GLU A O    1 
ATOM   29  C CB   . GLU A 1 4   ? -8.901  -16.470 11.211  1.00 71.41  ? 352 GLU A CB   1 
ATOM   30  C CG   . GLU A 1 4   ? -10.000 -17.304 11.868  1.00 85.60  ? 352 GLU A CG   1 
ATOM   31  C CD   . GLU A 1 4   ? -9.615  -18.684 12.382  1.00 116.98 ? 352 GLU A CD   1 
ATOM   32  O OE1  . GLU A 1 4   ? -8.651  -19.284 11.851  1.00 118.56 ? 352 GLU A OE1  1 
ATOM   33  O OE2  . GLU A 1 4   ? -10.313 -19.185 13.294  1.00 113.32 ? 352 GLU A OE2  1 
ATOM   34  N N    . GLN A 1 5   ? -7.751  -14.879 8.745   1.00 62.68  ? 353 GLN A N    1 
ATOM   35  C CA   . GLN A 1 5   ? -6.691  -14.287 7.909   1.00 60.74  ? 353 GLN A CA   1 
ATOM   36  C C    . GLN A 1 5   ? -7.000  -12.823 7.570   1.00 61.24  ? 353 GLN A C    1 
ATOM   37  O O    . GLN A 1 5   ? -6.125  -11.958 7.687   1.00 60.97  ? 353 GLN A O    1 
ATOM   38  C CB   . GLN A 1 5   ? -6.520  -15.073 6.604   1.00 61.77  ? 353 GLN A CB   1 
ATOM   39  C CG   . GLN A 1 5   ? -5.702  -16.349 6.741   1.00 81.27  ? 353 GLN A CG   1 
ATOM   40  C CD   . GLN A 1 5   ? -5.075  -16.773 5.437   1.00 106.51 ? 353 GLN A CD   1 
ATOM   41  O OE1  . GLN A 1 5   ? -3.866  -17.026 5.369   1.00 104.08 ? 353 GLN A OE1  1 
ATOM   42  N NE2  . GLN A 1 5   ? -5.873  -16.862 4.370   1.00 97.37  ? 353 GLN A NE2  1 
ATOM   43  N N    . LEU A 1 6   ? -8.259  -12.551 7.197   1.00 55.21  ? 354 LEU A N    1 
ATOM   44  C CA   . LEU A 1 6   ? -8.731  -11.220 6.842   1.00 54.12  ? 354 LEU A CA   1 
ATOM   45  C C    . LEU A 1 6   ? -8.785  -10.265 8.049   1.00 56.25  ? 354 LEU A C    1 
ATOM   46  O O    . LEU A 1 6   ? -8.611  -9.056  7.865   1.00 55.21  ? 354 LEU A O    1 
ATOM   47  C CB   . LEU A 1 6   ? -10.062 -11.278 6.068   1.00 53.96  ? 354 LEU A CB   1 
ATOM   48  C CG   . LEU A 1 6   ? -9.947  -11.851 4.643   1.00 58.75  ? 354 LEU A CG   1 
ATOM   49  C CD1  . LEU A 1 6   ? -11.316 -12.281 4.094   1.00 59.09  ? 354 LEU A CD1  1 
ATOM   50  C CD2  . LEU A 1 6   ? -9.220  -10.885 3.690   1.00 59.26  ? 354 LEU A CD2  1 
ATOM   51  N N    . LYS A 1 7   ? -8.926  -10.795 9.274   1.00 53.34  ? 355 LYS A N    1 
ATOM   52  C CA   . LYS A 1 7   ? -8.887  -9.948  10.478  1.00 53.95  ? 355 LYS A CA   1 
ATOM   53  C C    . LYS A 1 7   ? -7.425  -9.593  10.815  1.00 57.72  ? 355 LYS A C    1 
ATOM   54  O O    . LYS A 1 7   ? -7.173  -8.550  11.420  1.00 56.00  ? 355 LYS A O    1 
ATOM   55  C CB   . LYS A 1 7   ? -9.598  -10.604 11.677  1.00 57.24  ? 355 LYS A CB   1 
ATOM   56  C CG   . LYS A 1 7   ? -11.104 -10.804 11.483  1.00 77.01  ? 355 LYS A CG   1 
ATOM   57  C CD   . LYS A 1 7   ? -11.783 -11.253 12.780  1.00 91.44  ? 355 LYS A CD   1 
ATOM   58  C CE   . LYS A 1 7   ? -12.976 -12.147 12.537  1.00 105.16 ? 355 LYS A CE   1 
ATOM   59  N NZ   . LYS A 1 7   ? -12.573 -13.566 12.359  1.00 114.47 ? 355 LYS A NZ   1 
ATOM   60  N N    . CYS A 1 8   ? -6.463  -10.460 10.414  1.00 56.49  ? 356 CYS A N    1 
ATOM   61  C CA   . CYS A 1 8   ? -5.032  -10.201 10.597  1.00 57.63  ? 356 CYS A CA   1 
ATOM   62  C C    . CYS A 1 8   ? -4.610  -9.120  9.597   1.00 55.28  ? 356 CYS A C    1 
ATOM   63  O O    . CYS A 1 8   ? -3.871  -8.215  9.971   1.00 51.78  ? 356 CYS A O    1 
ATOM   64  C CB   . CYS A 1 8   ? -4.211  -11.475 10.439  1.00 60.40  ? 356 CYS A CB   1 
ATOM   65  S SG   . CYS A 1 8   ? -4.666  -12.791 11.601  1.00 66.07  ? 356 CYS A SG   1 
ATOM   66  N N    . CYS A 1 9   ? -5.166  -9.177  8.350   1.00 52.13  ? 357 CYS A N    1 
ATOM   67  C CA   . CYS A 1 9   ? -4.969  -8.189  7.280   1.00 51.33  ? 357 CYS A CA   1 
ATOM   68  C C    . CYS A 1 9   ? -5.401  -6.820  7.740   1.00 53.29  ? 357 CYS A C    1 
ATOM   69  O O    . CYS A 1 9   ? -4.652  -5.861  7.568   1.00 54.28  ? 357 CYS A O    1 
ATOM   70  C CB   . CYS A 1 9   ? -5.707  -8.605  6.018   1.00 52.25  ? 357 CYS A CB   1 
ATOM   71  S SG   . CYS A 1 9   ? -4.997  -10.050 5.211   1.00 56.76  ? 357 CYS A SG   1 
ATOM   72  N N    . SER A 1 10  ? -6.557  -6.742  8.419   1.00 47.77  ? 358 SER A N    1 
ATOM   73  C CA   . SER A 1 10  ? -7.075  -5.500  8.979   1.00 46.93  ? 358 SER A CA   1 
ATOM   74  C C    . SER A 1 10  ? -6.134  -4.967  10.028  1.00 50.22  ? 358 SER A C    1 
ATOM   75  O O    . SER A 1 10  ? -5.928  -3.757  10.072  1.00 51.77  ? 358 SER A O    1 
ATOM   76  C CB   . SER A 1 10  ? -8.468  -5.698  9.567   1.00 51.41  ? 358 SER A CB   1 
ATOM   77  O OG   . SER A 1 10  ? -9.352  -6.198  8.578   1.00 64.60  ? 358 SER A OG   1 
ATOM   78  N N    . GLY A 1 11  ? -5.535  -5.866  10.824  1.00 45.34  ? 359 GLY A N    1 
ATOM   79  C CA   . GLY A 1 11  ? -4.547  -5.531  11.856  1.00 43.15  ? 359 GLY A CA   1 
ATOM   80  C C    . GLY A 1 11  ? -3.239  -5.005  11.275  1.00 44.23  ? 359 GLY A C    1 
ATOM   81  O O    . GLY A 1 11  ? -2.640  -4.056  11.805  1.00 42.44  ? 359 GLY A O    1 
ATOM   82  N N    . ILE A 1 12  ? -2.780  -5.626  10.179  1.00 41.55  ? 360 ILE A N    1 
ATOM   83  C CA   . ILE A 1 12  ? -1.550  -5.238  9.467   1.00 40.63  ? 360 ILE A CA   1 
ATOM   84  C C    . ILE A 1 12  ? -1.713  -3.835  8.921   1.00 43.80  ? 360 ILE A C    1 
ATOM   85  O O    . ILE A 1 12  ? -0.864  -2.982  9.157   1.00 42.47  ? 360 ILE A O    1 
ATOM   86  C CB   . ILE A 1 12  ? -1.191  -6.281  8.368   1.00 43.70  ? 360 ILE A CB   1 
ATOM   87  C CG1  . ILE A 1 12  ? -0.651  -7.576  9.026   1.00 44.01  ? 360 ILE A CG1  1 
ATOM   88  C CG2  . ILE A 1 12  ? -0.165  -5.709  7.350   1.00 43.13  ? 360 ILE A CG2  1 
ATOM   89  C CD1  . ILE A 1 12  ? -0.539  -8.783  8.091   1.00 51.91  ? 360 ILE A CD1  1 
ATOM   90  N N    . LEU A 1 13  ? -2.851  -3.577  8.259   1.00 42.31  ? 361 LEU A N    1 
ATOM   91  C CA   . LEU A 1 13  ? -3.125  -2.290  7.672   1.00 42.41  ? 361 LEU A CA   1 
ATOM   92  C C    . LEU A 1 13  ? -3.275  -1.219  8.716   1.00 46.05  ? 361 LEU A C    1 
ATOM   93  O O    . LEU A 1 13  ? -2.819  -0.103  8.486   1.00 45.39  ? 361 LEU A O    1 
ATOM   94  C CB   . LEU A 1 13  ? -4.325  -2.367  6.723   1.00 42.95  ? 361 LEU A CB   1 
ATOM   95  C CG   . LEU A 1 13  ? -4.601  -1.121  5.879   1.00 48.12  ? 361 LEU A CG   1 
ATOM   96  C CD1  . LEU A 1 13  ? -3.548  -0.928  4.745   1.00 47.16  ? 361 LEU A CD1  1 
ATOM   97  C CD2  . LEU A 1 13  ? -5.981  -1.172  5.353   1.00 50.12  ? 361 LEU A CD2  1 
ATOM   98  N N    . LYS A 1 14  ? -3.834  -1.569  9.893   1.00 44.73  ? 362 LYS A N    1 
ATOM   99  C CA   . LYS A 1 14  ? -3.987  -0.645  11.026  1.00 44.66  ? 362 LYS A CA   1 
ATOM   100 C C    . LYS A 1 14  ? -2.601  -0.256  11.584  1.00 46.58  ? 362 LYS A C    1 
ATOM   101 O O    . LYS A 1 14  ? -2.422  0.882   12.013  1.00 46.44  ? 362 LYS A O    1 
ATOM   102 C CB   . LYS A 1 14  ? -4.864  -1.263  12.132  1.00 47.79  ? 362 LYS A CB   1 
ATOM   103 C CG   . LYS A 1 14  ? -5.340  -0.235  13.165  1.00 57.47  ? 362 LYS A CG   1 
ATOM   104 C CD   . LYS A 1 14  ? -5.554  -0.845  14.553  1.00 65.75  ? 362 LYS A CD   1 
ATOM   105 C CE   . LYS A 1 14  ? -5.869  0.230   15.570  1.00 77.29  ? 362 LYS A CE   1 
ATOM   106 N NZ   . LYS A 1 14  ? -5.430  -0.146  16.944  1.00 93.04  ? 362 LYS A NZ   1 
ATOM   107 N N    . GLU A 1 15  ? -1.621  -1.183  11.565  1.00 42.27  ? 363 GLU A N    1 
ATOM   108 C CA   . GLU A 1 15  ? -0.258  -0.839  12.019  1.00 41.65  ? 363 GLU A CA   1 
ATOM   109 C C    . GLU A 1 15  ? 0.420   0.100   10.997  1.00 44.96  ? 363 GLU A C    1 
ATOM   110 O O    . GLU A 1 15  ? 1.063   1.073   11.387  1.00 45.88  ? 363 GLU A O    1 
ATOM   111 C CB   . GLU A 1 15  ? 0.617   -2.069  12.274  1.00 42.88  ? 363 GLU A CB   1 
ATOM   112 C CG   . GLU A 1 15  ? 1.955   -1.632  12.864  1.00 52.41  ? 363 GLU A CG   1 
ATOM   113 C CD   . GLU A 1 15  ? 2.992   -2.686  13.177  1.00 65.91  ? 363 GLU A CD   1 
ATOM   114 O OE1  . GLU A 1 15  ? 2.594   -3.834  13.485  1.00 68.55  ? 363 GLU A OE1  1 
ATOM   115 O OE2  . GLU A 1 15  ? 4.197   -2.339  13.209  1.00 50.35  ? 363 GLU A OE2  1 
ATOM   116 N N    . MET A 1 16  ? 0.222   -0.155  9.691   1.00 38.04  ? 364 MET A N    1 
ATOM   117 C CA   . MET A 1 16  ? 0.807   0.693   8.657   1.00 37.03  ? 364 MET A CA   1 
ATOM   118 C C    . MET A 1 16  ? 0.299   2.146   8.713   1.00 43.58  ? 364 MET A C    1 
ATOM   119 O O    . MET A 1 16  ? 1.010   3.050   8.291   1.00 42.89  ? 364 MET A O    1 
ATOM   120 C CB   . MET A 1 16  ? 0.562   0.072   7.297   1.00 39.02  ? 364 MET A CB   1 
ATOM   121 C CG   . MET A 1 16  ? 1.321   -1.228  7.103   1.00 42.22  ? 364 MET A CG   1 
ATOM   122 S SD   . MET A 1 16  ? 0.688   -2.100  5.677   1.00 46.98  ? 364 MET A SD   1 
ATOM   123 C CE   . MET A 1 16  ? 1.234   -1.016  4.351   1.00 43.13  ? 364 MET A CE   1 
ATOM   124 N N    . PHE A 1 17  ? -0.920  2.356   9.273   1.00 42.02  ? 365 PHE A N    1 
ATOM   125 C CA   . PHE A 1 17  ? -1.621  3.637   9.441   1.00 41.85  ? 365 PHE A CA   1 
ATOM   126 C C    . PHE A 1 17  ? -1.309  4.324   10.773  1.00 49.68  ? 365 PHE A C    1 
ATOM   127 O O    . PHE A 1 17  ? -1.705  5.474   10.954  1.00 50.79  ? 365 PHE A O    1 
ATOM   128 C CB   . PHE A 1 17  ? -3.156  3.406   9.351   1.00 43.16  ? 365 PHE A CB   1 
ATOM   129 C CG   . PHE A 1 17  ? -3.799  3.750   8.030   1.00 44.03  ? 365 PHE A CG   1 
ATOM   130 C CD1  . PHE A 1 17  ? -4.528  2.801   7.327   1.00 46.03  ? 365 PHE A CD1  1 
ATOM   131 C CD2  . PHE A 1 17  ? -3.659  5.024   7.476   1.00 44.99  ? 365 PHE A CD2  1 
ATOM   132 C CE1  . PHE A 1 17  ? -5.139  3.130   6.113   1.00 46.08  ? 365 PHE A CE1  1 
ATOM   133 C CE2  . PHE A 1 17  ? -4.232  5.332   6.243   1.00 47.10  ? 365 PHE A CE2  1 
ATOM   134 C CZ   . PHE A 1 17  ? -4.974  4.387   5.575   1.00 44.96  ? 365 PHE A CZ   1 
ATOM   135 N N    . ALA A 1 18  ? -0.633  3.617   11.710  1.00 48.21  ? 366 ALA A N    1 
ATOM   136 C CA   . ALA A 1 18  ? -0.254  4.094   13.051  1.00 48.31  ? 366 ALA A CA   1 
ATOM   137 C C    . ALA A 1 18  ? 0.858   5.129   13.027  1.00 52.64  ? 366 ALA A C    1 
ATOM   138 O O    . ALA A 1 18  ? 1.702   5.090   12.133  1.00 50.84  ? 366 ALA A O    1 
ATOM   139 C CB   . ALA A 1 18  ? 0.179   2.919   13.900  1.00 49.12  ? 366 ALA A CB   1 
ATOM   140 N N    . LYS A 1 19  ? 0.897   6.010   14.062  1.00 50.71  ? 367 LYS A N    1 
ATOM   141 C CA   . LYS A 1 19  ? 1.862   7.106   14.251  1.00 51.18  ? 367 LYS A CA   1 
ATOM   142 C C    . LYS A 1 19  ? 3.324   6.646   14.274  1.00 52.77  ? 367 LYS A C    1 
ATOM   143 O O    . LYS A 1 19  ? 4.195   7.380   13.819  1.00 52.50  ? 367 LYS A O    1 
ATOM   144 C CB   . LYS A 1 19  ? 1.529   7.931   15.515  1.00 56.24  ? 367 LYS A CB   1 
ATOM   145 C CG   . LYS A 1 19  ? 0.169   8.630   15.464  1.00 73.55  ? 367 LYS A CG   1 
ATOM   146 C CD   . LYS A 1 19  ? -0.222  9.220   16.816  1.00 86.23  ? 367 LYS A CD   1 
ATOM   147 C CE   . LYS A 1 19  ? -1.675  9.638   16.868  1.00 98.96  ? 367 LYS A CE   1 
ATOM   148 N NZ   . LYS A 1 19  ? -2.595  8.470   16.981  1.00 105.83 ? 367 LYS A NZ   1 
ATOM   149 N N    . LYS A 1 20  ? 3.577   5.421   14.774  1.00 48.35  ? 368 LYS A N    1 
ATOM   150 C CA   . LYS A 1 20  ? 4.886   4.755   14.821  1.00 47.65  ? 368 LYS A CA   1 
ATOM   151 C C    . LYS A 1 20  ? 5.597   4.815   13.442  1.00 50.39  ? 368 LYS A C    1 
ATOM   152 O O    . LYS A 1 20  ? 6.778   5.157   13.386  1.00 52.42  ? 368 LYS A O    1 
ATOM   153 C CB   . LYS A 1 20  ? 4.684   3.292   15.260  1.00 50.02  ? 368 LYS A CB   1 
ATOM   154 C CG   . LYS A 1 20  ? 5.954   2.447   15.367  1.00 66.46  ? 368 LYS A CG   1 
ATOM   155 C CD   . LYS A 1 20  ? 5.588   1.000   15.657  1.00 77.46  ? 368 LYS A CD   1 
ATOM   156 C CE   . LYS A 1 20  ? 6.778   0.083   15.812  1.00 87.57  ? 368 LYS A CE   1 
ATOM   157 N NZ   . LYS A 1 20  ? 6.353   -1.318  16.104  1.00 94.66  ? 368 LYS A NZ   1 
ATOM   158 N N    . HIS A 1 21  ? 4.846   4.558   12.342  1.00 41.96  ? 369 HIS A N    1 
ATOM   159 C CA   . HIS A 1 21  ? 5.337   4.505   10.963  1.00 39.99  ? 369 HIS A CA   1 
ATOM   160 C C    . HIS A 1 21  ? 4.999   5.704   10.101  1.00 45.57  ? 369 HIS A C    1 
ATOM   161 O O    . HIS A 1 21  ? 5.375   5.723   8.931   1.00 45.88  ? 369 HIS A O    1 
ATOM   162 C CB   . HIS A 1 21  ? 4.801   3.223   10.284  1.00 38.97  ? 369 HIS A CB   1 
ATOM   163 C CG   . HIS A 1 21  ? 5.057   1.973   11.064  1.00 41.39  ? 369 HIS A CG   1 
ATOM   164 N ND1  . HIS A 1 21  ? 6.341   1.599   11.434  1.00 42.66  ? 369 HIS A ND1  1 
ATOM   165 C CD2  . HIS A 1 21  ? 4.181   1.060   11.547  1.00 42.47  ? 369 HIS A CD2  1 
ATOM   166 C CE1  . HIS A 1 21  ? 6.209   0.466   12.105  1.00 41.85  ? 369 HIS A CE1  1 
ATOM   167 N NE2  . HIS A 1 21  ? 4.926   0.105   12.208  1.00 42.10  ? 369 HIS A NE2  1 
ATOM   168 N N    . ALA A 1 22  ? 4.307   6.698   10.658  1.00 45.07  ? 370 ALA A N    1 
ATOM   169 C CA   . ALA A 1 22  ? 3.806   7.879   9.952   1.00 46.80  ? 370 ALA A CA   1 
ATOM   170 C C    . ALA A 1 22  ? 4.837   8.647   9.133   1.00 48.78  ? 370 ALA A C    1 
ATOM   171 O O    . ALA A 1 22  ? 4.530   9.030   8.006   1.00 47.18  ? 370 ALA A O    1 
ATOM   172 C CB   . ALA A 1 22  ? 3.100   8.827   10.927  1.00 48.18  ? 370 ALA A CB   1 
ATOM   173 N N    . ALA A 1 23  ? 6.051   8.872   9.675   1.00 45.24  ? 371 ALA A N    1 
ATOM   174 C CA   . ALA A 1 23  ? 7.085   9.637   8.959   1.00 43.67  ? 371 ALA A CA   1 
ATOM   175 C C    . ALA A 1 23  ? 7.379   9.139   7.555   1.00 45.04  ? 371 ALA A C    1 
ATOM   176 O O    . ALA A 1 23  ? 7.822   9.922   6.726   1.00 46.70  ? 371 ALA A O    1 
ATOM   177 C CB   . ALA A 1 23  ? 8.370   9.706   9.775   1.00 44.53  ? 371 ALA A CB   1 
ATOM   178 N N    . TYR A 1 24  ? 7.125   7.851   7.267   1.00 40.82  ? 372 TYR A N    1 
ATOM   179 C CA   . TYR A 1 24  ? 7.368   7.310   5.926   1.00 39.19  ? 372 TYR A CA   1 
ATOM   180 C C    . TYR A 1 24  ? 6.111   6.677   5.257   1.00 43.54  ? 372 TYR A C    1 
ATOM   181 O O    . TYR A 1 24  ? 6.147   6.409   4.054   1.00 42.01  ? 372 TYR A O    1 
ATOM   182 C CB   . TYR A 1 24  ? 8.559   6.340   5.929   1.00 39.11  ? 372 TYR A CB   1 
ATOM   183 C CG   . TYR A 1 24  ? 8.541   5.329   7.050   1.00 39.57  ? 372 TYR A CG   1 
ATOM   184 C CD1  . TYR A 1 24  ? 7.854   4.122   6.919   1.00 41.18  ? 372 TYR A CD1  1 
ATOM   185 C CD2  . TYR A 1 24  ? 9.268   5.544   8.222   1.00 39.52  ? 372 TYR A CD2  1 
ATOM   186 C CE1  . TYR A 1 24  ? 7.851   3.173   7.942   1.00 39.74  ? 372 TYR A CE1  1 
ATOM   187 C CE2  . TYR A 1 24  ? 9.266   4.605   9.255   1.00 39.65  ? 372 TYR A CE2  1 
ATOM   188 C CZ   . TYR A 1 24  ? 8.555   3.423   9.109   1.00 44.16  ? 372 TYR A CZ   1 
ATOM   189 O OH   . TYR A 1 24  ? 8.584   2.478   10.099  1.00 46.10  ? 372 TYR A OH   1 
ATOM   190 N N    . ALA A 1 25  ? 5.011   6.431   6.017   1.00 40.39  ? 373 ALA A N    1 
ATOM   191 C CA   . ALA A 1 25  ? 3.812   5.858   5.392   1.00 39.83  ? 373 ALA A CA   1 
ATOM   192 C C    . ALA A 1 25  ? 2.853   6.913   4.814   1.00 43.39  ? 373 ALA A C    1 
ATOM   193 O O    . ALA A 1 25  ? 2.040   6.562   3.967   1.00 42.59  ? 373 ALA A O    1 
ATOM   194 C CB   . ALA A 1 25  ? 3.068   4.960   6.375   1.00 40.40  ? 373 ALA A CB   1 
ATOM   195 N N    . TRP A 1 26  ? 2.955   8.198   5.244   1.00 41.95  ? 374 TRP A N    1 
ATOM   196 C CA   . TRP A 1 26  ? 2.021   9.257   4.828   1.00 42.97  ? 374 TRP A CA   1 
ATOM   197 C C    . TRP A 1 26  ? 1.865   9.418   3.290   1.00 46.28  ? 374 TRP A C    1 
ATOM   198 O O    . TRP A 1 26  ? 0.707   9.584   2.899   1.00 47.22  ? 374 TRP A O    1 
ATOM   199 C CB   . TRP A 1 26  ? 2.264   10.611  5.532   1.00 42.47  ? 374 TRP A CB   1 
ATOM   200 C CG   . TRP A 1 26  ? 3.467   11.358  5.075   1.00 44.27  ? 374 TRP A CG   1 
ATOM   201 C CD1  . TRP A 1 26  ? 4.739   11.242  5.560   1.00 47.29  ? 374 TRP A CD1  1 
ATOM   202 C CD2  . TRP A 1 26  ? 3.530   12.295  3.996   1.00 44.26  ? 374 TRP A CD2  1 
ATOM   203 N NE1  . TRP A 1 26  ? 5.591   12.029  4.834   1.00 47.31  ? 374 TRP A NE1  1 
ATOM   204 C CE2  . TRP A 1 26  ? 4.871   12.718  3.890   1.00 48.34  ? 374 TRP A CE2  1 
ATOM   205 C CE3  . TRP A 1 26  ? 2.573   12.835  3.114   1.00 45.35  ? 374 TRP A CE3  1 
ATOM   206 C CZ2  . TRP A 1 26  ? 5.283   13.664  2.949   1.00 47.74  ? 374 TRP A CZ2  1 
ATOM   207 C CZ3  . TRP A 1 26  ? 2.981   13.773  2.183   1.00 47.10  ? 374 TRP A CZ3  1 
ATOM   208 C CH2  . TRP A 1 26  ? 4.320   14.185  2.109   1.00 47.93  ? 374 TRP A CH2  1 
ATOM   209 N N    . PRO A 1 27  ? 2.860   9.246   2.367   1.00 41.41  ? 375 PRO A N    1 
ATOM   210 C CA   . PRO A 1 27  ? 2.508   9.334   0.924   1.00 39.87  ? 375 PRO A CA   1 
ATOM   211 C C    . PRO A 1 27  ? 1.666   8.174   0.387   1.00 42.46  ? 375 PRO A C    1 
ATOM   212 O O    . PRO A 1 27  ? 1.280   8.180   -0.786  1.00 42.74  ? 375 PRO A O    1 
ATOM   213 C CB   . PRO A 1 27  ? 3.867   9.401   0.202   1.00 41.93  ? 375 PRO A CB   1 
ATOM   214 C CG   . PRO A 1 27  ? 4.899   9.624   1.283   1.00 46.46  ? 375 PRO A CG   1 
ATOM   215 C CD   . PRO A 1 27  ? 4.316   9.060   2.556   1.00 41.78  ? 375 PRO A CD   1 
ATOM   216 N N    . PHE A 1 28  ? 1.358   7.179   1.226   1.00 37.75  ? 376 PHE A N    1 
ATOM   217 C CA   . PHE A 1 28  ? 0.601   6.002   0.770   1.00 36.31  ? 376 PHE A CA   1 
ATOM   218 C C    . PHE A 1 28  ? -0.798  5.952   1.376   1.00 38.79  ? 376 PHE A C    1 
ATOM   219 O O    . PHE A 1 28  ? -1.544  5.041   1.093   1.00 38.23  ? 376 PHE A O    1 
ATOM   220 C CB   . PHE A 1 28  ? 1.407   4.707   1.068   1.00 37.44  ? 376 PHE A CB   1 
ATOM   221 C CG   . PHE A 1 28  ? 2.809   4.765   0.513   1.00 37.98  ? 376 PHE A CG   1 
ATOM   222 C CD1  . PHE A 1 28  ? 3.069   4.412   -0.807  1.00 39.82  ? 376 PHE A CD1  1 
ATOM   223 C CD2  . PHE A 1 28  ? 3.875   5.167   1.313   1.00 38.87  ? 376 PHE A CD2  1 
ATOM   224 C CE1  . PHE A 1 28  ? 4.366   4.497   -1.331  1.00 39.49  ? 376 PHE A CE1  1 
ATOM   225 C CE2  . PHE A 1 28  ? 5.170   5.251   0.788   1.00 41.51  ? 376 PHE A CE2  1 
ATOM   226 C CZ   . PHE A 1 28  ? 5.401   4.936   -0.537  1.00 38.78  ? 376 PHE A CZ   1 
ATOM   227 N N    . TYR A 1 29  ? -1.141  6.927   2.214   1.00 38.43  ? 377 TYR A N    1 
ATOM   228 C CA   . TYR A 1 29  ? -2.419  6.987   2.917   1.00 39.48  ? 377 TYR A CA   1 
ATOM   229 C C    . TYR A 1 29  ? -3.606  7.152   1.996   1.00 44.66  ? 377 TYR A C    1 
ATOM   230 O O    . TYR A 1 29  ? -4.636  6.551   2.246   1.00 43.23  ? 377 TYR A O    1 
ATOM   231 C CB   . TYR A 1 29  ? -2.447  8.172   3.894   1.00 40.37  ? 377 TYR A CB   1 
ATOM   232 C CG   . TYR A 1 29  ? -1.656  8.004   5.165   1.00 42.46  ? 377 TYR A CG   1 
ATOM   233 C CD1  . TYR A 1 29  ? -1.006  6.805   5.460   1.00 44.41  ? 377 TYR A CD1  1 
ATOM   234 C CD2  . TYR A 1 29  ? -1.531  9.051   6.067   1.00 43.58  ? 377 TYR A CD2  1 
ATOM   235 C CE1  . TYR A 1 29  ? -0.268  6.653   6.638   1.00 44.51  ? 377 TYR A CE1  1 
ATOM   236 C CE2  . TYR A 1 29  ? -0.790  8.913   7.238   1.00 44.17  ? 377 TYR A CE2  1 
ATOM   237 C CZ   . TYR A 1 29  ? -0.154  7.719   7.515   1.00 49.08  ? 377 TYR A CZ   1 
ATOM   238 O OH   . TYR A 1 29  ? 0.565   7.619   8.678   1.00 47.27  ? 377 TYR A OH   1 
ATOM   239 N N    . LYS A 1 30  ? -3.478  8.011   0.982   1.00 43.27  ? 378 LYS A N    1 
ATOM   240 C CA   . LYS A 1 30  ? -4.573  8.363   0.085   1.00 43.74  ? 378 LYS A CA   1 
ATOM   241 C C    . LYS A 1 30  ? -4.127  8.159   -1.336  1.00 47.75  ? 378 LYS A C    1 
ATOM   242 O O    . LYS A 1 30  ? -2.921  8.040   -1.550  1.00 46.28  ? 378 LYS A O    1 
ATOM   243 C CB   . LYS A 1 30  ? -4.979  9.839   0.320   1.00 46.92  ? 378 LYS A CB   1 
ATOM   244 C CG   . LYS A 1 30  ? -5.717  10.091  1.638   1.00 59.38  ? 378 LYS A CG   1 
ATOM   245 C CD   . LYS A 1 30  ? -7.236  9.887   1.544   1.00 83.13  ? 378 LYS A CD   1 
ATOM   246 C CE   . LYS A 1 30  ? -7.978  11.122  1.068   1.00 103.66 ? 378 LYS A CE   1 
ATOM   247 N NZ   . LYS A 1 30  ? -9.439  10.879  0.928   1.00 113.05 ? 378 LYS A NZ   1 
ATOM   248 N N    . PRO A 1 31  ? -5.047  8.081   -2.338  1.00 46.53  ? 379 PRO A N    1 
ATOM   249 C CA   . PRO A 1 31  ? -4.581  7.889   -3.731  1.00 46.76  ? 379 PRO A CA   1 
ATOM   250 C C    . PRO A 1 31  ? -3.662  9.017   -4.203  1.00 50.46  ? 379 PRO A C    1 
ATOM   251 O O    . PRO A 1 31  ? -3.756  10.149  -3.706  1.00 48.98  ? 379 PRO A O    1 
ATOM   252 C CB   . PRO A 1 31  ? -5.882  7.849   -4.551  1.00 49.05  ? 379 PRO A CB   1 
ATOM   253 C CG   . PRO A 1 31  ? -6.987  7.558   -3.542  1.00 52.98  ? 379 PRO A CG   1 
ATOM   254 C CD   . PRO A 1 31  ? -6.524  8.182   -2.261  1.00 47.89  ? 379 PRO A CD   1 
ATOM   255 N N    . VAL A 1 32  ? -2.751  8.701   -5.143  1.00 48.38  ? 380 VAL A N    1 
ATOM   256 C CA   . VAL A 1 32  ? -1.833  9.701   -5.686  1.00 48.76  ? 380 VAL A CA   1 
ATOM   257 C C    . VAL A 1 32  ? -2.660  10.751  -6.461  1.00 54.36  ? 380 VAL A C    1 
ATOM   258 O O    . VAL A 1 32  ? -3.400  10.389  -7.371  1.00 52.31  ? 380 VAL A O    1 
ATOM   259 C CB   . VAL A 1 32  ? -0.673  9.114   -6.548  1.00 52.03  ? 380 VAL A CB   1 
ATOM   260 C CG1  . VAL A 1 32  ? 0.293   10.212  -6.984  1.00 51.45  ? 380 VAL A CG1  1 
ATOM   261 C CG2  . VAL A 1 32  ? 0.087   8.021   -5.804  1.00 51.86  ? 380 VAL A CG2  1 
ATOM   262 N N    . ASP A 1 33  ? -2.562  12.032  -6.039  1.00 55.10  ? 381 ASP A N    1 
ATOM   263 C CA   . ASP A 1 33  ? -3.231  13.188  -6.665  1.00 56.84  ? 381 ASP A CA   1 
ATOM   264 C C    . ASP A 1 33  ? -2.555  13.478  -8.024  1.00 62.43  ? 381 ASP A C    1 
ATOM   265 O O    . ASP A 1 33  ? -1.506  14.118  -8.066  1.00 60.64  ? 381 ASP A O    1 
ATOM   266 C CB   . ASP A 1 33  ? -3.151  14.425  -5.730  1.00 59.21  ? 381 ASP A CB   1 
ATOM   267 C CG   . ASP A 1 33  ? -4.201  15.508  -5.978  1.00 72.42  ? 381 ASP A CG   1 
ATOM   268 O OD1  . ASP A 1 33  ? -4.536  15.758  -7.165  1.00 73.12  ? 381 ASP A OD1  1 
ATOM   269 O OD2  . ASP A 1 33  ? -4.652  16.142  -4.987  1.00 76.80  ? 381 ASP A OD2  1 
ATOM   270 N N    . VAL A 1 34  ? -3.157  13.001  -9.126  1.00 63.12  ? 382 VAL A N    1 
ATOM   271 C CA   . VAL A 1 34  ? -2.591  13.156  -10.476 1.00 65.72  ? 382 VAL A CA   1 
ATOM   272 C C    . VAL A 1 34  ? -2.774  14.600  -11.055 1.00 74.38  ? 382 VAL A C    1 
ATOM   273 O O    . VAL A 1 34  ? -2.446  14.838  -12.224 1.00 75.05  ? 382 VAL A O    1 
ATOM   274 C CB   . VAL A 1 34  ? -3.066  12.053  -11.464 1.00 70.32  ? 382 VAL A CB   1 
ATOM   275 C CG1  . VAL A 1 34  ? -2.743  10.660  -10.924 1.00 70.14  ? 382 VAL A CG1  1 
ATOM   276 C CG2  . VAL A 1 34  ? -4.553  12.175  -11.799 1.00 70.59  ? 382 VAL A CG2  1 
ATOM   277 N N    . GLU A 1 35  ? -3.264  15.547  -10.230 1.00 72.46  ? 383 GLU A N    1 
ATOM   278 C CA   . GLU A 1 35  ? -3.449  16.956  -10.600 1.00 72.85  ? 383 GLU A CA   1 
ATOM   279 C C    . GLU A 1 35  ? -2.411  17.810  -9.861  1.00 77.44  ? 383 GLU A C    1 
ATOM   280 O O    . GLU A 1 35  ? -2.495  19.036  -9.868  1.00 76.52  ? 383 GLU A O    1 
ATOM   281 C CB   . GLU A 1 35  ? -4.889  17.437  -10.312 1.00 74.35  ? 383 GLU A CB   1 
ATOM   282 C CG   . GLU A 1 35  ? -5.979  16.717  -11.096 1.00 87.94  ? 383 GLU A CG   1 
ATOM   283 C CD   . GLU A 1 35  ? -6.144  17.119  -12.550 1.00 111.13 ? 383 GLU A CD   1 
ATOM   284 O OE1  . GLU A 1 35  ? -6.613  18.253  -12.803 1.00 102.87 ? 383 GLU A OE1  1 
ATOM   285 O OE2  . GLU A 1 35  ? -5.859  16.279  -13.435 1.00 103.12 ? 383 GLU A OE2  1 
ATOM   286 N N    . ALA A 1 36  ? -1.424  17.148  -9.223  1.00 75.09  ? 384 ALA A N    1 
ATOM   287 C CA   . ALA A 1 36  ? -0.317  17.806  -8.520  1.00 74.53  ? 384 ALA A CA   1 
ATOM   288 C C    . ALA A 1 36  ? 0.816   17.992  -9.527  1.00 76.87  ? 384 ALA A C    1 
ATOM   289 O O    . ALA A 1 36  ? 0.957   17.155  -10.423 1.00 74.97  ? 384 ALA A O    1 
ATOM   290 C CB   . ALA A 1 36  ? 0.162   16.939  -7.366  1.00 75.04  ? 384 ALA A CB   1 
ATOM   291 N N    . LEU A 1 37  ? 1.614   19.084  -9.389  1.00 73.64  ? 385 LEU A N    1 
ATOM   292 C CA   . LEU A 1 37  ? 2.751   19.371  -10.279 1.00 72.82  ? 385 LEU A CA   1 
ATOM   293 C C    . LEU A 1 37  ? 3.655   18.157  -10.359 1.00 76.63  ? 385 LEU A C    1 
ATOM   294 O O    . LEU A 1 37  ? 3.909   17.481  -9.350  1.00 75.55  ? 385 LEU A O    1 
ATOM   295 C CB   . LEU A 1 37  ? 3.503   20.674  -9.935  1.00 72.41  ? 385 LEU A CB   1 
ATOM   296 C CG   . LEU A 1 37  ? 4.520   21.215  -10.987 1.00 75.90  ? 385 LEU A CG   1 
ATOM   297 C CD1  . LEU A 1 37  ? 3.916   21.324  -12.406 1.00 74.83  ? 385 LEU A CD1  1 
ATOM   298 C CD2  . LEU A 1 37  ? 5.121   22.527  -10.529 1.00 77.85  ? 385 LEU A CD2  1 
ATOM   299 N N    . GLY A 1 38  ? 4.018   17.842  -11.597 1.00 73.11  ? 386 GLY A N    1 
ATOM   300 C CA   . GLY A 1 38  ? 4.670   16.605  -11.980 1.00 72.35  ? 386 GLY A CA   1 
ATOM   301 C C    . GLY A 1 38  ? 3.482   15.672  -12.138 1.00 74.55  ? 386 GLY A C    1 
ATOM   302 O O    . GLY A 1 38  ? 2.363   16.153  -12.349 1.00 75.78  ? 386 GLY A O    1 
ATOM   303 N N    . LEU A 1 39  ? 3.684   14.357  -12.020 1.00 66.68  ? 387 LEU A N    1 
ATOM   304 C CA   . LEU A 1 39  ? 2.623   13.337  -12.081 1.00 63.58  ? 387 LEU A CA   1 
ATOM   305 C C    . LEU A 1 39  ? 1.620   13.488  -13.242 1.00 62.98  ? 387 LEU A C    1 
ATOM   306 O O    . LEU A 1 39  ? 0.576   12.850  -13.206 1.00 63.25  ? 387 LEU A O    1 
ATOM   307 C CB   . LEU A 1 39  ? 1.877   13.250  -10.733 1.00 62.76  ? 387 LEU A CB   1 
ATOM   308 C CG   . LEU A 1 39  ? 2.745   13.076  -9.488  1.00 66.69  ? 387 LEU A CG   1 
ATOM   309 C CD1  . LEU A 1 39  ? 1.999   13.479  -8.271  1.00 67.08  ? 387 LEU A CD1  1 
ATOM   310 C CD2  . LEU A 1 39  ? 3.193   11.651  -9.317  1.00 69.22  ? 387 LEU A CD2  1 
ATOM   311 N N    . HIS A 1 40  ? 1.952   14.280  -14.290 1.00 56.23  ? 388 HIS A N    1 
ATOM   312 C CA   . HIS A 1 40  ? 1.108   14.487  -15.487 1.00 54.26  ? 388 HIS A CA   1 
ATOM   313 C C    . HIS A 1 40  ? 1.118   13.218  -16.333 1.00 55.99  ? 388 HIS A C    1 
ATOM   314 O O    . HIS A 1 40  ? 0.182   12.964  -17.087 1.00 55.92  ? 388 HIS A O    1 
ATOM   315 C CB   . HIS A 1 40  ? 1.595   15.705  -16.315 1.00 53.90  ? 388 HIS A CB   1 
ATOM   316 C CG   . HIS A 1 40  ? 3.031   15.616  -16.716 1.00 56.43  ? 388 HIS A CG   1 
ATOM   317 N ND1  . HIS A 1 40  ? 4.029   16.158  -15.936 1.00 58.40  ? 388 HIS A ND1  1 
ATOM   318 C CD2  . HIS A 1 40  ? 3.595   15.000  -17.777 1.00 57.84  ? 388 HIS A CD2  1 
ATOM   319 C CE1  . HIS A 1 40  ? 5.168   15.872  -16.552 1.00 57.31  ? 388 HIS A CE1  1 
ATOM   320 N NE2  . HIS A 1 40  ? 4.958   15.172  -17.659 1.00 57.45  ? 388 HIS A NE2  1 
ATOM   321 N N    . ASP A 1 41  ? 2.191   12.428  -16.195 1.00 51.25  ? 389 ASP A N    1 
ATOM   322 C CA   . ASP A 1 41  ? 2.369   11.154  -16.870 1.00 51.14  ? 389 ASP A CA   1 
ATOM   323 C C    . ASP A 1 41  ? 2.108   9.959   -15.923 1.00 53.59  ? 389 ASP A C    1 
ATOM   324 O O    . ASP A 1 41  ? 2.312   8.812   -16.327 1.00 54.60  ? 389 ASP A O    1 
ATOM   325 C CB   . ASP A 1 41  ? 3.773   11.076  -17.499 1.00 53.31  ? 389 ASP A CB   1 
ATOM   326 C CG   . ASP A 1 41  ? 4.945   11.196  -16.535 1.00 61.02  ? 389 ASP A CG   1 
ATOM   327 O OD1  . ASP A 1 41  ? 4.742   11.690  -15.398 1.00 59.62  ? 389 ASP A OD1  1 
ATOM   328 O OD2  . ASP A 1 41  ? 6.070   10.830  -16.927 1.00 72.18  ? 389 ASP A OD2  1 
ATOM   329 N N    . TYR A 1 42  ? 1.631   10.218  -14.697 1.00 48.82  ? 390 TYR A N    1 
ATOM   330 C CA   . TYR A 1 42  ? 1.352   9.158   -13.728 1.00 49.21  ? 390 TYR A CA   1 
ATOM   331 C C    . TYR A 1 42  ? 0.341   8.143   -14.241 1.00 55.42  ? 390 TYR A C    1 
ATOM   332 O O    . TYR A 1 42  ? 0.610   6.953   -14.160 1.00 52.23  ? 390 TYR A O    1 
ATOM   333 C CB   . TYR A 1 42  ? 0.955   9.700   -12.340 1.00 50.48  ? 390 TYR A CB   1 
ATOM   334 C CG   . TYR A 1 42  ? 0.950   8.623   -11.271 1.00 50.64  ? 390 TYR A CG   1 
ATOM   335 C CD1  . TYR A 1 42  ? 2.126   8.230   -10.642 1.00 52.69  ? 390 TYR A CD1  1 
ATOM   336 C CD2  . TYR A 1 42  ? -0.230  7.978   -10.910 1.00 51.59  ? 390 TYR A CD2  1 
ATOM   337 C CE1  . TYR A 1 42  ? 2.133   7.216   -9.686  1.00 53.62  ? 390 TYR A CE1  1 
ATOM   338 C CE2  . TYR A 1 42  ? -0.237  6.960   -9.959  1.00 52.62  ? 390 TYR A CE2  1 
ATOM   339 C CZ   . TYR A 1 42  ? 0.946   6.590   -9.343  1.00 59.70  ? 390 TYR A CZ   1 
ATOM   340 O OH   . TYR A 1 42  ? 0.941   5.588   -8.414  1.00 57.92  ? 390 TYR A OH   1 
ATOM   341 N N    . CYS A 1 43  ? -0.785  8.597   -14.810 1.00 58.07  ? 391 CYS A N    1 
ATOM   342 C CA   . CYS A 1 43  ? -1.807  7.706   -15.362 1.00 61.11  ? 391 CYS A CA   1 
ATOM   343 C C    . CYS A 1 43  ? -1.348  6.954   -16.632 1.00 65.78  ? 391 CYS A C    1 
ATOM   344 O O    . CYS A 1 43  ? -1.889  5.889   -16.924 1.00 65.93  ? 391 CYS A O    1 
ATOM   345 C CB   . CYS A 1 43  ? -3.115  8.451   -15.582 1.00 63.53  ? 391 CYS A CB   1 
ATOM   346 S SG   . CYS A 1 43  ? -3.862  9.072   -14.051 1.00 68.80  ? 391 CYS A SG   1 
ATOM   347 N N    . ASP A 1 44  ? -0.334  7.483   -17.350 1.00 61.74  ? 392 ASP A N    1 
ATOM   348 C CA   . ASP A 1 44  ? 0.240   6.844   -18.542 1.00 61.07  ? 392 ASP A CA   1 
ATOM   349 C C    . ASP A 1 44  ? 1.132   5.664   -18.132 1.00 63.63  ? 392 ASP A C    1 
ATOM   350 O O    . ASP A 1 44  ? 1.264   4.696   -18.890 1.00 64.69  ? 392 ASP A O    1 
ATOM   351 C CB   . ASP A 1 44  ? 1.089   7.851   -19.356 1.00 63.00  ? 392 ASP A CB   1 
ATOM   352 C CG   . ASP A 1 44  ? 0.358   9.060   -19.926 1.00 78.35  ? 392 ASP A CG   1 
ATOM   353 O OD1  . ASP A 1 44  ? -0.898  9.115   -19.815 1.00 80.42  ? 392 ASP A OD1  1 
ATOM   354 O OD2  . ASP A 1 44  ? 1.038   9.954   -20.485 1.00 83.74  ? 392 ASP A OD2  1 
ATOM   355 N N    . ILE A 1 45  ? 1.798   5.774   -16.973 1.00 56.84  ? 393 ILE A N    1 
ATOM   356 C CA   . ILE A 1 45  ? 2.705   4.731   -16.497 1.00 55.62  ? 393 ILE A CA   1 
ATOM   357 C C    . ILE A 1 45  ? 1.981   3.754   -15.544 1.00 54.78  ? 393 ILE A C    1 
ATOM   358 O O    . ILE A 1 45  ? 2.213   2.548   -15.607 1.00 54.35  ? 393 ILE A O    1 
ATOM   359 C CB   . ILE A 1 45  ? 4.010   5.353   -15.898 1.00 58.56  ? 393 ILE A CB   1 
ATOM   360 C CG1  . ILE A 1 45  ? 4.719   6.247   -16.952 1.00 58.76  ? 393 ILE A CG1  1 
ATOM   361 C CG2  . ILE A 1 45  ? 4.978   4.280   -15.374 1.00 57.72  ? 393 ILE A CG2  1 
ATOM   362 C CD1  . ILE A 1 45  ? 5.480   7.456   -16.384 1.00 63.61  ? 393 ILE A CD1  1 
ATOM   363 N N    . ILE A 1 46  ? 1.094   4.268   -14.698 1.00 48.56  ? 394 ILE A N    1 
ATOM   364 C CA   . ILE A 1 46  ? 0.419   3.446   -13.697 1.00 46.93  ? 394 ILE A CA   1 
ATOM   365 C C    . ILE A 1 46  ? -0.996  3.140   -14.105 1.00 51.03  ? 394 ILE A C    1 
ATOM   366 O O    . ILE A 1 46  ? -1.889  3.973   -13.974 1.00 50.76  ? 394 ILE A O    1 
ATOM   367 C CB   . ILE A 1 46  ? 0.549   4.075   -12.273 1.00 48.50  ? 394 ILE A CB   1 
ATOM   368 C CG1  . ILE A 1 46  ? 2.044   4.276   -11.872 1.00 47.94  ? 394 ILE A CG1  1 
ATOM   369 C CG2  . ILE A 1 46  ? -0.252  3.316   -11.203 1.00 48.45  ? 394 ILE A CG2  1 
ATOM   370 C CD1  . ILE A 1 46  ? 3.030   3.069   -12.087 1.00 44.37  ? 394 ILE A CD1  1 
ATOM   371 N N    . LYS A 1 47  ? -1.197  1.914   -14.574 1.00 50.14  ? 395 LYS A N    1 
ATOM   372 C CA   . LYS A 1 47  ? -2.504  1.451   -15.037 1.00 50.69  ? 395 LYS A CA   1 
ATOM   373 C C    . LYS A 1 47  ? -3.453  1.077   -13.905 1.00 54.44  ? 395 LYS A C    1 
ATOM   374 O O    . LYS A 1 47  ? -4.669  1.264   -14.053 1.00 54.32  ? 395 LYS A O    1 
ATOM   375 C CB   . LYS A 1 47  ? -2.355  0.303   -16.059 1.00 54.28  ? 395 LYS A CB   1 
ATOM   376 C CG   . LYS A 1 47  ? -1.548  0.679   -17.324 1.00 74.06  ? 395 LYS A CG   1 
ATOM   377 C CD   . LYS A 1 47  ? -2.097  1.909   -18.082 1.00 83.27  ? 395 LYS A CD   1 
ATOM   378 C CE   . LYS A 1 47  ? -1.241  2.285   -19.265 1.00 93.51  ? 395 LYS A CE   1 
ATOM   379 N NZ   . LYS A 1 47  ? -1.634  3.601   -19.830 1.00 101.08 ? 395 LYS A NZ   1 
ATOM   380 N N    . HIS A 1 48  ? -2.915  0.567   -12.773 1.00 50.34  ? 396 HIS A N    1 
ATOM   381 C CA   . HIS A 1 48  ? -3.726  0.167   -11.631 1.00 50.46  ? 396 HIS A CA   1 
ATOM   382 C C    . HIS A 1 48  ? -3.296  0.889   -10.338 1.00 54.61  ? 396 HIS A C    1 
ATOM   383 O O    . HIS A 1 48  ? -2.528  0.339   -9.553  1.00 55.86  ? 396 HIS A O    1 
ATOM   384 C CB   . HIS A 1 48  ? -3.739  -1.374  -11.500 1.00 52.24  ? 396 HIS A CB   1 
ATOM   385 C CG   . HIS A 1 48  ? -4.275  -2.084  -12.717 1.00 56.81  ? 396 HIS A CG   1 
ATOM   386 N ND1  . HIS A 1 48  ? -5.629  -2.022  -13.061 1.00 59.29  ? 396 HIS A ND1  1 
ATOM   387 C CD2  . HIS A 1 48  ? -3.624  -2.839  -13.638 1.00 59.34  ? 396 HIS A CD2  1 
ATOM   388 C CE1  . HIS A 1 48  ? -5.751  -2.744  -14.167 1.00 58.92  ? 396 HIS A CE1  1 
ATOM   389 N NE2  . HIS A 1 48  ? -4.574  -3.257  -14.554 1.00 59.37  ? 396 HIS A NE2  1 
ATOM   390 N N    . PRO A 1 49  ? -3.765  2.129   -10.095 1.00 49.71  ? 397 PRO A N    1 
ATOM   391 C CA   . PRO A 1 49  ? -3.370  2.839   -8.855  1.00 48.65  ? 397 PRO A CA   1 
ATOM   392 C C    . PRO A 1 49  ? -3.912  2.196   -7.586  1.00 49.76  ? 397 PRO A C    1 
ATOM   393 O O    . PRO A 1 49  ? -5.010  1.646   -7.595  1.00 49.79  ? 397 PRO A O    1 
ATOM   394 C CB   . PRO A 1 49  ? -3.943  4.258   -9.026  1.00 50.68  ? 397 PRO A CB   1 
ATOM   395 C CG   . PRO A 1 49  ? -4.504  4.312   -10.396 1.00 55.43  ? 397 PRO A CG   1 
ATOM   396 C CD   . PRO A 1 49  ? -4.703  2.931   -10.909 1.00 50.86  ? 397 PRO A CD   1 
ATOM   397 N N    . MET A 1 50  ? -3.146  2.296   -6.484  1.00 43.00  ? 398 MET A N    1 
ATOM   398 C CA   . MET A 1 50  ? -3.484  1.688   -5.200  1.00 40.10  ? 398 MET A CA   1 
ATOM   399 C C    . MET A 1 50  ? -2.881  2.505   -4.080  1.00 43.00  ? 398 MET A C    1 
ATOM   400 O O    . MET A 1 50  ? -1.796  3.045   -4.234  1.00 42.67  ? 398 MET A O    1 
ATOM   401 C CB   . MET A 1 50  ? -2.960  0.231   -5.153  1.00 41.26  ? 398 MET A CB   1 
ATOM   402 C CG   . MET A 1 50  ? -3.660  -0.681  -4.108  1.00 43.84  ? 398 MET A CG   1 
ATOM   403 S SD   . MET A 1 50  ? -5.483  -0.551  -3.948  1.00 46.98  ? 398 MET A SD   1 
ATOM   404 C CE   . MET A 1 50  ? -6.037  -1.131  -5.663  1.00 43.18  ? 398 MET A CE   1 
ATOM   405 N N    . ASP A 1 51  ? -3.586  2.586   -2.962  1.00 38.26  ? 399 ASP A N    1 
ATOM   406 C CA   . ASP A 1 51  ? -3.186  3.299   -1.754  1.00 40.02  ? 399 ASP A CA   1 
ATOM   407 C C    . ASP A 1 51  ? -3.820  2.585   -0.563  1.00 43.53  ? 399 ASP A C    1 
ATOM   408 O O    . ASP A 1 51  ? -4.692  1.729   -0.758  1.00 43.44  ? 399 ASP A O    1 
ATOM   409 C CB   . ASP A 1 51  ? -3.673  4.750   -1.803  1.00 42.47  ? 399 ASP A CB   1 
ATOM   410 C CG   . ASP A 1 51  ? -5.181  4.808   -1.847  1.00 54.95  ? 399 ASP A CG   1 
ATOM   411 O OD1  . ASP A 1 51  ? -5.745  4.608   -2.935  1.00 59.11  ? 399 ASP A OD1  1 
ATOM   412 O OD2  . ASP A 1 51  ? -5.792  4.948   -0.787  1.00 59.83  ? 399 ASP A OD2  1 
ATOM   413 N N    . MET A 1 52  ? -3.443  2.981   0.653   1.00 39.49  ? 400 MET A N    1 
ATOM   414 C CA   . MET A 1 52  ? -3.910  2.318   1.881   1.00 38.87  ? 400 MET A CA   1 
ATOM   415 C C    . MET A 1 52  ? -5.426  2.510   2.184   1.00 44.85  ? 400 MET A C    1 
ATOM   416 O O    . MET A 1 52  ? -6.042  1.593   2.727   1.00 43.94  ? 400 MET A O    1 
ATOM   417 C CB   . MET A 1 52  ? -3.042  2.732   3.065   1.00 40.53  ? 400 MET A CB   1 
ATOM   418 C CG   . MET A 1 52  ? -1.632  2.165   3.006   1.00 44.38  ? 400 MET A CG   1 
ATOM   419 S SD   . MET A 1 52  ? -0.468  2.957   4.165   1.00 49.60  ? 400 MET A SD   1 
ATOM   420 C CE   . MET A 1 52  ? -1.301  2.752   5.686   1.00 46.25  ? 400 MET A CE   1 
ATOM   421 N N    . SER A 1 53  ? -5.999  3.701   1.874   1.00 43.11  ? 401 SER A N    1 
ATOM   422 C CA   . SER A 1 53  ? -7.433  4.032   2.043   1.00 43.29  ? 401 SER A CA   1 
ATOM   423 C C    . SER A 1 53  ? -8.276  3.166   1.120   1.00 46.18  ? 401 SER A C    1 
ATOM   424 O O    . SER A 1 53  ? -9.322  2.678   1.538   1.00 47.15  ? 401 SER A O    1 
ATOM   425 C CB   . SER A 1 53  ? -7.691  5.503   1.726   1.00 47.61  ? 401 SER A CB   1 
ATOM   426 O OG   . SER A 1 53  ? -7.211  6.328   2.769   1.00 56.93  ? 401 SER A OG   1 
ATOM   427 N N    . THR A 1 54  ? -7.813  2.944   -0.125  1.00 41.04  ? 402 THR A N    1 
ATOM   428 C CA   . THR A 1 54  ? -8.494  2.066   -1.064  1.00 40.90  ? 402 THR A CA   1 
ATOM   429 C C    . THR A 1 54  ? -8.481  0.618   -0.556  1.00 45.61  ? 402 THR A C    1 
ATOM   430 O O    . THR A 1 54  ? -9.529  -0.030  -0.604  1.00 44.66  ? 402 THR A O    1 
ATOM   431 C CB   . THR A 1 54  ? -7.980  2.226   -2.471  1.00 49.38  ? 402 THR A CB   1 
ATOM   432 O OG1  . THR A 1 54  ? -8.167  3.586   -2.838  1.00 53.13  ? 402 THR A OG1  1 
ATOM   433 C CG2  . THR A 1 54  ? -8.706  1.318   -3.460  1.00 50.05  ? 402 THR A CG2  1 
ATOM   434 N N    . ILE A 1 55  ? -7.317  0.129   -0.052  1.00 41.89  ? 403 ILE A N    1 
ATOM   435 C CA   . ILE A 1 55  ? -7.199  -1.218  0.528   1.00 41.51  ? 403 ILE A CA   1 
ATOM   436 C C    . ILE A 1 55  ? -8.122  -1.337  1.774   1.00 45.23  ? 403 ILE A C    1 
ATOM   437 O O    . ILE A 1 55  ? -8.768  -2.366  1.932   1.00 46.58  ? 403 ILE A O    1 
ATOM   438 C CB   . ILE A 1 55  ? -5.716  -1.578  0.836   1.00 44.01  ? 403 ILE A CB   1 
ATOM   439 C CG1  . ILE A 1 55  ? -4.869  -1.624  -0.456  1.00 43.62  ? 403 ILE A CG1  1 
ATOM   440 C CG2  . ILE A 1 55  ? -5.611  -2.898  1.613   1.00 42.89  ? 403 ILE A CG2  1 
ATOM   441 C CD1  . ILE A 1 55  ? -3.334  -1.418  -0.258  1.00 47.64  ? 403 ILE A CD1  1 
ATOM   442 N N    . LYS A 1 56  ? -8.202  -0.290  2.625   1.00 41.37  ? 404 LYS A N    1 
ATOM   443 C CA   . LYS A 1 56  ? -9.055  -0.285  3.822   1.00 41.82  ? 404 LYS A CA   1 
ATOM   444 C C    . LYS A 1 56  ? -10.520 -0.402  3.427   1.00 50.33  ? 404 LYS A C    1 
ATOM   445 O O    . LYS A 1 56  ? -11.254 -1.198  4.019   1.00 51.44  ? 404 LYS A O    1 
ATOM   446 C CB   . LYS A 1 56  ? -8.821  0.966   4.673   1.00 42.54  ? 404 LYS A CB   1 
ATOM   447 C CG   . LYS A 1 56  ? -9.448  0.865   6.058   1.00 44.73  ? 404 LYS A CG   1 
ATOM   448 C CD   . LYS A 1 56  ? -9.213  2.133   6.851   1.00 53.69  ? 404 LYS A CD   1 
ATOM   449 C CE   . LYS A 1 56  ? -9.701  2.009   8.268   1.00 69.86  ? 404 LYS A CE   1 
ATOM   450 N NZ   . LYS A 1 56  ? -9.019  2.986   9.162   1.00 83.54  ? 404 LYS A NZ   1 
ATOM   451 N N    . SER A 1 57  ? -10.924 0.359   2.401   1.00 47.81  ? 405 SER A N    1 
ATOM   452 C CA   . SER A 1 57  ? -12.267 0.327   1.851   1.00 48.72  ? 405 SER A CA   1 
ATOM   453 C C    . SER A 1 57  ? -12.577 -1.056  1.264   1.00 53.11  ? 405 SER A C    1 
ATOM   454 O O    . SER A 1 57  ? -13.638 -1.596  1.569   1.00 54.46  ? 405 SER A O    1 
ATOM   455 C CB   . SER A 1 57  ? -12.446 1.423   0.801   1.00 52.06  ? 405 SER A CB   1 
ATOM   456 O OG   . SER A 1 57  ? -12.442 2.700   1.418   1.00 54.36  ? 405 SER A OG   1 
ATOM   457 N N    . LYS A 1 58  ? -11.648 -1.646  0.477   1.00 47.78  ? 406 LYS A N    1 
ATOM   458 C CA   . LYS A 1 58  ? -11.840 -2.973  -0.116  1.00 47.64  ? 406 LYS A CA   1 
ATOM   459 C C    . LYS A 1 58  ? -12.018 -4.058  0.947   1.00 55.52  ? 406 LYS A C    1 
ATOM   460 O O    . LYS A 1 58  ? -12.837 -4.957  0.752   1.00 55.46  ? 406 LYS A O    1 
ATOM   461 C CB   . LYS A 1 58  ? -10.732 -3.328  -1.097  1.00 48.44  ? 406 LYS A CB   1 
ATOM   462 C CG   . LYS A 1 58  ? -10.907 -2.672  -2.447  1.00 53.38  ? 406 LYS A CG   1 
ATOM   463 C CD   . LYS A 1 58  ? -9.749  -2.964  -3.392  1.00 52.58  ? 406 LYS A CD   1 
ATOM   464 C CE   . LYS A 1 58  ? -9.905  -4.265  -4.128  1.00 53.97  ? 406 LYS A CE   1 
ATOM   465 N NZ   . LYS A 1 58  ? -8.988  -4.330  -5.299  1.00 60.47  ? 406 LYS A NZ   1 
ATOM   466 N N    . LEU A 1 59  ? -11.305 -3.937  2.093   1.00 54.74  ? 407 LEU A N    1 
ATOM   467 C CA   . LEU A 1 59  ? -11.436 -4.856  3.223   1.00 55.69  ? 407 LEU A CA   1 
ATOM   468 C C    . LEU A 1 59  ? -12.832 -4.722  3.853   1.00 61.92  ? 407 LEU A C    1 
ATOM   469 O O    . LEU A 1 59  ? -13.517 -5.734  4.038   1.00 62.85  ? 407 LEU A O    1 
ATOM   470 C CB   . LEU A 1 59  ? -10.358 -4.603  4.297   1.00 55.67  ? 407 LEU A CB   1 
ATOM   471 C CG   . LEU A 1 59  ? -9.018  -5.308  4.127   1.00 60.57  ? 407 LEU A CG   1 
ATOM   472 C CD1  . LEU A 1 59  ? -7.994  -4.718  5.083   1.00 60.89  ? 407 LEU A CD1  1 
ATOM   473 C CD2  . LEU A 1 59  ? -9.135  -6.822  4.350   1.00 61.62  ? 407 LEU A CD2  1 
ATOM   474 N N    . GLU A 1 60  ? -13.259 -3.477  4.162   1.00 58.72  ? 408 GLU A N    1 
ATOM   475 C CA   . GLU A 1 60  ? -14.576 -3.201  4.752   1.00 59.21  ? 408 GLU A CA   1 
ATOM   476 C C    . GLU A 1 60  ? -15.732 -3.656  3.829   1.00 62.49  ? 408 GLU A C    1 
ATOM   477 O O    . GLU A 1 60  ? -16.727 -4.165  4.325   1.00 62.84  ? 408 GLU A O    1 
ATOM   478 C CB   . GLU A 1 60  ? -14.710 -1.725  5.182   1.00 60.68  ? 408 GLU A CB   1 
ATOM   479 C CG   . GLU A 1 60  ? -13.735 -1.339  6.290   1.00 73.47  ? 408 GLU A CG   1 
ATOM   480 C CD   . GLU A 1 60  ? -13.640 0.124   6.695   1.00 98.51  ? 408 GLU A CD   1 
ATOM   481 O OE1  . GLU A 1 60  ? -13.916 1.009   5.851   1.00 98.66  ? 408 GLU A OE1  1 
ATOM   482 O OE2  . GLU A 1 60  ? -13.228 0.383   7.850   1.00 90.84  ? 408 GLU A OE2  1 
ATOM   483 N N    . ALA A 1 61  ? -15.561 -3.545  2.501   1.00 58.38  ? 409 ALA A N    1 
ATOM   484 C CA   . ALA A 1 61  ? -16.544 -3.967  1.493   1.00 57.79  ? 409 ALA A CA   1 
ATOM   485 C C    . ALA A 1 61  ? -16.374 -5.434  1.047   1.00 60.14  ? 409 ALA A C    1 
ATOM   486 O O    . ALA A 1 61  ? -17.006 -5.852  0.078   1.00 59.41  ? 409 ALA A O    1 
ATOM   487 C CB   . ALA A 1 61  ? -16.489 -3.039  0.291   1.00 58.58  ? 409 ALA A CB   1 
ATOM   488 N N    . ARG A 1 62  ? -15.523 -6.205  1.753   1.00 55.89  ? 410 ARG A N    1 
ATOM   489 C CA   . ARG A 1 62  ? -15.256 -7.637  1.543   1.00 55.42  ? 410 ARG A CA   1 
ATOM   490 C C    . ARG A 1 62  ? -14.845 -8.004  0.101   1.00 58.18  ? 410 ARG A C    1 
ATOM   491 O O    . ARG A 1 62  ? -15.234 -9.060  -0.427  1.00 58.14  ? 410 ARG A O    1 
ATOM   492 C CB   . ARG A 1 62  ? -16.455 -8.489  2.019   1.00 57.43  ? 410 ARG A CB   1 
ATOM   493 C CG   . ARG A 1 62  ? -16.803 -8.292  3.496   1.00 71.16  ? 410 ARG A CG   1 
ATOM   494 C CD   . ARG A 1 62  ? -18.040 -9.078  3.886   1.00 84.53  ? 410 ARG A CD   1 
ATOM   495 N NE   . ARG A 1 62  ? -17.780 -10.518 3.979   1.00 88.49  ? 410 ARG A NE   1 
ATOM   496 C CZ   . ARG A 1 62  ? -18.724 -11.449 4.075   1.00 95.37  ? 410 ARG A CZ   1 
ATOM   497 N NH1  . ARG A 1 62  ? -20.009 -11.107 4.078   1.00 73.50  ? 410 ARG A NH1  1 
ATOM   498 N NH2  . ARG A 1 62  ? -18.393 -12.730 4.160   1.00 82.05  ? 410 ARG A NH2  1 
ATOM   499 N N    . GLU A 1 63  ? -14.007 -7.163  -0.512  1.00 53.33  ? 411 GLU A N    1 
ATOM   500 C CA   . GLU A 1 63  ? -13.533 -7.399  -1.883  1.00 52.96  ? 411 GLU A CA   1 
ATOM   501 C C    . GLU A 1 63  ? -12.312 -8.347  -1.942  1.00 55.08  ? 411 GLU A C    1 
ATOM   502 O O    . GLU A 1 63  ? -11.800 -8.615  -3.024  1.00 56.89  ? 411 GLU A O    1 
ATOM   503 C CB   . GLU A 1 63  ? -13.273 -6.070  -2.632  1.00 54.34  ? 411 GLU A CB   1 
ATOM   504 C CG   . GLU A 1 63  ? -14.490 -5.154  -2.708  1.00 63.90  ? 411 GLU A CG   1 
ATOM   505 C CD   . GLU A 1 63  ? -14.310 -3.850  -3.467  1.00 82.08  ? 411 GLU A CD   1 
ATOM   506 O OE1  . GLU A 1 63  ? -13.724 -3.875  -4.575  1.00 83.32  ? 411 GLU A OE1  1 
ATOM   507 O OE2  . GLU A 1 63  ? -14.788 -2.805  -2.965  1.00 68.67  ? 411 GLU A OE2  1 
ATOM   508 N N    . TYR A 1 64  ? -11.859 -8.875  -0.796  1.00 49.03  ? 412 TYR A N    1 
ATOM   509 C CA   . TYR A 1 64  ? -10.741 -9.831  -0.776  1.00 46.67  ? 412 TYR A CA   1 
ATOM   510 C C    . TYR A 1 64  ? -11.233 -11.173 -0.279  1.00 49.70  ? 412 TYR A C    1 
ATOM   511 O O    . TYR A 1 64  ? -11.812 -11.237 0.804   1.00 47.55  ? 412 TYR A O    1 
ATOM   512 C CB   . TYR A 1 64  ? -9.580  -9.334  0.119   1.00 46.24  ? 412 TYR A CB   1 
ATOM   513 C CG   . TYR A 1 64  ? -9.008  -7.986  -0.278  1.00 44.91  ? 412 TYR A CG   1 
ATOM   514 C CD1  . TYR A 1 64  ? -8.452  -7.785  -1.539  1.00 46.55  ? 412 TYR A CD1  1 
ATOM   515 C CD2  . TYR A 1 64  ? -8.968  -6.930  0.629   1.00 43.29  ? 412 TYR A CD2  1 
ATOM   516 C CE1  . TYR A 1 64  ? -7.919  -6.553  -1.905  1.00 47.86  ? 412 TYR A CE1  1 
ATOM   517 C CE2  . TYR A 1 64  ? -8.392  -5.707  0.289   1.00 42.91  ? 412 TYR A CE2  1 
ATOM   518 C CZ   . TYR A 1 64  ? -7.875  -5.522  -0.982  1.00 49.06  ? 412 TYR A CZ   1 
ATOM   519 O OH   . TYR A 1 64  ? -7.335  -4.311  -1.336  1.00 47.70  ? 412 TYR A OH   1 
ATOM   520 N N    . ARG A 1 65  ? -10.989 -12.243 -1.047  1.00 49.03  ? 413 ARG A N    1 
ATOM   521 C CA   . ARG A 1 65  ? -11.399 -13.606 -0.668  1.00 50.39  ? 413 ARG A CA   1 
ATOM   522 C C    . ARG A 1 65  ? -10.535 -14.142 0.473   1.00 56.47  ? 413 ARG A C    1 
ATOM   523 O O    . ARG A 1 65  ? -11.018 -14.904 1.319   1.00 56.84  ? 413 ARG A O    1 
ATOM   524 C CB   . ARG A 1 65  ? -11.277 -14.563 -1.875  1.00 51.31  ? 413 ARG A CB   1 
ATOM   525 C CG   . ARG A 1 65  ? -12.422 -14.467 -2.869  1.00 60.40  ? 413 ARG A CG   1 
ATOM   526 C CD   . ARG A 1 65  ? -11.943 -14.726 -4.276  1.00 63.53  ? 413 ARG A CD   1 
ATOM   527 N NE   . ARG A 1 65  ? -12.218 -16.088 -4.732  1.00 73.50  ? 413 ARG A NE   1 
ATOM   528 C CZ   . ARG A 1 65  ? -11.420 -16.789 -5.534  1.00 83.90  ? 413 ARG A CZ   1 
ATOM   529 N NH1  . ARG A 1 65  ? -10.257 -16.286 -5.930  1.00 71.65  ? 413 ARG A NH1  1 
ATOM   530 N NH2  . ARG A 1 65  ? -11.770 -18.004 -5.931  1.00 71.13  ? 413 ARG A NH2  1 
ATOM   531 N N    . ASP A 1 66  ? -9.240  -13.762 0.474   1.00 51.69  ? 414 ASP A N    1 
ATOM   532 C CA   . ASP A 1 66  ? -8.249  -14.250 1.425   1.00 50.31  ? 414 ASP A CA   1 
ATOM   533 C C    . ASP A 1 66  ? -7.068  -13.266 1.539   1.00 52.14  ? 414 ASP A C    1 
ATOM   534 O O    . ASP A 1 66  ? -7.042  -12.247 0.837   1.00 50.33  ? 414 ASP A O    1 
ATOM   535 C CB   . ASP A 1 66  ? -7.750  -15.643 0.960   1.00 51.87  ? 414 ASP A CB   1 
ATOM   536 C CG   . ASP A 1 66  ? -7.296  -15.724 -0.492  1.00 68.64  ? 414 ASP A CG   1 
ATOM   537 O OD1  . ASP A 1 66  ? -6.856  -14.685 -1.044  1.00 71.99  ? 414 ASP A OD1  1 
ATOM   538 O OD2  . ASP A 1 66  ? -7.347  -16.830 -1.068  1.00 75.21  ? 414 ASP A OD2  1 
ATOM   539 N N    . ALA A 1 67  ? -6.087  -13.604 2.411   1.00 46.54  ? 415 ALA A N    1 
ATOM   540 C CA   . ALA A 1 67  ? -4.877  -12.836 2.688   1.00 45.21  ? 415 ALA A CA   1 
ATOM   541 C C    . ALA A 1 67  ? -4.057  -12.553 1.436   1.00 48.83  ? 415 ALA A C    1 
ATOM   542 O O    . ALA A 1 67  ? -3.556  -11.438 1.298   1.00 49.42  ? 415 ALA A O    1 
ATOM   543 C CB   . ALA A 1 67  ? -4.028  -13.552 3.731   1.00 45.41  ? 415 ALA A CB   1 
ATOM   544 N N    . GLN A 1 68  ? -3.938  -13.533 0.520   1.00 44.83  ? 416 GLN A N    1 
ATOM   545 C CA   . GLN A 1 68  ? -3.168  -13.381 -0.722  1.00 45.28  ? 416 GLN A CA   1 
ATOM   546 C C    . GLN A 1 68  ? -3.676  -12.239 -1.593  1.00 49.41  ? 416 GLN A C    1 
ATOM   547 O O    . GLN A 1 68  ? -2.866  -11.446 -2.056  1.00 48.71  ? 416 GLN A O    1 
ATOM   548 C CB   . GLN A 1 68  ? -3.056  -14.707 -1.527  1.00 46.75  ? 416 GLN A CB   1 
ATOM   549 C CG   . GLN A 1 68  ? -2.172  -15.789 -0.855  1.00 69.17  ? 416 GLN A CG   1 
ATOM   550 C CD   . GLN A 1 68  ? -0.921  -15.283 -0.145  1.00 88.27  ? 416 GLN A CD   1 
ATOM   551 O OE1  . GLN A 1 68  ? 0.060   -14.844 -0.762  1.00 80.98  ? 416 GLN A OE1  1 
ATOM   552 N NE2  . GLN A 1 68  ? -0.928  -15.347 1.181   1.00 84.42  ? 416 GLN A NE2  1 
ATOM   553 N N    . GLU A 1 69  ? -5.012  -12.105 -1.743  1.00 45.91  ? 417 GLU A N    1 
ATOM   554 C CA   . GLU A 1 69  ? -5.639  -11.024 -2.511  1.00 44.98  ? 417 GLU A CA   1 
ATOM   555 C C    . GLU A 1 69  ? -5.379  -9.668  -1.839  1.00 45.29  ? 417 GLU A C    1 
ATOM   556 O O    . GLU A 1 69  ? -5.088  -8.699  -2.537  1.00 44.05  ? 417 GLU A O    1 
ATOM   557 C CB   . GLU A 1 69  ? -7.144  -11.298 -2.729  1.00 46.81  ? 417 GLU A CB   1 
ATOM   558 C CG   . GLU A 1 69  ? -7.395  -12.433 -3.710  1.00 58.62  ? 417 GLU A CG   1 
ATOM   559 C CD   . GLU A 1 69  ? -8.821  -12.707 -4.168  1.00 82.70  ? 417 GLU A CD   1 
ATOM   560 O OE1  . GLU A 1 69  ? -9.756  -11.973 -3.767  1.00 56.33  ? 417 GLU A OE1  1 
ATOM   561 O OE2  . GLU A 1 69  ? -8.995  -13.668 -4.953  1.00 84.34  ? 417 GLU A OE2  1 
ATOM   562 N N    . PHE A 1 70  ? -5.430  -9.606  -0.489  1.00 39.96  ? 418 PHE A N    1 
ATOM   563 C CA   . PHE A 1 70  ? -5.094  -8.365  0.237   1.00 39.00  ? 418 PHE A CA   1 
ATOM   564 C C    . PHE A 1 70  ? -3.595  -8.030  -0.027  1.00 41.63  ? 418 PHE A C    1 
ATOM   565 O O    . PHE A 1 70  ? -3.276  -6.904  -0.389  1.00 40.11  ? 418 PHE A O    1 
ATOM   566 C CB   . PHE A 1 70  ? -5.345  -8.514  1.744   1.00 39.51  ? 418 PHE A CB   1 
ATOM   567 C CG   . PHE A 1 70  ? -4.639  -7.505  2.632   1.00 41.49  ? 418 PHE A CG   1 
ATOM   568 C CD1  . PHE A 1 70  ? -5.227  -6.278  2.929   1.00 43.16  ? 418 PHE A CD1  1 
ATOM   569 C CD2  . PHE A 1 70  ? -3.423  -7.815  3.239   1.00 42.41  ? 418 PHE A CD2  1 
ATOM   570 C CE1  . PHE A 1 70  ? -4.598  -5.367  3.793   1.00 42.85  ? 418 PHE A CE1  1 
ATOM   571 C CE2  . PHE A 1 70  ? -2.812  -6.915  4.122   1.00 44.46  ? 418 PHE A CE2  1 
ATOM   572 C CZ   . PHE A 1 70  ? -3.398  -5.690  4.379   1.00 42.14  ? 418 PHE A CZ   1 
ATOM   573 N N    . GLY A 1 71  ? -2.726  -9.031  0.147   1.00 37.74  ? 419 GLY A N    1 
ATOM   574 C CA   . GLY A 1 71  ? -1.288  -8.936  -0.085  1.00 36.66  ? 419 GLY A CA   1 
ATOM   575 C C    . GLY A 1 71  ? -0.941  -8.410  -1.465  1.00 41.32  ? 419 GLY A C    1 
ATOM   576 O O    . GLY A 1 71  ? -0.086  -7.527  -1.583  1.00 40.74  ? 419 GLY A O    1 
ATOM   577 N N    . ALA A 1 72  ? -1.644  -8.918  -2.519  1.00 38.79  ? 420 ALA A N    1 
ATOM   578 C CA   . ALA A 1 72  ? -1.459  -8.519  -3.920  1.00 38.55  ? 420 ALA A CA   1 
ATOM   579 C C    . ALA A 1 72  ? -1.731  -7.032  -4.083  1.00 41.13  ? 420 ALA A C    1 
ATOM   580 O O    . ALA A 1 72  ? -0.974  -6.367  -4.781  1.00 41.81  ? 420 ALA A O    1 
ATOM   581 C CB   . ALA A 1 72  ? -2.356  -9.338  -4.863  1.00 38.80  ? 420 ALA A CB   1 
ATOM   582 N N    . ASP A 1 73  ? -2.745  -6.501  -3.396  1.00 36.33  ? 421 ASP A N    1 
ATOM   583 C CA   . ASP A 1 73  ? -3.037  -5.073  -3.487  1.00 36.83  ? 421 ASP A CA   1 
ATOM   584 C C    . ASP A 1 73  ? -1.981  -4.189  -2.771  1.00 39.32  ? 421 ASP A C    1 
ATOM   585 O O    . ASP A 1 73  ? -1.617  -3.136  -3.307  1.00 37.73  ? 421 ASP A O    1 
ATOM   586 C CB   . ASP A 1 73  ? -4.469  -4.762  -3.020  1.00 38.87  ? 421 ASP A CB   1 
ATOM   587 C CG   . ASP A 1 73  ? -5.491  -4.638  -4.155  1.00 51.61  ? 421 ASP A CG   1 
ATOM   588 O OD1  . ASP A 1 73  ? -5.127  -4.906  -5.332  1.00 54.18  ? 421 ASP A OD1  1 
ATOM   589 O OD2  . ASP A 1 73  ? -6.624  -4.236  -3.879  1.00 53.75  ? 421 ASP A OD2  1 
ATOM   590 N N    . VAL A 1 74  ? -1.482  -4.611  -1.581  1.00 34.17  ? 422 VAL A N    1 
ATOM   591 C CA   . VAL A 1 74  ? -0.435  -3.868  -0.857  1.00 32.67  ? 422 VAL A CA   1 
ATOM   592 C C    . VAL A 1 74  ? 0.830   -3.865  -1.727  1.00 35.51  ? 422 VAL A C    1 
ATOM   593 O O    . VAL A 1 74  ? 1.518   -2.839  -1.852  1.00 35.29  ? 422 VAL A O    1 
ATOM   594 C CB   . VAL A 1 74  ? -0.126  -4.495  0.514   1.00 35.96  ? 422 VAL A CB   1 
ATOM   595 C CG1  . VAL A 1 74  ? 1.136   -3.861  1.149   1.00 35.86  ? 422 VAL A CG1  1 
ATOM   596 C CG2  . VAL A 1 74  ? -1.323  -4.405  1.454   1.00 35.19  ? 422 VAL A CG2  1 
ATOM   597 N N    . ARG A 1 75  ? 1.132   -5.013  -2.326  1.00 29.82  ? 423 ARG A N    1 
ATOM   598 C CA   . ARG A 1 75  ? 2.326   -5.120  -3.157  1.00 30.93  ? 423 ARG A CA   1 
ATOM   599 C C    . ARG A 1 75  ? 2.211   -4.324  -4.431  1.00 37.17  ? 423 ARG A C    1 
ATOM   600 O O    . ARG A 1 75  ? 3.216   -3.782  -4.861  1.00 38.94  ? 423 ARG A O    1 
ATOM   601 C CB   . ARG A 1 75  ? 2.696   -6.578  -3.407  1.00 29.69  ? 423 ARG A CB   1 
ATOM   602 C CG   . ARG A 1 75  ? 3.227   -7.168  -2.108  1.00 36.84  ? 423 ARG A CG   1 
ATOM   603 C CD   . ARG A 1 75  ? 3.877   -8.464  -2.366  1.00 37.59  ? 423 ARG A CD   1 
ATOM   604 N NE   . ARG A 1 75  ? 4.259   -9.152  -1.130  1.00 44.27  ? 423 ARG A NE   1 
ATOM   605 C CZ   . ARG A 1 75  ? 3.808   -10.353 -0.782  1.00 49.45  ? 423 ARG A CZ   1 
ATOM   606 N NH1  . ARG A 1 75  ? 2.919   -10.983 -1.543  1.00 40.88  ? 423 ARG A NH1  1 
ATOM   607 N NH2  . ARG A 1 75  ? 4.233   -10.929 0.332   1.00 36.03  ? 423 ARG A NH2  1 
ATOM   608 N N    . LEU A 1 76  ? 0.982   -4.147  -4.954  1.00 34.34  ? 424 LEU A N    1 
ATOM   609 C CA   . LEU A 1 76  ? 0.683   -3.322  -6.137  1.00 34.35  ? 424 LEU A CA   1 
ATOM   610 C C    . LEU A 1 76  ? 0.991   -1.864  -5.799  1.00 37.33  ? 424 LEU A C    1 
ATOM   611 O O    . LEU A 1 76  ? 1.588   -1.168  -6.610  1.00 37.12  ? 424 LEU A O    1 
ATOM   612 C CB   . LEU A 1 76  ? -0.806  -3.484  -6.557  1.00 33.51  ? 424 LEU A CB   1 
ATOM   613 C CG   . LEU A 1 76  ? -1.309  -2.545  -7.683  1.00 39.14  ? 424 LEU A CG   1 
ATOM   614 C CD1  . LEU A 1 76  ? -0.556  -2.789  -8.996  1.00 39.07  ? 424 LEU A CD1  1 
ATOM   615 C CD2  . LEU A 1 76  ? -2.832  -2.681  -7.886  1.00 42.44  ? 424 LEU A CD2  1 
ATOM   616 N N    . MET A 1 77  ? 0.585   -1.405  -4.593  1.00 34.37  ? 425 MET A N    1 
ATOM   617 C CA   . MET A 1 77  ? 0.869   -0.056  -4.115  1.00 32.89  ? 425 MET A CA   1 
ATOM   618 C C    . MET A 1 77  ? 2.394   0.235   -4.119  1.00 38.80  ? 425 MET A C    1 
ATOM   619 O O    . MET A 1 77  ? 2.812   1.340   -4.512  1.00 38.41  ? 425 MET A O    1 
ATOM   620 C CB   . MET A 1 77  ? 0.267   0.118   -2.726  1.00 35.53  ? 425 MET A CB   1 
ATOM   621 C CG   . MET A 1 77  ? 0.541   1.496   -2.109  1.00 38.42  ? 425 MET A CG   1 
ATOM   622 S SD   . MET A 1 77  ? -0.167  1.614   -0.474  1.00 42.73  ? 425 MET A SD   1 
ATOM   623 C CE   . MET A 1 77  ? 0.921   0.526   0.466   1.00 39.01  ? 425 MET A CE   1 
ATOM   624 N N    . PHE A 1 78  ? 3.221   -0.757  -3.689  1.00 35.25  ? 426 PHE A N    1 
ATOM   625 C CA   . PHE A 1 78  ? 4.679   -0.591  -3.664  1.00 34.07  ? 426 PHE A CA   1 
ATOM   626 C C    . PHE A 1 78  ? 5.277   -0.726  -5.050  1.00 39.64  ? 426 PHE A C    1 
ATOM   627 O O    . PHE A 1 78  ? 6.141   0.065   -5.382  1.00 40.81  ? 426 PHE A O    1 
ATOM   628 C CB   . PHE A 1 78  ? 5.365   -1.549  -2.676  1.00 35.22  ? 426 PHE A CB   1 
ATOM   629 C CG   . PHE A 1 78  ? 4.996   -1.319  -1.231  1.00 36.98  ? 426 PHE A CG   1 
ATOM   630 C CD1  . PHE A 1 78  ? 5.030   -0.044  -0.682  1.00 40.02  ? 426 PHE A CD1  1 
ATOM   631 C CD2  . PHE A 1 78  ? 4.548   -2.365  -0.439  1.00 38.92  ? 426 PHE A CD2  1 
ATOM   632 C CE1  . PHE A 1 78  ? 4.616   0.181   0.630   1.00 40.36  ? 426 PHE A CE1  1 
ATOM   633 C CE2  . PHE A 1 78  ? 4.185   -2.146  0.890   1.00 41.94  ? 426 PHE A CE2  1 
ATOM   634 C CZ   . PHE A 1 78  ? 4.203   -0.873  1.408   1.00 40.05  ? 426 PHE A CZ   1 
ATOM   635 N N    . SER A 1 79  ? 4.841   -1.726  -5.853  1.00 36.08  ? 427 SER A N    1 
ATOM   636 C CA   . SER A 1 79  ? 5.326   -1.908  -7.219  1.00 36.21  ? 427 SER A CA   1 
ATOM   637 C C    . SER A 1 79  ? 5.002   -0.673  -8.102  1.00 39.78  ? 427 SER A C    1 
ATOM   638 O O    . SER A 1 79  ? 5.884   -0.247  -8.843  1.00 39.43  ? 427 SER A O    1 
ATOM   639 C CB   . SER A 1 79  ? 4.769   -3.184  -7.829  1.00 39.67  ? 427 SER A CB   1 
ATOM   640 O OG   . SER A 1 79  ? 5.302   -4.308  -7.147  1.00 49.19  ? 427 SER A OG   1 
ATOM   641 N N    . ASN A 1 80  ? 3.814   -0.030  -7.921  1.00 33.72  ? 428 ASN A N    1 
ATOM   642 C CA   . ASN A 1 80  ? 3.475   1.227   -8.629  1.00 33.87  ? 428 ASN A CA   1 
ATOM   643 C C    . ASN A 1 80  ? 4.511   2.298   -8.298  1.00 40.95  ? 428 ASN A C    1 
ATOM   644 O O    . ASN A 1 80  ? 4.925   3.061   -9.178  1.00 41.19  ? 428 ASN A O    1 
ATOM   645 C CB   . ASN A 1 80  ? 2.096   1.755   -8.187  1.00 30.82  ? 428 ASN A CB   1 
ATOM   646 C CG   . ASN A 1 80  ? 0.945   1.013   -8.792  1.00 40.88  ? 428 ASN A CG   1 
ATOM   647 O OD1  . ASN A 1 80  ? 1.108   0.208   -9.706  1.00 33.19  ? 428 ASN A OD1  1 
ATOM   648 N ND2  . ASN A 1 80  ? -0.242  1.237   -8.252  1.00 31.26  ? 428 ASN A ND2  1 
ATOM   649 N N    . CYS A 1 81  ? 4.920   2.359   -7.009  1.00 36.49  ? 429 CYS A N    1 
ATOM   650 C CA   . CYS A 1 81  ? 5.895   3.318   -6.553  1.00 35.70  ? 429 CYS A CA   1 
ATOM   651 C C    . CYS A 1 81  ? 7.264   3.017   -7.145  1.00 39.57  ? 429 CYS A C    1 
ATOM   652 O O    . CYS A 1 81  ? 7.955   3.949   -7.538  1.00 37.90  ? 429 CYS A O    1 
ATOM   653 C CB   . CYS A 1 81  ? 5.943   3.364   -5.027  1.00 35.38  ? 429 CYS A CB   1 
ATOM   654 S SG   . CYS A 1 81  ? 7.013   4.663   -4.361  1.00 38.29  ? 429 CYS A SG   1 
ATOM   655 N N    . TYR A 1 82  ? 7.680   1.729   -7.176  1.00 36.44  ? 430 TYR A N    1 
ATOM   656 C CA   . TYR A 1 82  ? 9.011   1.401   -7.720  1.00 36.12  ? 430 TYR A CA   1 
ATOM   657 C C    . TYR A 1 82  ? 9.072   1.581   -9.254  1.00 43.50  ? 430 TYR A C    1 
ATOM   658 O O    . TYR A 1 82  ? 10.136  1.880   -9.783  1.00 44.26  ? 430 TYR A O    1 
ATOM   659 C CB   . TYR A 1 82  ? 9.437   -0.019  -7.337  1.00 34.25  ? 430 TYR A CB   1 
ATOM   660 C CG   . TYR A 1 82  ? 9.396   -0.295  -5.848  1.00 33.59  ? 430 TYR A CG   1 
ATOM   661 C CD1  . TYR A 1 82  ? 9.871   0.645   -4.927  1.00 34.55  ? 430 TYR A CD1  1 
ATOM   662 C CD2  . TYR A 1 82  ? 8.970   -1.524  -5.362  1.00 34.10  ? 430 TYR A CD2  1 
ATOM   663 C CE1  . TYR A 1 82  ? 9.852   0.389   -3.559  1.00 34.21  ? 430 TYR A CE1  1 
ATOM   664 C CE2  . TYR A 1 82  ? 8.905   -1.775  -3.990  1.00 35.03  ? 430 TYR A CE2  1 
ATOM   665 C CZ   . TYR A 1 82  ? 9.359   -0.822  -3.095  1.00 43.04  ? 430 TYR A CZ   1 
ATOM   666 O OH   . TYR A 1 82  ? 9.339   -1.090  -1.754  1.00 43.79  ? 430 TYR A OH   1 
ATOM   667 N N    . LYS A 1 83  ? 7.947   1.365   -9.947  1.00 40.90  ? 431 LYS A N    1 
ATOM   668 C CA   . LYS A 1 83  ? 7.845   1.486   -11.406 1.00 41.23  ? 431 LYS A CA   1 
ATOM   669 C C    . LYS A 1 83  ? 7.880   2.931   -11.874 1.00 46.04  ? 431 LYS A C    1 
ATOM   670 O O    . LYS A 1 83  ? 8.554   3.229   -12.860 1.00 45.58  ? 431 LYS A O    1 
ATOM   671 C CB   . LYS A 1 83  ? 6.557   0.846   -11.922 1.00 43.46  ? 431 LYS A CB   1 
ATOM   672 C CG   . LYS A 1 83  ? 6.505   0.759   -13.460 1.00 52.46  ? 431 LYS A CG   1 
ATOM   673 C CD   . LYS A 1 83  ? 5.246   0.091   -13.973 1.00 59.98  ? 431 LYS A CD   1 
ATOM   674 C CE   . LYS A 1 83  ? 5.275   0.027   -15.482 1.00 74.63  ? 431 LYS A CE   1 
ATOM   675 N NZ   . LYS A 1 83  ? 4.005   -0.504  -16.042 1.00 89.87  ? 431 LYS A NZ   1 
ATOM   676 N N    . TYR A 1 84  ? 7.128   3.814   -11.195 1.00 42.98  ? 432 TYR A N    1 
ATOM   677 C CA   . TYR A 1 84  ? 6.965   5.192   -11.620 1.00 43.40  ? 432 TYR A CA   1 
ATOM   678 C C    . TYR A 1 84  ? 8.154   6.097   -11.351 1.00 50.28  ? 432 TYR A C    1 
ATOM   679 O O    . TYR A 1 84  ? 8.564   6.822   -12.248 1.00 49.30  ? 432 TYR A O    1 
ATOM   680 C CB   . TYR A 1 84  ? 5.684   5.810   -11.023 1.00 43.71  ? 432 TYR A CB   1 
ATOM   681 C CG   . TYR A 1 84  ? 5.534   7.273   -11.391 1.00 44.26  ? 432 TYR A CG   1 
ATOM   682 C CD1  . TYR A 1 84  ? 5.185   7.654   -12.686 1.00 46.17  ? 432 TYR A CD1  1 
ATOM   683 C CD2  . TYR A 1 84  ? 5.776   8.275   -10.455 1.00 43.47  ? 432 TYR A CD2  1 
ATOM   684 C CE1  . TYR A 1 84  ? 5.102   8.999   -13.046 1.00 46.63  ? 432 TYR A CE1  1 
ATOM   685 C CE2  . TYR A 1 84  ? 5.681   9.623   -10.801 1.00 43.91  ? 432 TYR A CE2  1 
ATOM   686 C CZ   . TYR A 1 84  ? 5.349   9.980   -12.100 1.00 50.39  ? 432 TYR A CZ   1 
ATOM   687 O OH   . TYR A 1 84  ? 5.250   11.302  -12.449 1.00 50.44  ? 432 TYR A OH   1 
ATOM   688 N N    . ASN A 1 85  ? 8.642   6.114   -10.095 1.00 48.07  ? 433 ASN A N    1 
ATOM   689 C CA   . ASN A 1 85  ? 9.662   7.021   -9.625  1.00 48.47  ? 433 ASN A CA   1 
ATOM   690 C C    . ASN A 1 85  ? 11.091  6.622   -9.940  1.00 54.78  ? 433 ASN A C    1 
ATOM   691 O O    . ASN A 1 85  ? 11.345  5.441   -10.169 1.00 53.66  ? 433 ASN A O    1 
ATOM   692 C CB   . ASN A 1 85  ? 9.514   7.218   -8.120  1.00 42.06  ? 433 ASN A CB   1 
ATOM   693 C CG   . ASN A 1 85  ? 8.148   7.630   -7.739  1.00 51.59  ? 433 ASN A CG   1 
ATOM   694 O OD1  . ASN A 1 85  ? 7.825   8.813   -7.741  1.00 43.45  ? 433 ASN A OD1  1 
ATOM   695 N ND2  . ASN A 1 85  ? 7.329   6.666   -7.323  1.00 38.57  ? 433 ASN A ND2  1 
ATOM   696 N N    . PRO A 1 86  ? 12.049  7.595   -9.941  1.00 53.30  ? 434 PRO A N    1 
ATOM   697 C CA   . PRO A 1 86  ? 13.468  7.212   -10.095 1.00 52.98  ? 434 PRO A CA   1 
ATOM   698 C C    . PRO A 1 86  ? 13.912  6.436   -8.847  1.00 56.00  ? 434 PRO A C    1 
ATOM   699 O O    . PRO A 1 86  ? 13.464  6.766   -7.745  1.00 54.87  ? 434 PRO A O    1 
ATOM   700 C CB   . PRO A 1 86  ? 14.221  8.558   -10.162 1.00 54.35  ? 434 PRO A CB   1 
ATOM   701 C CG   . PRO A 1 86  ? 13.187  9.619   -10.194 1.00 58.67  ? 434 PRO A CG   1 
ATOM   702 C CD   . PRO A 1 86  ? 11.906  9.043   -9.679  1.00 54.31  ? 434 PRO A CD   1 
ATOM   703 N N    . PRO A 1 87  ? 14.814  5.440   -8.971  1.00 53.21  ? 435 PRO A N    1 
ATOM   704 C CA   . PRO A 1 87  ? 15.263  4.683   -7.773  1.00 53.07  ? 435 PRO A CA   1 
ATOM   705 C C    . PRO A 1 87  ? 15.885  5.508   -6.640  1.00 57.86  ? 435 PRO A C    1 
ATOM   706 O O    . PRO A 1 87  ? 15.973  5.019   -5.514  1.00 57.40  ? 435 PRO A O    1 
ATOM   707 C CB   . PRO A 1 87  ? 16.303  3.707   -8.340  1.00 54.69  ? 435 PRO A CB   1 
ATOM   708 C CG   . PRO A 1 87  ? 16.693  4.274   -9.685  1.00 58.84  ? 435 PRO A CG   1 
ATOM   709 C CD   . PRO A 1 87  ? 15.437  4.909   -10.201 1.00 54.57  ? 435 PRO A CD   1 
ATOM   710 N N    . ASP A 1 88  ? 16.329  6.742   -6.935  1.00 54.31  ? 436 ASP A N    1 
ATOM   711 C CA   . ASP A 1 88  ? 16.960  7.637   -5.954  1.00 54.56  ? 436 ASP A CA   1 
ATOM   712 C C    . ASP A 1 88  ? 15.951  8.559   -5.277  1.00 56.34  ? 436 ASP A C    1 
ATOM   713 O O    . ASP A 1 88  ? 16.322  9.289   -4.356  1.00 55.41  ? 436 ASP A O    1 
ATOM   714 C CB   . ASP A 1 88  ? 18.073  8.466   -6.634  1.00 57.50  ? 436 ASP A CB   1 
ATOM   715 C CG   . ASP A 1 88  ? 17.673  9.039   -7.994  1.00 72.96  ? 436 ASP A CG   1 
ATOM   716 O OD1  . ASP A 1 88  ? 17.581  8.250   -8.974  1.00 71.81  ? 436 ASP A OD1  1 
ATOM   717 O OD2  . ASP A 1 88  ? 17.456  10.270  -8.080  1.00 82.21  ? 436 ASP A OD2  1 
ATOM   718 N N    . HIS A 1 89  ? 14.675  8.537   -5.736  1.00 50.91  ? 437 HIS A N    1 
ATOM   719 C CA   . HIS A 1 89  ? 13.615  9.389   -5.195  1.00 49.27  ? 437 HIS A CA   1 
ATOM   720 C C    . HIS A 1 89  ? 13.338  9.085   -3.738  1.00 52.04  ? 437 HIS A C    1 
ATOM   721 O O    . HIS A 1 89  ? 13.339  7.917   -3.348  1.00 52.69  ? 437 HIS A O    1 
ATOM   722 C CB   . HIS A 1 89  ? 12.336  9.231   -6.027  1.00 49.58  ? 437 HIS A CB   1 
ATOM   723 C CG   . HIS A 1 89  ? 11.351  10.346  -5.895  1.00 52.51  ? 437 HIS A CG   1 
ATOM   724 N ND1  . HIS A 1 89  ? 10.657  10.562  -4.716  1.00 54.48  ? 437 HIS A ND1  1 
ATOM   725 C CD2  . HIS A 1 89  ? 10.911  11.221  -6.826  1.00 54.04  ? 437 HIS A CD2  1 
ATOM   726 C CE1  . HIS A 1 89  ? 9.849   11.581  -4.957  1.00 53.85  ? 437 HIS A CE1  1 
ATOM   727 N NE2  . HIS A 1 89  ? 9.961   12.007  -6.213  1.00 54.02  ? 437 HIS A NE2  1 
ATOM   728 N N    . GLU A 1 90  ? 13.093  10.142  -2.939  1.00 46.05  ? 438 GLU A N    1 
ATOM   729 C CA   . GLU A 1 90  ? 12.760  10.091  -1.519  1.00 46.00  ? 438 GLU A CA   1 
ATOM   730 C C    . GLU A 1 90  ? 11.592  9.115   -1.209  1.00 49.05  ? 438 GLU A C    1 
ATOM   731 O O    . GLU A 1 90  ? 11.629  8.436   -0.188  1.00 49.57  ? 438 GLU A O    1 
ATOM   732 C CB   . GLU A 1 90  ? 12.386  11.506  -1.032  1.00 47.70  ? 438 GLU A CB   1 
ATOM   733 C CG   . GLU A 1 90  ? 12.392  11.670  0.480   1.00 58.98  ? 438 GLU A CG   1 
ATOM   734 C CD   . GLU A 1 90  ? 12.027  13.043  1.022   1.00 80.67  ? 438 GLU A CD   1 
ATOM   735 O OE1  . GLU A 1 90  ? 12.082  14.033  0.253   1.00 64.31  ? 438 GLU A OE1  1 
ATOM   736 O OE2  . GLU A 1 90  ? 11.701  13.129  2.230   1.00 75.82  ? 438 GLU A OE2  1 
ATOM   737 N N    . VAL A 1 91  ? 10.572  9.064   -2.085  1.00 43.54  ? 439 VAL A N    1 
ATOM   738 C CA   . VAL A 1 91  ? 9.371   8.242   -1.908  1.00 42.08  ? 439 VAL A CA   1 
ATOM   739 C C    . VAL A 1 91  ? 9.674   6.728   -2.018  1.00 44.31  ? 439 VAL A C    1 
ATOM   740 O O    . VAL A 1 91  ? 9.018   5.952   -1.321  1.00 43.30  ? 439 VAL A O    1 
ATOM   741 C CB   . VAL A 1 91  ? 8.205   8.703   -2.827  1.00 43.38  ? 439 VAL A CB   1 
ATOM   742 C CG1  . VAL A 1 91  ? 8.330   8.154   -4.238  1.00 42.47  ? 439 VAL A CG1  1 
ATOM   743 C CG2  . VAL A 1 91  ? 6.853   8.368   -2.204  1.00 42.50  ? 439 VAL A CG2  1 
ATOM   744 N N    . VAL A 1 92  ? 10.665  6.336   -2.861  1.00 39.48  ? 440 VAL A N    1 
ATOM   745 C CA   . VAL A 1 92  ? 11.139  4.953   -3.057  1.00 39.45  ? 440 VAL A CA   1 
ATOM   746 C C    . VAL A 1 92  ? 11.749  4.425   -1.731  1.00 42.40  ? 440 VAL A C    1 
ATOM   747 O O    . VAL A 1 92  ? 11.394  3.333   -1.276  1.00 40.83  ? 440 VAL A O    1 
ATOM   748 C CB   . VAL A 1 92  ? 12.102  4.844   -4.280  1.00 42.96  ? 440 VAL A CB   1 
ATOM   749 C CG1  . VAL A 1 92  ? 12.750  3.450   -4.385  1.00 42.01  ? 440 VAL A CG1  1 
ATOM   750 C CG2  . VAL A 1 92  ? 11.364  5.191   -5.568  1.00 42.81  ? 440 VAL A CG2  1 
ATOM   751 N N    . ALA A 1 93  ? 12.615  5.236   -1.091  1.00 39.21  ? 441 ALA A N    1 
ATOM   752 C CA   . ALA A 1 93  ? 13.206  4.930   0.218   1.00 39.29  ? 441 ALA A CA   1 
ATOM   753 C C    . ALA A 1 93  ? 12.097  4.815   1.285   1.00 44.39  ? 441 ALA A C    1 
ATOM   754 O O    . ALA A 1 93  ? 12.208  3.983   2.175   1.00 44.32  ? 441 ALA A O    1 
ATOM   755 C CB   . ALA A 1 93  ? 14.203  6.009   0.614   1.00 39.97  ? 441 ALA A CB   1 
ATOM   756 N N    . MET A 1 94  ? 11.018  5.621   1.180   1.00 40.48  ? 442 MET A N    1 
ATOM   757 C CA   . MET A 1 94  ? 9.890   5.526   2.116   1.00 40.36  ? 442 MET A CA   1 
ATOM   758 C C    . MET A 1 94  ? 9.080   4.246   1.896   1.00 41.64  ? 442 MET A C    1 
ATOM   759 O O    . MET A 1 94  ? 8.697   3.598   2.859   1.00 40.79  ? 442 MET A O    1 
ATOM   760 C CB   . MET A 1 94  ? 8.985   6.762   2.038   1.00 42.67  ? 442 MET A CB   1 
ATOM   761 C CG   . MET A 1 94  ? 9.650   8.010   2.583   1.00 45.75  ? 442 MET A CG   1 
ATOM   762 S SD   . MET A 1 94  ? 8.861   9.529   1.966   1.00 49.46  ? 442 MET A SD   1 
ATOM   763 C CE   . MET A 1 94  ? 7.906   9.962   3.371   1.00 45.22  ? 442 MET A CE   1 
ATOM   764 N N    . ALA A 1 95  ? 8.858   3.869   0.620   1.00 37.36  ? 443 ALA A N    1 
ATOM   765 C CA   . ALA A 1 95  ? 8.138   2.679   0.234   1.00 34.59  ? 443 ALA A CA   1 
ATOM   766 C C    . ALA A 1 95  ? 8.876   1.436   0.748   1.00 38.29  ? 443 ALA A C    1 
ATOM   767 O O    . ALA A 1 95  ? 8.235   0.520   1.254   1.00 36.25  ? 443 ALA A O    1 
ATOM   768 C CB   . ALA A 1 95  ? 7.975   2.638   -1.273  1.00 34.62  ? 443 ALA A CB   1 
ATOM   769 N N    . ARG A 1 96  ? 10.213  1.409   0.641   1.00 36.70  ? 444 ARG A N    1 
ATOM   770 C CA   . ARG A 1 96  ? 11.027  0.288   1.145   1.00 37.22  ? 444 ARG A CA   1 
ATOM   771 C C    . ARG A 1 96  ? 10.874  0.142   2.663   1.00 38.86  ? 444 ARG A C    1 
ATOM   772 O O    . ARG A 1 96  ? 10.688  -0.970  3.123   1.00 38.90  ? 444 ARG A O    1 
ATOM   773 C CB   . ARG A 1 96  ? 12.514  0.447   0.790   1.00 36.14  ? 444 ARG A CB   1 
ATOM   774 C CG   . ARG A 1 96  ? 12.839  0.111   -0.652  1.00 47.47  ? 444 ARG A CG   1 
ATOM   775 C CD   . ARG A 1 96  ? 14.285  0.474   -0.904  1.00 56.57  ? 444 ARG A CD   1 
ATOM   776 N NE   . ARG A 1 96  ? 14.689  0.159   -2.271  1.00 69.99  ? 444 ARG A NE   1 
ATOM   777 C CZ   . ARG A 1 96  ? 15.326  1.002   -3.073  1.00 81.55  ? 444 ARG A CZ   1 
ATOM   778 N NH1  . ARG A 1 96  ? 15.631  2.228   -2.656  1.00 68.66  ? 444 ARG A NH1  1 
ATOM   779 N NH2  . ARG A 1 96  ? 15.659  0.632   -4.300  1.00 68.83  ? 444 ARG A NH2  1 
ATOM   780 N N    . LYS A 1 97  ? 10.857  1.262   3.424   1.00 35.07  ? 445 LYS A N    1 
ATOM   781 C CA   . LYS A 1 97  ? 10.635  1.222   4.879   1.00 33.97  ? 445 LYS A CA   1 
ATOM   782 C C    . LYS A 1 97  ? 9.258   0.683   5.212   1.00 35.55  ? 445 LYS A C    1 
ATOM   783 O O    . LYS A 1 97  ? 9.138   -0.112  6.120   1.00 35.77  ? 445 LYS A O    1 
ATOM   784 C CB   . LYS A 1 97  ? 10.831  2.594   5.536   1.00 35.59  ? 445 LYS A CB   1 
ATOM   785 C CG   . LYS A 1 97  ? 12.283  2.967   5.755   1.00 51.17  ? 445 LYS A CG   1 
ATOM   786 C CD   . LYS A 1 97  ? 12.380  4.360   6.338   1.00 51.02  ? 445 LYS A CD   1 
ATOM   787 C CE   . LYS A 1 97  ? 13.642  5.060   5.925   1.00 60.36  ? 445 LYS A CE   1 
ATOM   788 N NZ   . LYS A 1 97  ? 13.820  6.327   6.673   1.00 70.09  ? 445 LYS A NZ   1 
ATOM   789 N N    . LEU A 1 98  ? 8.215   1.134   4.520   1.00 32.65  ? 446 LEU A N    1 
ATOM   790 C CA   . LEU A 1 98  ? 6.852   0.647   4.791   1.00 32.36  ? 446 LEU A CA   1 
ATOM   791 C C    . LEU A 1 98  ? 6.681   -0.802  4.321   1.00 37.97  ? 446 LEU A C    1 
ATOM   792 O O    . LEU A 1 98  ? 6.017   -1.575  4.991   1.00 38.84  ? 446 LEU A O    1 
ATOM   793 C CB   . LEU A 1 98  ? 5.796   1.549   4.144   1.00 31.90  ? 446 LEU A CB   1 
ATOM   794 C CG   . LEU A 1 98  ? 4.343   1.211   4.494   1.00 36.16  ? 446 LEU A CG   1 
ATOM   795 C CD1  . LEU A 1 98  ? 4.090   1.387   6.006   1.00 38.45  ? 446 LEU A CD1  1 
ATOM   796 C CD2  . LEU A 1 98  ? 3.381   2.050   3.671   1.00 37.27  ? 446 LEU A CD2  1 
ATOM   797 N N    . GLN A 1 99  ? 7.324   -1.190  3.218   1.00 33.26  ? 447 GLN A N    1 
ATOM   798 C CA   . GLN A 1 99  ? 7.222   -2.570  2.756   1.00 31.50  ? 447 GLN A CA   1 
ATOM   799 C C    . GLN A 1 99  ? 7.851   -3.542  3.758   1.00 38.22  ? 447 GLN A C    1 
ATOM   800 O O    . GLN A 1 99  ? 7.361   -4.669  3.870   1.00 37.02  ? 447 GLN A O    1 
ATOM   801 C CB   . GLN A 1 99  ? 7.788   -2.777  1.335   1.00 30.61  ? 447 GLN A CB   1 
ATOM   802 C CG   . GLN A 1 99  ? 7.486   -4.217  0.777   1.00 33.19  ? 447 GLN A CG   1 
ATOM   803 C CD   . GLN A 1 99  ? 7.562   -4.354  -0.736  1.00 52.83  ? 447 GLN A CD   1 
ATOM   804 O OE1  . GLN A 1 99  ? 8.047   -3.474  -1.440  1.00 41.19  ? 447 GLN A OE1  1 
ATOM   805 N NE2  . GLN A 1 99  ? 7.071   -5.461  -1.282  1.00 51.77  ? 447 GLN A NE2  1 
ATOM   806 N N    . ASP A 1 100 ? 8.936   -3.126  4.450   1.00 37.77  ? 448 ASP A N    1 
ATOM   807 C CA   . ASP A 1 100 ? 9.610   -3.971  5.453   1.00 39.22  ? 448 ASP A CA   1 
ATOM   808 C C    . ASP A 1 100 ? 8.634   -4.236  6.580   1.00 42.49  ? 448 ASP A C    1 
ATOM   809 O O    . ASP A 1 100 ? 8.546   -5.357  7.029   1.00 42.51  ? 448 ASP A O    1 
ATOM   810 C CB   . ASP A 1 100 ? 10.894  -3.324  6.024   1.00 41.99  ? 448 ASP A CB   1 
ATOM   811 C CG   . ASP A 1 100 ? 12.043  -3.089  5.053   1.00 62.84  ? 448 ASP A CG   1 
ATOM   812 O OD1  . ASP A 1 100 ? 12.177  -3.877  4.079   1.00 64.51  ? 448 ASP A OD1  1 
ATOM   813 O OD2  . ASP A 1 100 ? 12.838  -2.135  5.290   1.00 72.94  ? 448 ASP A OD2  1 
ATOM   814 N N    . VAL A 1 101 ? 7.886   -3.208  7.013   1.00 38.64  ? 449 VAL A N    1 
ATOM   815 C CA   . VAL A 1 101 ? 6.847   -3.327  8.032   1.00 38.50  ? 449 VAL A CA   1 
ATOM   816 C C    . VAL A 1 101 ? 5.832   -4.351  7.545   1.00 39.51  ? 449 VAL A C    1 
ATOM   817 O O    . VAL A 1 101 ? 5.565   -5.324  8.248   1.00 39.83  ? 449 VAL A O    1 
ATOM   818 C CB   . VAL A 1 101 ? 6.202   -1.936  8.336   1.00 44.31  ? 449 VAL A CB   1 
ATOM   819 C CG1  . VAL A 1 101 ? 4.946   -2.058  9.211   1.00 44.36  ? 449 VAL A CG1  1 
ATOM   820 C CG2  . VAL A 1 101 ? 7.227   -0.990  8.972   1.00 43.82  ? 449 VAL A CG2  1 
ATOM   821 N N    . PHE A 1 102 ? 5.318   -4.172  6.315   1.00 33.32  ? 450 PHE A N    1 
ATOM   822 C CA   . PHE A 1 102 ? 4.348   -5.092  5.748   1.00 32.07  ? 450 PHE A CA   1 
ATOM   823 C C    . PHE A 1 102 ? 4.839   -6.548  5.647   1.00 35.79  ? 450 PHE A C    1 
ATOM   824 O O    . PHE A 1 102 ? 4.133   -7.445  6.092   1.00 34.39  ? 450 PHE A O    1 
ATOM   825 C CB   . PHE A 1 102 ? 3.843   -4.597  4.380   1.00 32.25  ? 450 PHE A CB   1 
ATOM   826 C CG   . PHE A 1 102 ? 3.011   -5.633  3.669   1.00 33.14  ? 450 PHE A CG   1 
ATOM   827 C CD1  . PHE A 1 102 ? 1.692   -5.885  4.063   1.00 35.04  ? 450 PHE A CD1  1 
ATOM   828 C CD2  . PHE A 1 102 ? 3.537   -6.367  2.609   1.00 34.26  ? 450 PHE A CD2  1 
ATOM   829 C CE1  . PHE A 1 102 ? 0.922   -6.841  3.408   1.00 35.63  ? 450 PHE A CE1  1 
ATOM   830 C CE2  . PHE A 1 102 ? 2.768   -7.341  1.965   1.00 37.06  ? 450 PHE A CE2  1 
ATOM   831 C CZ   . PHE A 1 102 ? 1.461   -7.564  2.354   1.00 34.50  ? 450 PHE A CZ   1 
ATOM   832 N N    . GLU A 1 103 ? 6.002   -6.773  4.994   1.00 32.51  ? 451 GLU A N    1 
ATOM   833 C CA   . GLU A 1 103 ? 6.540   -8.105  4.728   1.00 33.50  ? 451 GLU A CA   1 
ATOM   834 C C    . GLU A 1 103 ? 6.744   -8.928  6.004   1.00 39.80  ? 451 GLU A C    1 
ATOM   835 O O    . GLU A 1 103 ? 6.382   -10.109 6.034   1.00 38.56  ? 451 GLU A O    1 
ATOM   836 C CB   . GLU A 1 103 ? 7.828   -8.050  3.874   1.00 34.38  ? 451 GLU A CB   1 
ATOM   837 C CG   . GLU A 1 103 ? 7.655   -7.549  2.434   1.00 42.53  ? 451 GLU A CG   1 
ATOM   838 C CD   . GLU A 1 103 ? 6.762   -8.310  1.461   1.00 64.56  ? 451 GLU A CD   1 
ATOM   839 O OE1  . GLU A 1 103 ? 6.522   -9.521  1.682   1.00 51.49  ? 451 GLU A OE1  1 
ATOM   840 O OE2  . GLU A 1 103 ? 6.337   -7.701  0.447   1.00 48.11  ? 451 GLU A OE2  1 
ATOM   841 N N    . MET A 1 104 ? 7.302   -8.302  7.042   1.00 39.12  ? 452 MET A N    1 
ATOM   842 C CA   . MET A 1 104 ? 7.554   -8.951  8.316   1.00 41.76  ? 452 MET A CA   1 
ATOM   843 C C    . MET A 1 104 ? 6.229   -9.370  8.959   1.00 44.06  ? 452 MET A C    1 
ATOM   844 O O    . MET A 1 104 ? 6.091   -10.523 9.350   1.00 45.23  ? 452 MET A O    1 
ATOM   845 C CB   . MET A 1 104 ? 8.379   -8.030  9.227   1.00 45.96  ? 452 MET A CB   1 
ATOM   846 C CG   . MET A 1 104 ? 9.843   -7.868  8.759   1.00 53.25  ? 452 MET A CG   1 
ATOM   847 S SD   . MET A 1 104 ? 10.888  -9.353  8.961   1.00 60.65  ? 452 MET A SD   1 
ATOM   848 C CE   . MET A 1 104 ? 10.516  -9.790  10.646  1.00 57.02  ? 452 MET A CE   1 
ATOM   849 N N    . ARG A 1 105 ? 5.220   -8.483  8.960   1.00 39.33  ? 453 ARG A N    1 
ATOM   850 C CA   . ARG A 1 105 ? 3.912   -8.826  9.528   1.00 38.66  ? 453 ARG A CA   1 
ATOM   851 C C    . ARG A 1 105 ? 3.164   -9.878  8.710   1.00 39.61  ? 453 ARG A C    1 
ATOM   852 O O    . ARG A 1 105 ? 2.720   -10.885 9.267   1.00 39.22  ? 453 ARG A O    1 
ATOM   853 C CB   . ARG A 1 105 ? 3.059   -7.571  9.761   1.00 39.40  ? 453 ARG A CB   1 
ATOM   854 C CG   . ARG A 1 105 ? 3.577   -6.650  10.855  1.00 53.01  ? 453 ARG A CG   1 
ATOM   855 C CD   . ARG A 1 105 ? 3.615   -7.304  12.225  1.00 66.37  ? 453 ARG A CD   1 
ATOM   856 N NE   . ARG A 1 105 ? 3.802   -6.324  13.294  1.00 78.46  ? 453 ARG A NE   1 
ATOM   857 C CZ   . ARG A 1 105 ? 4.062   -6.635  14.560  1.00 91.77  ? 453 ARG A CZ   1 
ATOM   858 N NH1  . ARG A 1 105 ? 4.192   -7.906  14.926  1.00 79.80  ? 453 ARG A NH1  1 
ATOM   859 N NH2  . ARG A 1 105 ? 4.203   -5.677  15.471  1.00 69.38  ? 453 ARG A NH2  1 
ATOM   860 N N    . PHE A 1 106 ? 3.119   -9.704  7.378   1.00 34.82  ? 454 PHE A N    1 
ATOM   861 C CA   . PHE A 1 106 ? 2.438   -10.621 6.465   1.00 35.44  ? 454 PHE A CA   1 
ATOM   862 C C    . PHE A 1 106 ? 3.003   -12.036 6.491   1.00 39.84  ? 454 PHE A C    1 
ATOM   863 O O    . PHE A 1 106 ? 2.261   -13.004 6.255   1.00 38.37  ? 454 PHE A O    1 
ATOM   864 C CB   . PHE A 1 106 ? 2.481   -10.066 5.033   1.00 36.47  ? 454 PHE A CB   1 
ATOM   865 C CG   . PHE A 1 106 ? 1.539   -10.722 4.053   1.00 36.94  ? 454 PHE A CG   1 
ATOM   866 C CD1  . PHE A 1 106 ? 0.165   -10.520 4.143   1.00 38.56  ? 454 PHE A CD1  1 
ATOM   867 C CD2  . PHE A 1 106 ? 2.027   -11.419 2.960   1.00 38.11  ? 454 PHE A CD2  1 
ATOM   868 C CE1  . PHE A 1 106 ? -0.703  -11.076 3.194   1.00 39.82  ? 454 PHE A CE1  1 
ATOM   869 C CE2  . PHE A 1 106 ? 1.157   -11.964 2.009   1.00 40.51  ? 454 PHE A CE2  1 
ATOM   870 C CZ   . PHE A 1 106 ? -0.202  -11.812 2.147   1.00 38.53  ? 454 PHE A CZ   1 
ATOM   871 N N    . ALA A 1 107 ? 4.324   -12.144 6.701   1.00 38.15  ? 455 ALA A N    1 
ATOM   872 C CA   . ALA A 1 107 ? 5.041   -13.421 6.728   1.00 39.94  ? 455 ALA A CA   1 
ATOM   873 C C    . ALA A 1 107 ? 4.763   -14.201 8.012   1.00 48.34  ? 455 ALA A C    1 
ATOM   874 O O    . ALA A 1 107 ? 4.747   -15.420 7.990   1.00 47.96  ? 455 ALA A O    1 
ATOM   875 C CB   . ALA A 1 107 ? 6.540   -13.177 6.598   1.00 40.60  ? 455 ALA A CB   1 
ATOM   876 N N    . LYS A 1 108 ? 4.569   -13.505 9.121   1.00 50.01  ? 456 LYS A N    1 
ATOM   877 C CA   . LYS A 1 108 ? 4.382   -14.152 10.419  1.00 52.41  ? 456 LYS A CA   1 
ATOM   878 C C    . LYS A 1 108 ? 2.930   -14.512 10.710  1.00 62.19  ? 456 LYS A C    1 
ATOM   879 O O    . LYS A 1 108 ? 2.688   -15.333 11.591  1.00 65.60  ? 456 LYS A O    1 
ATOM   880 C CB   . LYS A 1 108 ? 5.015   -13.323 11.545  1.00 54.12  ? 456 LYS A CB   1 
ATOM   881 C CG   . LYS A 1 108 ? 6.543   -13.362 11.477  1.00 64.12  ? 456 LYS A CG   1 
ATOM   882 C CD   . LYS A 1 108 ? 7.208   -12.553 12.557  1.00 71.47  ? 456 LYS A CD   1 
ATOM   883 C CE   . LYS A 1 108 ? 8.711   -12.486 12.398  1.00 77.40  ? 456 LYS A CE   1 
ATOM   884 N NZ   . LYS A 1 108 ? 9.403   -13.716 12.869  1.00 83.96  ? 456 LYS A NZ   1 
ATOM   885 N N    . MET A 1 109 ? 1.974   -14.000 9.924   1.00 59.71  ? 457 MET A N    1 
ATOM   886 C CA   . MET A 1 109 ? 0.565   -14.364 10.104  1.00 79.50  ? 457 MET A CA   1 
ATOM   887 C C    . MET A 1 109 ? 0.295   -15.770 9.558   1.00 119.34 ? 457 MET A C    1 
ATOM   888 O O    . MET A 1 109 ? 1.078   -16.279 8.756   1.00 87.63  ? 457 MET A O    1 
ATOM   889 C CB   . MET A 1 109 ? -0.380  -13.322 9.479   1.00 81.59  ? 457 MET A CB   1 
ATOM   890 C CG   . MET A 1 109 ? -0.450  -13.372 7.966   1.00 84.94  ? 457 MET A CG   1 
ATOM   891 S SD   . MET A 1 109 ? -1.844  -12.444 7.297   1.00 88.86  ? 457 MET A SD   1 
ATOM   892 C CE   . MET A 1 109 ? -3.088  -13.654 7.413   1.00 85.52  ? 457 MET A CE   1 
HETATM 893 C C4   . 8O1 B 2 .   ? 1.699   11.613  -2.864  1.00 55.03  ? 501 8O1 A C4   1 
HETATM 894 C C5   . 8O1 B 2 .   ? 5.924   11.462  -6.310  1.00 41.34  ? 501 8O1 A C5   1 
HETATM 895 C C6   . 8O1 B 2 .   ? 4.518   10.652  -4.788  1.00 43.38  ? 501 8O1 A C6   1 
HETATM 896 C C7   . 8O1 B 2 .   ? 3.078   11.473  -2.850  1.00 51.46  ? 501 8O1 A C7   1 
HETATM 897 C C8   . 8O1 B 2 .   ? 3.850   12.312  -2.048  1.00 53.94  ? 501 8O1 A C8   1 
HETATM 898 C C10  . 8O1 B 2 .   ? 4.941   9.594   -5.560  1.00 41.17  ? 501 8O1 A C10  1 
HETATM 899 C C13  . 8O1 B 2 .   ? 4.529   8.217   -5.389  1.00 38.77  ? 501 8O1 A C13  1 
HETATM 900 C C15  . 8O1 B 2 .   ? 8.208   11.719  -0.686  1.00 59.53  ? 501 8O1 A C15  1 
HETATM 901 C C17  . 8O1 B 2 .   ? -1.125  11.049  0.019   1.00 62.13  ? 501 8O1 A C17  1 
HETATM 902 C C20  . 8O1 B 2 .   ? -1.287  11.203  -1.484  1.00 64.41  ? 501 8O1 A C20  1 
HETATM 903 C C1   . 8O1 B 2 .   ? 3.208   13.280  -1.294  1.00 56.81  ? 501 8O1 A C1   1 
HETATM 904 C C2   . 8O1 B 2 .   ? 1.841   13.427  -1.310  1.00 60.26  ? 501 8O1 A C2   1 
HETATM 905 C C3   . 8O1 B 2 .   ? 5.141   11.836  -5.250  1.00 41.25  ? 501 8O1 A C3   1 
HETATM 906 C C9   . 8O1 B 2 .   ? 1.089   12.578  -2.086  1.00 60.37  ? 501 8O1 A C9   1 
HETATM 907 C C11  . 8O1 B 2 .   ? 3.257   9.141   -3.543  1.00 40.74  ? 501 8O1 A C11  1 
HETATM 908 C C12  . 8O1 B 2 .   ? 3.621   10.417  -3.722  1.00 45.62  ? 501 8O1 A C12  1 
HETATM 909 C C14  . 8O1 B 2 .   ? 8.461   13.135  -0.288  1.00 60.36  ? 501 8O1 A C14  1 
HETATM 910 C C16  . 8O1 B 2 .   ? 7.504   12.831  -1.401  1.00 58.08  ? 501 8O1 A C16  1 
HETATM 911 C C18  . 8O1 B 2 .   ? 3.203   6.752   -3.969  1.00 41.54  ? 501 8O1 A C18  1 
HETATM 912 C C19  . 8O1 B 2 .   ? 6.062   13.065  -1.145  1.00 55.09  ? 501 8O1 A C19  1 
HETATM 913 N N21  . 8O1 B 2 .   ? 5.788   10.112  -6.498  1.00 41.63  ? 501 8O1 A N21  1 
HETATM 914 N N22  . 8O1 B 2 .   ? 3.680   8.077   -4.319  1.00 39.00  ? 501 8O1 A N22  1 
HETATM 915 N N23  . 8O1 B 2 .   ? 5.261   12.199  -1.989  1.00 54.45  ? 501 8O1 A N23  1 
HETATM 916 O O24  . 8O1 B 2 .   ? 4.890   7.292   -6.115  1.00 35.32  ? 501 8O1 A O24  1 
HETATM 917 O O25  . 8O1 B 2 .   ? -1.056  13.769  -1.121  1.00 64.37  ? 501 8O1 A O25  1 
HETATM 918 O O26  . 8O1 B 2 .   ? -1.025  12.908  -3.510  1.00 62.57  ? 501 8O1 A O26  1 
HETATM 919 S S27  . 8O1 B 2 .   ? -0.687  12.770  -2.103  1.00 63.97  ? 501 8O1 A S27  1 
HETATM 920 H H4   . 8O1 B 2 .   ? 1.091   10.962  -3.483  1.00 54.86  ? 501 8O1 A H4   1 
HETATM 921 H H5   . 8O1 B 2 .   ? 6.553   12.045  -6.963  1.00 41.53  ? 501 8O1 A H5   1 
HETATM 922 H H152 . 8O1 B 2 .   ? 7.602   11.105  -0.035  1.00 59.84  ? 501 8O1 A H152 1 
HETATM 923 H H151 . 8O1 B 2 .   ? 9.007   11.203  -1.198  1.00 59.54  ? 501 8O1 A H151 1 
HETATM 924 H H173 . 8O1 B 2 .   ? -1.486  10.070  0.340   1.00 61.60  ? 501 8O1 A H173 1 
HETATM 925 H H172 . 8O1 B 2 .   ? -1.693  11.815  0.555   1.00 61.87  ? 501 8O1 A H172 1 
HETATM 926 H H171 . 8O1 B 2 .   ? -0.074  11.138  0.299   1.00 62.61  ? 501 8O1 A H171 1 
HETATM 927 H H1   . 8O1 B 2 .   ? 3.763   13.953  -0.660  1.00 56.79  ? 501 8O1 A H1   1 
HETATM 928 H H2   . 8O1 B 2 .   ? 1.377   14.191  -0.699  1.00 60.70  ? 501 8O1 A H2   1 
HETATM 929 H H3   . 8O1 B 2 .   ? 5.026   12.834  -4.859  1.00 41.83  ? 501 8O1 A H3   1 
HETATM 930 H H11  . 8O1 B 2 .   ? 2.570   8.882   -2.753  1.00 40.66  ? 501 8O1 A H11  1 
HETATM 931 H H142 . 8O1 B 2 .   ? 9.418   13.567  -0.551  1.00 61.03  ? 501 8O1 A H142 1 
HETATM 932 H H141 . 8O1 B 2 .   ? 8.051   13.471  0.657   1.00 60.82  ? 501 8O1 A H141 1 
HETATM 933 H H16  . 8O1 B 2 .   ? 7.797   13.054  -2.417  1.00 57.80  ? 501 8O1 A H16  1 
HETATM 934 H H183 . 8O1 B 2 .   ? 3.865   5.978   -4.361  1.00 41.80  ? 501 8O1 A H183 1 
HETATM 935 H H181 . 8O1 B 2 .   ? 2.197   6.604   -4.358  1.00 42.14  ? 501 8O1 A H181 1 
HETATM 936 H H182 . 8O1 B 2 .   ? 3.188   6.676   -2.879  1.00 42.01  ? 501 8O1 A H182 1 
HETATM 937 H H191 . 8O1 B 2 .   ? 5.847   14.112  -1.369  1.00 55.29  ? 501 8O1 A H191 1 
HETATM 938 H H192 . 8O1 B 2 .   ? 5.829   12.869  -0.096  1.00 54.37  ? 501 8O1 A H192 1 
HETATM 939 H H21  . 8O1 B 2 .   ? 6.247   9.582   -7.225  1.00 40.72  ? 501 8O1 A H21  1 
HETATM 940 H H23  . 8O1 B 2 .   ? 5.731   11.473  -2.520  1.00 54.86  ? 501 8O1 A H23  1 
HETATM 941 H H201 . 8O1 B 2 .   ? -2.345  11.149  -1.746  1.00 64.83  ? 501 8O1 A H201 1 
HETATM 942 H H202 . 8O1 B 2 .   ? -0.750  10.411  -2.012  1.00 64.14  ? 501 8O1 A H202 1 
HETATM 943 O O    . HOH C 3 .   ? -3.623  8.034   -7.923  1.00 80.00  ? 601 HOH A O    1 
HETATM 944 O O    . HOH C 3 .   ? -0.341  -12.103 -2.318  1.00 48.50  ? 602 HOH A O    1 
HETATM 945 O O    . HOH C 3 .   ? 6.082   -11.389 3.750   1.00 40.10  ? 603 HOH A O    1 
HETATM 946 O O    . HOH C 3 .   ? 3.044   5.455   -6.826  1.00 43.43  ? 604 HOH A O    1 
HETATM 947 O O    . HOH C 3 .   ? 1.620   5.341   9.497   1.00 44.69  ? 605 HOH A O    1 
HETATM 948 O O    . HOH C 3 .   ? -5.019  4.688   -5.490  1.00 46.95  ? 606 HOH A O    1 
HETATM 949 O O    . HOH C 3 .   ? -0.505  3.913   -6.936  1.00 41.46  ? 607 HOH A O    1 
HETATM 950 O O    . HOH C 3 .   ? 7.955   -11.292 0.257   1.00 36.69  ? 608 HOH A O    1 
HETATM 951 O O    . HOH C 3 .   ? -0.732  11.739  3.628   1.00 57.82  ? 609 HOH A O    1 
HETATM 952 O O    . HOH C 3 .   ? 15.446  5.692   -2.960  1.00 53.25  ? 610 HOH A O    1 
HETATM 953 O O    . HOH C 3 .   ? 9.430   4.805   13.743  1.00 58.23  ? 611 HOH A O    1 
HETATM 954 O O    . HOH C 3 .   ? 14.623  2.881   2.709   1.00 48.00  ? 612 HOH A O    1 
HETATM 955 O O    . HOH C 3 .   ? -12.563 -8.115  4.911   1.00 54.43  ? 613 HOH A O    1 
HETATM 956 O O    . HOH C 3 .   ? -0.536  7.288   -2.619  1.00 42.31  ? 614 HOH A O    1 
HETATM 957 O O    . HOH C 3 .   ? -7.244  1.044   -9.028  1.00 72.11  ? 615 HOH A O    1 
HETATM 958 O O    . HOH C 3 .   ? -12.284 -8.885  2.091   1.00 58.52  ? 616 HOH A O    1 
HETATM 959 O O    . HOH C 3 .   ? -1.360  10.733  -17.335 1.00 70.16  ? 617 HOH A O    1 
HETATM 960 O O    . HOH C 3 .   ? 8.536   12.509  6.187   1.00 61.22  ? 618 HOH A O    1 
HETATM 961 O O    . HOH C 3 .   ? 1.717   3.840   -4.991  1.00 38.79  ? 619 HOH A O    1 
HETATM 962 O O    . HOH C 3 .   ? -2.504  -3.339  14.503  1.00 57.65  ? 620 HOH A O    1 
HETATM 963 O O    . HOH C 3 .   ? 13.430  12.760  -3.870  1.00 55.76  ? 621 HOH A O    1 
HETATM 964 O O    . HOH C 3 .   ? -1.081  -15.811 3.939   1.00 69.98  ? 622 HOH A O    1 
HETATM 965 O O    . HOH C 3 .   ? 1.420   -10.734 -3.901  1.00 46.51  ? 623 HOH A O    1 
HETATM 966 O O    . HOH C 3 .   ? -0.081  -0.380  -12.200 1.00 41.69  ? 624 HOH A O    1 
HETATM 967 O O    . HOH C 3 .   ? 11.215  -6.257  2.874   1.00 54.90  ? 625 HOH A O    1 
HETATM 968 O O    . HOH C 3 .   ? 3.600   -6.547  -7.617  1.00 58.97  ? 626 HOH A O    1 
HETATM 969 O O    . HOH C 3 .   ? -1.527  11.354  -15.088 1.00 80.00  ? 627 HOH A O    1 
HETATM 970 O O    . HOH C 3 .   ? 0.662   -7.391  -6.922  1.00 56.16  ? 628 HOH A O    1 
HETATM 971 O O    . HOH C 3 .   ? -12.680 -11.012 -4.390  1.00 70.66  ? 629 HOH A O    1 
HETATM 972 O O    . HOH C 3 .   ? -5.384  12.431  -2.967  1.00 60.50  ? 630 HOH A O    1 
HETATM 973 O O    . HOH C 3 .   ? 7.265   7.738   12.157  1.00 53.92  ? 631 HOH A O    1 
HETATM 974 O O    . HOH C 3 .   ? -10.757 4.397   3.383   1.00 50.89  ? 632 HOH A O    1 
HETATM 975 O O    . HOH C 3 .   ? -6.992  1.101   10.071  1.00 60.27  ? 633 HOH A O    1 
HETATM 976 O O    . HOH C 3 .   ? 1.062   0.063   -14.583 1.00 54.61  ? 634 HOH A O    1 
HETATM 977 O O    . HOH C 3 .   ? 9.257   13.719  3.842   1.00 74.33  ? 635 HOH A O    1 
HETATM 978 O O    . HOH C 3 .   ? -2.599  5.845   -6.235  1.00 53.44  ? 636 HOH A O    1 
HETATM 979 O O    . HOH C 3 .   ? 11.777  8.492   7.428   1.00 63.91  ? 637 HOH A O    1 
HETATM 980 O O    . HOH C 3 .   ? 1.727   3.958   16.804  1.00 52.09  ? 638 HOH A O    1 
HETATM 981 O O    . HOH C 3 .   ? -1.157  8.538   11.463  1.00 66.55  ? 639 HOH A O    1 
HETATM 982 O O    . HOH C 3 .   ? -4.597  5.064   -15.401 1.00 73.25  ? 640 HOH A O    1 
HETATM 983 O O    . HOH C 3 .   ? -4.360  -16.695 1.530   1.00 68.00  ? 641 HOH A O    1 
HETATM 984 O O    . HOH C 3 .   ? 12.739  -2.048  -3.688  1.00 50.50  ? 642 HOH A O    1 
HETATM 985 O O    . HOH C 3 .   ? -6.110  11.564  -8.915  1.00 62.88  ? 643 HOH A O    1 
HETATM 986 O O    . HOH C 3 .   ? -1.100  4.945   16.491  1.00 60.47  ? 644 HOH A O    1 
HETATM 987 O O    . HOH C 3 .   ? 1.993   1.318   -18.751 1.00 79.79  ? 645 HOH A O    1 
HETATM 988 O O    . HOH C 3 .   ? 16.752  2.660   0.586   1.00 66.32  ? 646 HOH A O    1 
HETATM 989 O O    . HOH C 3 .   ? -2.486  18.615  -6.064  1.00 68.80  ? 647 HOH A O    1 
HETATM 990 O O    . HOH C 3 .   ? -3.605  8.353   10.181  1.00 74.39  ? 648 HOH A O    1 
HETATM 991 O O    . HOH C 3 .   ? -6.370  -1.440  -9.603  1.00 85.55  ? 649 HOH A O    1 
HETATM 992 O O    . HOH C 3 .   ? -10.199 5.831   -0.849  1.00 69.73  ? 650 HOH A O    1 
HETATM 993 O O    . HOH C 3 .   ? 3.221   12.312  8.843   1.00 60.31  ? 651 HOH A O    1 
HETATM 994 O O    . HOH C 3 .   ? 1.864   14.744  -5.369  1.00 65.91  ? 652 HOH A O    1 
HETATM 995 O O    . HOH C 3 .   ? 4.128   15.354  6.613   1.00 67.10  ? 653 HOH A O    1 
HETATM 996 O O    . HOH C 3 .   ? -5.153  -4.289  15.911  1.00 56.62  ? 654 HOH A O    1 
HETATM 997 O O    . HOH C 3 .   ? -19.425 -1.861  -0.877  1.00 62.34  ? 655 HOH A O    1 
HETATM 998 O O    . HOH C 3 .   ? 0.676   16.577  2.455   1.00 76.95  ? 656 HOH A O    1 
# 
